data_2IFA
#
_entry.id   2IFA
#
_cell.length_a   109.435
_cell.length_b   60.871
_cell.length_c   109.155
_cell.angle_alpha   90.00
_cell.angle_beta   117.83
_cell.angle_gamma   90.00
#
_symmetry.space_group_name_H-M   'P 1 21 1'
#
loop_
_entity.id
_entity.type
_entity.pdbx_description
1 polymer 'Hypothetical protein SMU.260'
2 non-polymer 'FLAVIN MONONUCLEOTIDE'
3 water water
#
_entity_poly.entity_id   1
_entity_poly.type   'polypeptide(L)'
_entity_poly.pdbx_seq_one_letter_code
;(MSE)SNFLDLQKQRRSIYALGKTVDLSKAELVALIQNAIKQAPSAFNSQTSRALVLFGQDSQDFWNKIAYSELEKVTPA
EAFAGTKAKLESFAAGVGTILLFEDQAVVRNLEENFPLYAENFQPWSEQAHGIALYAIWLALAEQNIG(MSE)SVQHYNP
LVDAQVAEKYDLPTNWK(MSE)RAQIPFGSIEAPAGEKEF(MSE)ADQERFKVFGDLEHHHHHH
;
_entity_poly.pdbx_strand_id   A,B,C,D,E,F
#
loop_
_chem_comp.id
_chem_comp.type
_chem_comp.name
_chem_comp.formula
FMN non-polymer 'FLAVIN MONONUCLEOTIDE' 'C17 H21 N4 O9 P'
#
# COMPACT_ATOMS: atom_id res chain seq x y z
N SER A 2 46.40 -25.02 -13.86
CA SER A 2 45.65 -24.57 -15.07
C SER A 2 44.54 -23.58 -14.69
N ASN A 3 44.06 -22.79 -15.65
CA ASN A 3 43.00 -21.84 -15.36
C ASN A 3 41.81 -22.00 -16.32
N PHE A 4 40.85 -21.08 -16.24
CA PHE A 4 39.65 -21.11 -17.07
C PHE A 4 39.96 -21.03 -18.57
N LEU A 5 40.99 -20.27 -18.92
CA LEU A 5 41.36 -20.12 -20.31
C LEU A 5 41.69 -21.51 -20.91
N ASP A 6 42.41 -22.33 -20.15
CA ASP A 6 42.78 -23.68 -20.62
C ASP A 6 41.53 -24.51 -20.92
N LEU A 7 40.55 -24.44 -20.04
CA LEU A 7 39.32 -25.17 -20.23
C LEU A 7 38.60 -24.61 -21.46
N GLN A 8 38.64 -23.29 -21.64
CA GLN A 8 37.97 -22.69 -22.79
C GLN A 8 38.57 -23.20 -24.09
N LYS A 9 39.89 -23.31 -24.12
CA LYS A 9 40.60 -23.79 -25.30
C LYS A 9 40.33 -25.27 -25.52
N GLN A 10 40.19 -26.02 -24.42
CA GLN A 10 39.93 -27.45 -24.53
C GLN A 10 38.58 -27.73 -25.19
N ARG A 11 37.56 -26.95 -24.81
CA ARG A 11 36.19 -27.07 -25.33
C ARG A 11 36.10 -26.77 -26.82
N ARG A 12 35.63 -27.74 -27.59
CA ARG A 12 35.48 -27.57 -29.03
C ARG A 12 34.21 -28.31 -29.46
N SER A 13 33.80 -28.12 -30.72
CA SER A 13 32.62 -28.82 -31.22
C SER A 13 33.11 -30.19 -31.71
N ILE A 14 32.54 -31.25 -31.14
CA ILE A 14 32.89 -32.64 -31.47
C ILE A 14 31.77 -33.38 -32.22
N TYR A 15 32.03 -33.74 -33.47
CA TYR A 15 31.06 -34.43 -34.30
C TYR A 15 31.26 -35.95 -34.35
N ALA A 16 32.37 -36.42 -33.79
CA ALA A 16 32.68 -37.85 -33.76
C ALA A 16 32.57 -38.29 -32.31
N LEU A 17 31.39 -38.74 -31.94
CA LEU A 17 31.13 -39.15 -30.56
C LEU A 17 30.99 -40.65 -30.43
N GLY A 18 31.18 -41.12 -29.20
CA GLY A 18 31.09 -42.53 -28.92
C GLY A 18 30.34 -42.79 -27.62
N LYS A 19 30.40 -44.01 -27.13
CA LYS A 19 29.68 -44.33 -25.92
C LYS A 19 30.57 -44.66 -24.72
N THR A 20 31.88 -44.58 -24.92
CA THR A 20 32.81 -44.93 -23.86
C THR A 20 33.07 -43.81 -22.84
N VAL A 21 32.07 -43.51 -22.02
CA VAL A 21 32.21 -42.48 -20.99
C VAL A 21 32.45 -43.20 -19.65
N ASP A 22 33.14 -42.55 -18.73
CA ASP A 22 33.41 -43.18 -17.43
C ASP A 22 32.51 -42.68 -16.29
N LEU A 23 31.40 -42.03 -16.64
CA LEU A 23 30.48 -41.54 -15.62
C LEU A 23 29.14 -42.27 -15.72
N SER A 24 28.46 -42.43 -14.58
CA SER A 24 27.16 -43.09 -14.58
C SER A 24 26.05 -42.11 -14.95
N LYS A 25 24.81 -42.61 -14.99
CA LYS A 25 23.65 -41.78 -15.31
C LYS A 25 23.43 -40.73 -14.23
N ALA A 26 23.53 -41.16 -12.97
CA ALA A 26 23.35 -40.24 -11.86
C ALA A 26 24.38 -39.10 -11.89
N GLU A 27 25.62 -39.41 -12.25
CA GLU A 27 26.68 -38.40 -12.30
C GLU A 27 26.54 -37.49 -13.53
N LEU A 28 26.03 -38.05 -14.62
CA LEU A 28 25.83 -37.28 -15.84
C LEU A 28 24.65 -36.33 -15.62
N VAL A 29 23.57 -36.85 -15.03
CA VAL A 29 22.40 -36.02 -14.75
C VAL A 29 22.74 -34.86 -13.80
N ALA A 30 23.41 -35.17 -12.70
CA ALA A 30 23.75 -34.12 -11.75
C ALA A 30 24.69 -33.08 -12.36
N LEU A 31 25.61 -33.53 -13.22
CA LEU A 31 26.59 -32.64 -13.86
C LEU A 31 25.87 -31.62 -14.75
N ILE A 32 24.95 -32.12 -15.56
CA ILE A 32 24.19 -31.31 -16.48
C ILE A 32 23.27 -30.34 -15.74
N GLN A 33 22.40 -30.87 -14.88
CA GLN A 33 21.49 -30.02 -14.13
C GLN A 33 22.17 -28.95 -13.29
N ASN A 34 23.26 -29.31 -12.62
CA ASN A 34 23.96 -28.34 -11.79
C ASN A 34 24.59 -27.25 -12.64
N ALA A 35 25.11 -27.65 -13.80
CA ALA A 35 25.73 -26.71 -14.72
C ALA A 35 24.68 -25.70 -15.16
N ILE A 36 23.45 -26.15 -15.36
CA ILE A 36 22.38 -25.27 -15.80
C ILE A 36 21.83 -24.45 -14.65
N LYS A 37 21.77 -25.05 -13.47
CA LYS A 37 21.25 -24.34 -12.32
C LYS A 37 22.10 -23.15 -11.96
N GLN A 38 23.40 -23.26 -12.18
CA GLN A 38 24.35 -22.23 -11.79
C GLN A 38 24.53 -21.17 -12.88
N ALA A 39 23.99 -21.43 -14.04
CA ALA A 39 24.07 -20.49 -15.13
C ALA A 39 23.06 -19.36 -14.82
N PRO A 40 23.54 -18.10 -14.71
CA PRO A 40 22.72 -16.92 -14.39
C PRO A 40 21.63 -16.62 -15.41
N SER A 41 20.60 -15.91 -14.97
CA SER A 41 19.47 -15.51 -15.81
C SER A 41 18.95 -14.15 -15.31
N ALA A 42 18.47 -13.31 -16.24
CA ALA A 42 17.93 -12.00 -15.91
C ALA A 42 16.94 -12.10 -14.74
N PHE A 43 17.13 -11.26 -13.74
CA PHE A 43 16.28 -11.24 -12.55
C PHE A 43 16.15 -12.60 -11.89
N ASN A 44 17.08 -13.51 -12.19
CA ASN A 44 17.03 -14.84 -11.63
C ASN A 44 15.69 -15.48 -12.00
N SER A 45 15.24 -15.20 -13.22
CA SER A 45 13.98 -15.72 -13.74
C SER A 45 14.05 -17.23 -13.99
N GLN A 46 15.26 -17.74 -14.23
CA GLN A 46 15.45 -19.17 -14.41
C GLN A 46 14.50 -19.75 -15.45
N THR A 47 14.52 -19.20 -16.65
CA THR A 47 13.62 -19.65 -17.72
C THR A 47 14.14 -20.88 -18.44
N SER A 48 15.30 -21.34 -18.01
CA SER A 48 15.98 -22.49 -18.57
C SER A 48 15.32 -23.85 -18.22
N ARG A 49 14.97 -24.64 -19.22
CA ARG A 49 14.38 -25.97 -19.01
C ARG A 49 15.17 -26.99 -19.83
N ALA A 50 15.30 -28.23 -19.35
CA ALA A 50 16.07 -29.20 -20.10
C ALA A 50 15.58 -30.64 -20.02
N LEU A 51 15.73 -31.31 -21.15
CA LEU A 51 15.35 -32.71 -21.29
C LEU A 51 16.64 -33.48 -21.57
N VAL A 52 16.92 -34.48 -20.75
CA VAL A 52 18.13 -35.31 -20.92
C VAL A 52 17.69 -36.72 -21.26
N LEU A 53 18.12 -37.18 -22.44
CA LEU A 53 17.77 -38.52 -22.91
C LEU A 53 18.97 -39.49 -22.89
N PHE A 54 18.69 -40.75 -22.57
CA PHE A 54 19.74 -41.78 -22.55
C PHE A 54 19.28 -43.03 -23.30
N GLY A 55 20.24 -43.92 -23.55
CA GLY A 55 19.95 -45.17 -24.24
C GLY A 55 19.10 -45.05 -25.49
N GLN A 56 18.11 -45.93 -25.60
CA GLN A 56 17.23 -45.94 -26.75
C GLN A 56 16.54 -44.60 -26.95
N ASP A 57 16.12 -43.97 -25.86
CA ASP A 57 15.46 -42.67 -25.94
C ASP A 57 16.28 -41.67 -26.74
N SER A 58 17.54 -41.49 -26.35
CA SER A 58 18.44 -40.57 -27.05
C SER A 58 18.55 -40.89 -28.54
N GLN A 59 18.84 -42.17 -28.83
CA GLN A 59 19.00 -42.65 -30.20
C GLN A 59 17.74 -42.53 -31.03
N ASP A 60 16.59 -42.76 -30.40
CA ASP A 60 15.31 -42.67 -31.10
C ASP A 60 14.99 -41.22 -31.44
N PHE A 61 15.44 -40.28 -30.61
CA PHE A 61 15.19 -38.86 -30.88
C PHE A 61 15.77 -38.52 -32.23
N TRP A 62 16.98 -39.01 -32.48
CA TRP A 62 17.66 -38.75 -33.74
C TRP A 62 17.24 -39.66 -34.87
N ASN A 63 17.26 -40.98 -34.64
CA ASN A 63 16.90 -41.93 -35.69
C ASN A 63 15.40 -42.12 -35.96
N LYS A 64 14.55 -41.58 -35.09
CA LYS A 64 13.11 -41.69 -35.28
C LYS A 64 12.43 -40.33 -35.39
N ILE A 65 12.48 -39.53 -34.33
CA ILE A 65 11.85 -38.22 -34.37
C ILE A 65 12.44 -37.32 -35.45
N ALA A 66 13.71 -36.99 -35.32
CA ALA A 66 14.37 -36.12 -36.28
C ALA A 66 14.38 -36.78 -37.65
N TYR A 67 14.56 -38.09 -37.66
CA TYR A 67 14.58 -38.84 -38.90
C TYR A 67 13.29 -38.67 -39.70
N SER A 68 12.16 -39.01 -39.09
CA SER A 68 10.88 -38.91 -39.79
C SER A 68 10.57 -37.50 -40.29
N GLU A 69 10.95 -36.49 -39.52
CA GLU A 69 10.69 -35.11 -39.91
C GLU A 69 11.55 -34.66 -41.08
N LEU A 70 12.84 -34.99 -41.05
CA LEU A 70 13.75 -34.60 -42.11
C LEU A 70 13.47 -35.24 -43.46
N GLU A 71 12.95 -36.47 -43.48
CA GLU A 71 12.69 -37.10 -44.77
C GLU A 71 11.50 -36.44 -45.47
N LYS A 72 10.68 -35.72 -44.72
CA LYS A 72 9.52 -35.05 -45.28
C LYS A 72 9.92 -33.72 -45.93
N VAL A 73 11.16 -33.31 -45.74
CA VAL A 73 11.60 -32.05 -46.33
C VAL A 73 12.94 -32.15 -47.05
N THR A 74 13.58 -33.32 -46.96
CA THR A 74 14.87 -33.54 -47.58
C THR A 74 14.78 -34.34 -48.87
N PRO A 75 15.55 -33.95 -49.89
CA PRO A 75 15.57 -34.63 -51.18
C PRO A 75 15.97 -36.10 -51.04
N ALA A 76 15.31 -36.98 -51.79
CA ALA A 76 15.59 -38.41 -51.73
C ALA A 76 17.07 -38.73 -51.93
N GLU A 77 17.68 -38.10 -52.94
CA GLU A 77 19.09 -38.32 -53.23
C GLU A 77 20.00 -37.71 -52.15
N ALA A 78 19.42 -37.06 -51.15
CA ALA A 78 20.23 -36.45 -50.08
C ALA A 78 19.95 -37.06 -48.71
N PHE A 79 18.86 -37.80 -48.60
CA PHE A 79 18.49 -38.42 -47.33
C PHE A 79 19.54 -39.40 -46.81
N ALA A 80 20.20 -40.12 -47.71
CA ALA A 80 21.20 -41.09 -47.27
C ALA A 80 22.26 -40.41 -46.39
N GLY A 81 22.68 -39.21 -46.79
CA GLY A 81 23.67 -38.49 -46.02
C GLY A 81 23.12 -37.98 -44.70
N THR A 82 21.81 -37.75 -44.66
CA THR A 82 21.16 -37.28 -43.45
C THR A 82 21.03 -38.42 -42.44
N LYS A 83 20.62 -39.58 -42.93
CA LYS A 83 20.47 -40.75 -42.06
C LYS A 83 21.80 -41.04 -41.36
N ALA A 84 22.90 -40.98 -42.11
CA ALA A 84 24.22 -41.23 -41.56
C ALA A 84 24.57 -40.16 -40.52
N LYS A 85 24.22 -38.92 -40.83
CA LYS A 85 24.51 -37.84 -39.90
C LYS A 85 23.72 -38.07 -38.62
N LEU A 86 22.44 -38.41 -38.73
CA LEU A 86 21.64 -38.64 -37.54
C LEU A 86 22.23 -39.78 -36.73
N GLU A 87 22.77 -40.78 -37.40
CA GLU A 87 23.38 -41.91 -36.71
C GLU A 87 24.59 -41.46 -35.89
N SER A 88 25.39 -40.57 -36.46
CA SER A 88 26.58 -40.09 -35.78
C SER A 88 26.22 -39.44 -34.43
N PHE A 89 25.10 -38.71 -34.39
CA PHE A 89 24.65 -38.07 -33.14
C PHE A 89 24.11 -39.13 -32.18
N ALA A 90 23.46 -40.15 -32.71
CA ALA A 90 22.89 -41.21 -31.88
C ALA A 90 23.98 -42.13 -31.36
N ALA A 91 25.16 -42.04 -31.97
CA ALA A 91 26.29 -42.86 -31.54
C ALA A 91 26.84 -42.40 -30.20
N GLY A 92 26.35 -41.27 -29.70
CA GLY A 92 26.86 -40.79 -28.42
C GLY A 92 26.19 -41.45 -27.24
N VAL A 93 26.45 -40.91 -26.05
CA VAL A 93 25.88 -41.42 -24.82
C VAL A 93 24.45 -40.91 -24.60
N GLY A 94 24.22 -39.64 -24.94
CA GLY A 94 22.90 -39.09 -24.75
C GLY A 94 22.63 -37.81 -25.52
N THR A 95 21.47 -37.22 -25.25
CA THR A 95 21.08 -35.99 -25.91
C THR A 95 20.41 -35.03 -24.94
N ILE A 96 20.81 -33.76 -25.00
CA ILE A 96 20.22 -32.78 -24.13
C ILE A 96 19.40 -31.82 -24.96
N LEU A 97 18.16 -31.59 -24.52
CA LEU A 97 17.31 -30.66 -25.23
C LEU A 97 17.07 -29.49 -24.27
N LEU A 98 17.46 -28.30 -24.73
CA LEU A 98 17.32 -27.07 -23.97
C LEU A 98 16.09 -26.31 -24.41
N PHE A 99 15.39 -25.78 -23.43
CA PHE A 99 14.15 -25.04 -23.68
C PHE A 99 14.15 -23.75 -22.87
N GLU A 100 13.28 -22.83 -23.25
CA GLU A 100 13.13 -21.57 -22.52
C GLU A 100 11.63 -21.48 -22.20
N ASP A 101 11.30 -21.37 -20.92
CA ASP A 101 9.90 -21.32 -20.50
C ASP A 101 9.24 -19.97 -20.88
N GLN A 102 8.40 -20.04 -21.91
CA GLN A 102 7.69 -18.87 -22.43
C GLN A 102 6.67 -18.32 -21.43
N ALA A 103 6.20 -19.18 -20.52
CA ALA A 103 5.23 -18.71 -19.55
C ALA A 103 5.91 -17.75 -18.57
N VAL A 104 7.19 -17.96 -18.26
CA VAL A 104 7.87 -17.07 -17.34
C VAL A 104 8.24 -15.75 -18.05
N VAL A 105 8.66 -15.83 -19.30
CA VAL A 105 9.02 -14.61 -20.00
C VAL A 105 7.80 -13.70 -20.19
N ARG A 106 6.66 -14.30 -20.52
CA ARG A 106 5.42 -13.52 -20.71
C ARG A 106 4.93 -12.92 -19.40
N ASN A 107 5.10 -13.66 -18.31
CA ASN A 107 4.66 -13.18 -17.01
C ASN A 107 5.47 -11.92 -16.67
N LEU A 108 6.75 -11.93 -17.03
CA LEU A 108 7.63 -10.79 -16.78
C LEU A 108 7.21 -9.57 -17.60
N GLU A 109 6.95 -9.78 -18.89
CA GLU A 109 6.54 -8.72 -19.82
C GLU A 109 5.25 -8.05 -19.33
N GLU A 110 4.26 -8.86 -18.94
CA GLU A 110 3.00 -8.30 -18.47
C GLU A 110 3.15 -7.50 -17.17
N ASN A 111 3.97 -7.97 -16.22
CA ASN A 111 4.14 -7.29 -14.94
C ASN A 111 5.14 -6.12 -14.88
N PHE A 112 6.08 -6.09 -15.83
CA PHE A 112 7.06 -4.99 -15.85
C PHE A 112 7.26 -4.51 -17.28
N PRO A 113 6.24 -3.84 -17.84
CA PRO A 113 6.32 -3.34 -19.22
C PRO A 113 7.47 -2.37 -19.46
N LEU A 114 7.98 -1.77 -18.40
CA LEU A 114 9.10 -0.83 -18.55
C LEU A 114 10.36 -1.53 -19.04
N TYR A 115 10.36 -2.86 -19.01
CA TYR A 115 11.50 -3.66 -19.46
C TYR A 115 11.08 -4.52 -20.65
N ALA A 116 9.81 -4.93 -20.65
CA ALA A 116 9.22 -5.79 -21.67
C ALA A 116 10.13 -6.21 -22.82
N GLU A 117 10.36 -5.28 -23.75
CA GLU A 117 11.19 -5.50 -24.93
C GLU A 117 12.45 -6.32 -24.70
N ASN A 118 13.02 -6.25 -23.50
CA ASN A 118 14.25 -6.96 -23.20
C ASN A 118 14.11 -8.41 -22.73
N PHE A 119 12.93 -8.79 -22.23
CA PHE A 119 12.76 -10.15 -21.74
C PHE A 119 13.04 -11.24 -22.76
N GLN A 120 12.59 -11.03 -23.99
CA GLN A 120 12.81 -12.01 -25.03
C GLN A 120 14.31 -12.17 -25.31
N PRO A 121 15.02 -11.06 -25.59
CA PRO A 121 16.46 -11.13 -25.85
C PRO A 121 17.26 -11.65 -24.65
N TRP A 122 16.91 -11.19 -23.45
CA TRP A 122 17.59 -11.64 -22.26
C TRP A 122 17.34 -13.14 -22.04
N SER A 123 16.22 -13.65 -22.56
CA SER A 123 15.94 -15.07 -22.41
C SER A 123 16.85 -15.87 -23.34
N GLU A 124 17.04 -15.36 -24.57
CA GLU A 124 17.92 -16.02 -25.54
C GLU A 124 19.36 -16.00 -25.01
N GLN A 125 19.73 -14.90 -24.37
CA GLN A 125 21.07 -14.77 -23.81
C GLN A 125 21.26 -15.81 -22.71
N ALA A 126 20.27 -15.97 -21.84
CA ALA A 126 20.33 -16.95 -20.74
C ALA A 126 20.46 -18.39 -21.27
N HIS A 127 19.87 -18.64 -22.43
CA HIS A 127 19.92 -19.98 -23.03
C HIS A 127 21.35 -20.25 -23.44
N GLY A 128 21.95 -19.26 -24.11
CA GLY A 128 23.32 -19.37 -24.56
C GLY A 128 24.24 -19.64 -23.40
N ILE A 129 24.03 -18.93 -22.30
CA ILE A 129 24.81 -19.09 -21.08
C ILE A 129 24.66 -20.51 -20.53
N ALA A 130 23.45 -21.05 -20.59
CA ALA A 130 23.21 -22.40 -20.10
C ALA A 130 23.95 -23.37 -21.02
N LEU A 131 23.88 -23.12 -22.32
CA LEU A 131 24.56 -23.96 -23.30
C LEU A 131 26.06 -24.02 -23.05
N TYR A 132 26.67 -22.85 -22.84
CA TYR A 132 28.10 -22.78 -22.63
C TYR A 132 28.49 -23.42 -21.30
N ALA A 133 27.60 -23.30 -20.31
CA ALA A 133 27.84 -23.86 -18.99
C ALA A 133 27.96 -25.38 -19.07
N ILE A 134 27.07 -25.99 -19.85
CA ILE A 134 27.03 -27.44 -20.07
C ILE A 134 28.22 -27.88 -20.89
N TRP A 135 28.49 -27.13 -21.95
CA TRP A 135 29.60 -27.42 -22.85
C TRP A 135 30.93 -27.42 -22.07
N LEU A 136 31.08 -26.46 -21.17
CA LEU A 136 32.29 -26.33 -20.38
C LEU A 136 32.34 -27.48 -19.36
N ALA A 137 31.23 -27.69 -18.66
CA ALA A 137 31.19 -28.75 -17.66
C ALA A 137 31.58 -30.10 -18.27
N LEU A 138 31.04 -30.43 -19.44
CA LEU A 138 31.36 -31.71 -20.07
C LEU A 138 32.79 -31.74 -20.63
N ALA A 139 33.23 -30.64 -21.21
CA ALA A 139 34.58 -30.61 -21.76
C ALA A 139 35.61 -30.93 -20.68
N GLU A 140 35.42 -30.42 -19.48
CA GLU A 140 36.37 -30.66 -18.41
C GLU A 140 36.50 -32.16 -18.12
N GLN A 141 35.40 -32.89 -18.30
CA GLN A 141 35.33 -34.33 -18.08
C GLN A 141 35.68 -35.10 -19.35
N ASN A 142 36.26 -34.42 -20.32
CA ASN A 142 36.63 -35.05 -21.59
C ASN A 142 35.42 -35.61 -22.32
N ILE A 143 34.25 -35.02 -22.10
CA ILE A 143 33.03 -35.46 -22.77
C ILE A 143 32.79 -34.47 -23.91
N GLY A 144 32.59 -35.00 -25.11
CA GLY A 144 32.36 -34.14 -26.26
C GLY A 144 30.91 -33.95 -26.61
N MSE A 145 30.64 -32.92 -27.41
CA MSE A 145 29.26 -32.64 -27.83
C MSE A 145 29.23 -31.58 -28.92
O MSE A 145 30.25 -30.95 -29.22
CB MSE A 145 28.44 -32.13 -26.64
CG MSE A 145 28.94 -30.80 -26.06
SE MSE A 145 27.86 -30.05 -24.65
CE MSE A 145 26.99 -28.63 -25.65
N SER A 146 28.06 -31.41 -29.52
CA SER A 146 27.85 -30.41 -30.55
C SER A 146 26.46 -29.81 -30.27
N VAL A 147 26.15 -28.67 -30.87
CA VAL A 147 24.86 -28.05 -30.65
C VAL A 147 24.10 -28.15 -31.96
N GLN A 148 22.86 -28.63 -31.89
CA GLN A 148 22.06 -28.78 -33.10
C GLN A 148 20.79 -27.96 -33.07
N HIS A 149 20.26 -27.63 -34.24
CA HIS A 149 19.05 -26.86 -34.32
C HIS A 149 18.02 -27.39 -35.31
N TYR A 150 17.45 -28.54 -34.95
CA TYR A 150 16.43 -29.16 -35.77
C TYR A 150 15.05 -28.65 -35.30
N ASN A 151 15.07 -27.57 -34.51
CA ASN A 151 13.85 -26.92 -34.02
C ASN A 151 13.48 -25.87 -35.07
N PRO A 152 12.18 -25.57 -35.26
CA PRO A 152 11.07 -26.17 -34.51
C PRO A 152 10.51 -27.42 -35.20
N LEU A 153 11.21 -27.89 -36.22
CA LEU A 153 10.78 -29.08 -36.95
C LEU A 153 10.44 -30.25 -36.03
N VAL A 154 11.34 -30.58 -35.09
CA VAL A 154 11.08 -31.71 -34.18
C VAL A 154 10.29 -31.32 -32.93
N ASP A 155 9.94 -30.05 -32.80
CA ASP A 155 9.20 -29.58 -31.63
C ASP A 155 7.94 -30.39 -31.31
N ALA A 156 7.04 -30.50 -32.28
CA ALA A 156 5.78 -31.20 -32.09
C ALA A 156 5.93 -32.60 -31.52
N GLN A 157 6.70 -33.45 -32.21
CA GLN A 157 6.88 -34.81 -31.73
C GLN A 157 7.56 -34.93 -30.37
N VAL A 158 8.53 -34.07 -30.10
CA VAL A 158 9.26 -34.07 -28.83
C VAL A 158 8.32 -33.78 -27.66
N ALA A 159 7.45 -32.78 -27.83
CA ALA A 159 6.51 -32.42 -26.77
C ALA A 159 5.53 -33.55 -26.46
N GLU A 160 4.92 -34.12 -27.49
CA GLU A 160 3.95 -35.20 -27.32
C GLU A 160 4.57 -36.43 -26.66
N LYS A 161 5.75 -36.82 -27.13
CA LYS A 161 6.41 -38.00 -26.59
C LYS A 161 6.83 -37.85 -25.12
N TYR A 162 7.29 -36.66 -24.74
CA TYR A 162 7.72 -36.47 -23.37
C TYR A 162 6.82 -35.58 -22.53
N ASP A 163 5.56 -35.45 -22.95
CA ASP A 163 4.57 -34.65 -22.21
C ASP A 163 5.13 -33.28 -21.82
N LEU A 164 5.78 -32.62 -22.76
CA LEU A 164 6.36 -31.32 -22.50
C LEU A 164 5.34 -30.20 -22.66
N PRO A 165 5.30 -29.27 -21.71
CA PRO A 165 4.35 -28.17 -21.82
C PRO A 165 4.62 -27.41 -23.11
N THR A 166 3.59 -26.77 -23.66
CA THR A 166 3.76 -26.01 -24.89
C THR A 166 4.61 -24.78 -24.63
N ASN A 167 4.49 -24.23 -23.42
CA ASN A 167 5.26 -23.06 -23.03
C ASN A 167 6.79 -23.33 -23.06
N TRP A 168 7.19 -24.61 -23.08
CA TRP A 168 8.63 -24.92 -23.15
C TRP A 168 9.05 -24.84 -24.61
N LYS A 169 9.64 -23.71 -25.00
CA LYS A 169 10.09 -23.49 -26.38
C LYS A 169 11.50 -24.02 -26.58
N MSE A 170 11.63 -25.03 -27.44
CA MSE A 170 12.90 -25.65 -27.69
C MSE A 170 13.87 -24.73 -28.42
O MSE A 170 13.53 -24.13 -29.44
CB MSE A 170 12.69 -26.91 -28.50
CG MSE A 170 13.89 -27.82 -28.52
SE MSE A 170 13.69 -29.02 -30.00
CE MSE A 170 12.08 -29.96 -29.43
N ARG A 171 15.08 -24.64 -27.92
CA ARG A 171 16.08 -23.77 -28.55
C ARG A 171 17.30 -24.51 -29.04
N ALA A 172 17.52 -25.74 -28.58
CA ALA A 172 18.69 -26.52 -29.01
C ALA A 172 18.63 -28.00 -28.56
N GLN A 173 19.28 -28.86 -29.35
CA GLN A 173 19.36 -30.28 -29.05
C GLN A 173 20.84 -30.61 -29.07
N ILE A 174 21.30 -31.27 -28.02
CA ILE A 174 22.72 -31.57 -27.86
C ILE A 174 23.09 -33.05 -27.71
N PRO A 175 23.80 -33.61 -28.70
CA PRO A 175 24.20 -35.01 -28.60
C PRO A 175 25.57 -34.96 -27.92
N PHE A 176 25.80 -35.85 -26.95
CA PHE A 176 27.09 -35.88 -26.27
C PHE A 176 27.56 -37.32 -26.04
N GLY A 177 28.87 -37.45 -25.87
CA GLY A 177 29.49 -38.74 -25.63
C GLY A 177 31.01 -38.65 -25.52
N SER A 178 31.68 -39.79 -25.75
CA SER A 178 33.12 -39.87 -25.71
C SER A 178 33.64 -39.25 -26.99
N ILE A 179 34.81 -38.63 -26.91
CA ILE A 179 35.44 -37.96 -28.03
C ILE A 179 36.20 -38.98 -28.86
N GLU A 180 35.68 -39.25 -30.07
CA GLU A 180 36.29 -40.23 -30.96
C GLU A 180 37.27 -39.62 -31.96
N ALA A 181 37.19 -38.30 -32.14
CA ALA A 181 38.09 -37.62 -33.06
C ALA A 181 38.15 -36.14 -32.69
N PRO A 182 39.37 -35.61 -32.50
CA PRO A 182 39.61 -34.21 -32.15
C PRO A 182 39.13 -33.28 -33.27
N ALA A 183 38.79 -32.05 -32.91
CA ALA A 183 38.33 -31.06 -33.88
C ALA A 183 39.51 -30.53 -34.66
N GLY A 184 39.25 -29.87 -35.78
CA GLY A 184 40.34 -29.31 -36.55
C GLY A 184 40.69 -27.90 -36.11
N GLU A 185 41.62 -27.28 -36.83
CA GLU A 185 42.09 -25.93 -36.57
C GLU A 185 40.97 -24.90 -36.73
N LYS A 186 40.71 -24.15 -35.67
CA LYS A 186 39.69 -23.12 -35.68
C LYS A 186 40.33 -21.78 -36.03
N GLU A 187 39.58 -20.93 -36.73
CA GLU A 187 40.07 -19.62 -37.15
C GLU A 187 39.53 -18.47 -36.27
N PHE A 188 40.32 -17.42 -36.16
CA PHE A 188 39.96 -16.24 -35.38
C PHE A 188 40.12 -14.98 -36.20
N MSE A 189 39.30 -13.98 -35.90
CA MSE A 189 39.32 -12.70 -36.60
C MSE A 189 40.34 -11.75 -35.96
O MSE A 189 40.71 -11.92 -34.81
CB MSE A 189 37.93 -12.04 -36.59
CG MSE A 189 37.44 -11.56 -35.23
SE MSE A 189 35.70 -10.63 -35.28
CE MSE A 189 36.26 -8.95 -36.09
N ALA A 190 40.77 -10.76 -36.73
CA ALA A 190 41.73 -9.76 -36.25
C ALA A 190 41.21 -9.08 -34.98
N ASP A 191 42.02 -9.10 -33.93
CA ASP A 191 41.63 -8.48 -32.66
C ASP A 191 41.44 -6.97 -32.78
N GLN A 192 42.18 -6.34 -33.68
CA GLN A 192 42.08 -4.90 -33.88
C GLN A 192 40.68 -4.45 -34.32
N GLU A 193 40.02 -5.27 -35.14
CA GLU A 193 38.69 -4.95 -35.63
C GLU A 193 37.60 -5.56 -34.73
N ARG A 194 38.01 -6.06 -33.58
CA ARG A 194 37.08 -6.70 -32.65
C ARG A 194 37.02 -6.01 -31.28
N PHE A 195 38.15 -5.49 -30.84
CA PHE A 195 38.25 -4.84 -29.54
C PHE A 195 38.86 -3.44 -29.62
N LYS A 196 38.66 -2.68 -28.55
CA LYS A 196 39.20 -1.33 -28.43
C LYS A 196 39.33 -1.03 -26.94
N VAL A 197 40.53 -0.60 -26.54
CA VAL A 197 40.84 -0.27 -25.16
C VAL A 197 41.07 1.23 -24.99
N PHE A 198 40.57 1.79 -23.90
CA PHE A 198 40.72 3.21 -23.64
C PHE A 198 40.84 3.45 -22.14
N GLY A 199 41.80 4.27 -21.78
CA GLY A 199 42.05 4.60 -20.38
C GLY A 199 43.17 3.78 -19.79
N ASP A 200 43.67 4.19 -18.64
CA ASP A 200 44.76 3.48 -17.98
C ASP A 200 44.42 3.34 -16.50
N LEU A 201 44.67 2.17 -15.92
CA LEU A 201 44.39 1.96 -14.49
C LEU A 201 44.72 0.52 -14.12
N SER B 2 39.12 -29.37 -8.33
CA SER B 2 38.28 -28.15 -8.37
C SER B 2 37.73 -28.05 -9.79
N ASN B 3 36.56 -28.64 -9.99
CA ASN B 3 35.94 -28.65 -11.29
C ASN B 3 35.37 -27.30 -11.70
N PHE B 4 34.64 -27.33 -12.79
CA PHE B 4 34.01 -26.16 -13.35
C PHE B 4 32.89 -25.67 -12.44
N LEU B 5 32.20 -26.61 -11.81
CA LEU B 5 31.11 -26.25 -10.91
C LEU B 5 31.53 -25.33 -9.78
N ASP B 6 32.77 -25.46 -9.31
CA ASP B 6 33.25 -24.62 -8.20
C ASP B 6 33.26 -23.18 -8.69
N LEU B 7 33.90 -22.97 -9.83
CA LEU B 7 33.99 -21.66 -10.42
C LEU B 7 32.59 -21.10 -10.69
N GLN B 8 31.68 -21.94 -11.19
CA GLN B 8 30.32 -21.47 -11.48
C GLN B 8 29.68 -20.91 -10.23
N LYS B 9 29.83 -21.62 -9.11
CA LYS B 9 29.25 -21.21 -7.84
C LYS B 9 29.93 -20.00 -7.22
N GLN B 10 31.18 -19.77 -7.60
CA GLN B 10 31.95 -18.65 -7.08
C GLN B 10 31.54 -17.38 -7.84
N ARG B 11 31.09 -17.55 -9.07
CA ARG B 11 30.65 -16.42 -9.88
C ARG B 11 29.29 -15.92 -9.42
N ARG B 12 29.26 -14.68 -8.95
CA ARG B 12 28.01 -14.06 -8.50
C ARG B 12 28.00 -12.62 -9.01
N SER B 13 26.87 -11.92 -8.85
CA SER B 13 26.76 -10.53 -9.28
C SER B 13 27.31 -9.68 -8.12
N ILE B 14 28.52 -9.15 -8.30
CA ILE B 14 29.12 -8.35 -7.24
C ILE B 14 28.76 -6.87 -7.40
N TYR B 15 28.05 -6.30 -6.43
CA TYR B 15 27.65 -4.90 -6.51
C TYR B 15 28.58 -3.98 -5.73
N ALA B 16 29.33 -4.56 -4.80
CA ALA B 16 30.27 -3.79 -4.01
C ALA B 16 31.65 -3.93 -4.64
N LEU B 17 31.99 -3.00 -5.51
CA LEU B 17 33.29 -3.07 -6.19
C LEU B 17 34.31 -2.08 -5.63
N GLY B 18 35.58 -2.42 -5.82
CA GLY B 18 36.67 -1.57 -5.36
C GLY B 18 37.71 -1.40 -6.45
N LYS B 19 38.74 -0.61 -6.19
CA LYS B 19 39.78 -0.36 -7.17
C LYS B 19 41.08 -1.03 -6.81
N THR B 20 41.01 -2.07 -5.99
CA THR B 20 42.21 -2.76 -5.56
C THR B 20 42.47 -4.08 -6.28
N VAL B 21 42.78 -3.98 -7.57
CA VAL B 21 43.08 -5.15 -8.40
C VAL B 21 44.58 -5.21 -8.60
N ASP B 22 45.15 -6.40 -8.44
CA ASP B 22 46.60 -6.61 -8.58
C ASP B 22 47.01 -7.17 -9.94
N LEU B 23 46.33 -6.71 -11.00
CA LEU B 23 46.64 -7.16 -12.36
C LEU B 23 46.86 -5.92 -13.22
N SER B 24 47.91 -5.92 -14.01
CA SER B 24 48.21 -4.77 -14.87
C SER B 24 47.12 -4.64 -15.93
N LYS B 25 47.04 -3.44 -16.52
CA LYS B 25 46.05 -3.22 -17.56
C LYS B 25 46.23 -4.27 -18.66
N ALA B 26 47.48 -4.45 -19.10
CA ALA B 26 47.81 -5.41 -20.16
C ALA B 26 47.27 -6.81 -19.87
N GLU B 27 47.38 -7.22 -18.61
CA GLU B 27 46.91 -8.53 -18.20
C GLU B 27 45.38 -8.53 -18.15
N LEU B 28 44.77 -7.43 -17.72
CA LEU B 28 43.31 -7.37 -17.66
C LEU B 28 42.76 -7.44 -19.07
N VAL B 29 43.38 -6.67 -19.98
CA VAL B 29 42.95 -6.65 -21.38
C VAL B 29 43.03 -8.04 -22.00
N ALA B 30 44.11 -8.75 -21.70
CA ALA B 30 44.33 -10.10 -22.22
C ALA B 30 43.30 -11.06 -21.64
N LEU B 31 43.06 -10.94 -20.35
CA LEU B 31 42.10 -11.79 -19.67
C LEU B 31 40.75 -11.70 -20.38
N ILE B 32 40.25 -10.47 -20.49
CA ILE B 32 38.96 -10.18 -21.12
C ILE B 32 38.88 -10.59 -22.58
N GLN B 33 39.85 -10.17 -23.39
CA GLN B 33 39.85 -10.50 -24.82
C GLN B 33 39.99 -11.98 -25.13
N ASN B 34 40.91 -12.66 -24.45
CA ASN B 34 41.08 -14.09 -24.71
C ASN B 34 39.82 -14.85 -24.29
N ALA B 35 39.18 -14.42 -23.21
CA ALA B 35 37.98 -15.12 -22.77
C ALA B 35 36.86 -15.01 -23.83
N ILE B 36 36.77 -13.84 -24.48
CA ILE B 36 35.77 -13.62 -25.52
C ILE B 36 36.09 -14.44 -26.78
N LYS B 37 37.36 -14.46 -27.17
CA LYS B 37 37.79 -15.18 -28.37
C LYS B 37 37.45 -16.67 -28.35
N GLN B 38 37.61 -17.27 -27.18
CA GLN B 38 37.34 -18.68 -27.00
C GLN B 38 35.85 -18.98 -26.87
N ALA B 39 35.05 -17.95 -26.60
CA ALA B 39 33.62 -18.16 -26.48
C ALA B 39 33.08 -18.41 -27.89
N PRO B 40 32.37 -19.54 -28.07
CA PRO B 40 31.79 -19.92 -29.37
C PRO B 40 30.63 -19.08 -29.88
N SER B 41 30.41 -19.18 -31.18
CA SER B 41 29.32 -18.47 -31.84
C SER B 41 28.87 -19.26 -33.05
N ALA B 42 27.61 -19.07 -33.43
CA ALA B 42 27.02 -19.74 -34.58
C ALA B 42 27.98 -19.74 -35.77
N PHE B 43 28.36 -20.95 -36.18
CA PHE B 43 29.31 -21.21 -37.26
C PHE B 43 30.46 -20.23 -37.29
N ASN B 44 31.01 -20.02 -36.10
CA ASN B 44 32.13 -19.13 -35.91
C ASN B 44 31.90 -17.77 -36.58
N SER B 45 30.69 -17.24 -36.44
CA SER B 45 30.32 -15.94 -37.02
C SER B 45 31.09 -14.81 -36.33
N GLN B 46 31.37 -15.00 -35.04
CA GLN B 46 32.16 -14.02 -34.29
C GLN B 46 31.58 -12.59 -34.34
N THR B 47 30.35 -12.45 -33.86
CA THR B 47 29.64 -11.19 -33.85
C THR B 47 29.89 -10.39 -32.55
N SER B 48 30.58 -10.99 -31.59
CA SER B 48 30.84 -10.30 -30.34
C SER B 48 31.93 -9.24 -30.51
N ARG B 49 31.66 -8.05 -29.98
CA ARG B 49 32.62 -6.94 -30.02
C ARG B 49 32.67 -6.39 -28.60
N ALA B 50 33.77 -5.73 -28.25
CA ALA B 50 33.94 -5.18 -26.91
C ALA B 50 34.87 -3.96 -26.81
N LEU B 51 34.54 -3.10 -25.85
CA LEU B 51 35.28 -1.88 -25.60
C LEU B 51 35.59 -1.88 -24.10
N VAL B 52 36.87 -1.90 -23.75
CA VAL B 52 37.29 -1.92 -22.36
C VAL B 52 37.78 -0.53 -21.96
N LEU B 53 37.15 0.04 -20.94
CA LEU B 53 37.50 1.38 -20.47
C LEU B 53 38.07 1.35 -19.06
N PHE B 54 39.14 2.13 -18.87
CA PHE B 54 39.79 2.23 -17.57
C PHE B 54 39.84 3.69 -17.12
N GLY B 55 40.03 3.90 -15.81
CA GLY B 55 40.12 5.23 -15.25
C GLY B 55 39.02 6.20 -15.62
N GLN B 56 39.41 7.40 -16.02
CA GLN B 56 38.48 8.47 -16.40
C GLN B 56 37.41 7.99 -17.39
N ASP B 57 37.83 7.27 -18.43
CA ASP B 57 36.89 6.78 -19.42
C ASP B 57 35.82 5.91 -18.76
N SER B 58 36.26 5.00 -17.90
CA SER B 58 35.34 4.11 -17.21
C SER B 58 34.44 4.88 -16.26
N GLN B 59 35.04 5.80 -15.52
CA GLN B 59 34.29 6.60 -14.57
C GLN B 59 33.32 7.52 -15.26
N ASP B 60 33.74 8.11 -16.37
CA ASP B 60 32.89 9.03 -17.11
C ASP B 60 31.66 8.37 -17.74
N PHE B 61 31.80 7.12 -18.18
CA PHE B 61 30.68 6.44 -18.80
C PHE B 61 29.45 6.43 -17.90
N TRP B 62 29.68 6.17 -16.61
CA TRP B 62 28.62 6.12 -15.63
C TRP B 62 28.20 7.50 -15.12
N ASN B 63 29.17 8.32 -14.71
CA ASN B 63 28.87 9.65 -14.18
C ASN B 63 28.48 10.71 -15.21
N LYS B 64 28.85 10.51 -16.47
CA LYS B 64 28.51 11.47 -17.53
C LYS B 64 27.48 10.94 -18.53
N ILE B 65 27.92 10.00 -19.39
CA ILE B 65 27.07 9.41 -20.41
C ILE B 65 25.79 8.79 -19.81
N ALA B 66 25.96 7.81 -18.94
CA ALA B 66 24.82 7.15 -18.28
C ALA B 66 24.00 8.15 -17.50
N TYR B 67 24.68 8.92 -16.66
CA TYR B 67 24.02 9.94 -15.84
C TYR B 67 23.18 10.90 -16.69
N SER B 68 23.81 11.54 -17.67
CA SER B 68 23.12 12.50 -18.52
C SER B 68 21.88 11.92 -19.20
N GLU B 69 22.01 10.70 -19.71
CA GLU B 69 20.90 10.04 -20.38
C GLU B 69 19.79 9.63 -19.41
N LEU B 70 20.17 9.16 -18.22
CA LEU B 70 19.16 8.76 -17.25
C LEU B 70 18.43 9.97 -16.67
N GLU B 71 19.15 11.05 -16.46
CA GLU B 71 18.58 12.26 -15.90
C GLU B 71 17.44 12.84 -16.75
N LYS B 72 17.58 12.79 -18.06
CA LYS B 72 16.57 13.33 -18.95
C LYS B 72 15.32 12.45 -19.06
N VAL B 73 15.31 11.30 -18.40
CA VAL B 73 14.16 10.41 -18.49
C VAL B 73 13.74 9.79 -17.16
N THR B 74 14.49 10.08 -16.11
CA THR B 74 14.21 9.54 -14.77
C THR B 74 13.52 10.58 -13.90
N PRO B 75 12.46 10.17 -13.18
CA PRO B 75 11.70 11.03 -12.29
C PRO B 75 12.59 11.78 -11.29
N ALA B 76 12.32 13.07 -11.10
CA ALA B 76 13.09 13.89 -10.19
C ALA B 76 13.13 13.28 -8.78
N GLU B 77 11.95 12.94 -8.27
CA GLU B 77 11.83 12.35 -6.94
C GLU B 77 12.14 10.87 -6.99
N ALA B 78 13.25 10.53 -7.64
CA ALA B 78 13.68 9.14 -7.78
C ALA B 78 15.09 9.08 -8.35
N PHE B 79 15.49 10.17 -9.02
CA PHE B 79 16.81 10.24 -9.64
C PHE B 79 17.94 10.13 -8.61
N ALA B 80 17.61 10.40 -7.36
CA ALA B 80 18.58 10.34 -6.28
C ALA B 80 19.18 8.94 -6.19
N GLY B 81 18.32 7.92 -6.22
CA GLY B 81 18.80 6.55 -6.14
C GLY B 81 19.62 6.15 -7.35
N THR B 82 19.23 6.64 -8.52
CA THR B 82 19.95 6.33 -9.75
C THR B 82 21.41 6.77 -9.67
N LYS B 83 21.63 8.00 -9.22
CA LYS B 83 22.99 8.53 -9.10
C LYS B 83 23.83 7.67 -8.16
N ALA B 84 23.24 7.26 -7.03
CA ALA B 84 23.95 6.44 -6.07
C ALA B 84 24.42 5.14 -6.68
N LYS B 85 23.57 4.54 -7.51
CA LYS B 85 23.91 3.29 -8.17
C LYS B 85 25.03 3.51 -9.19
N LEU B 86 24.90 4.55 -10.01
CA LEU B 86 25.91 4.85 -11.02
C LEU B 86 27.30 4.97 -10.42
N GLU B 87 27.38 5.56 -9.23
CA GLU B 87 28.65 5.74 -8.57
C GLU B 87 29.21 4.42 -8.05
N SER B 88 28.33 3.48 -7.72
CA SER B 88 28.79 2.18 -7.23
C SER B 88 29.45 1.41 -8.37
N PHE B 89 29.04 1.70 -9.60
CA PHE B 89 29.60 1.02 -10.76
C PHE B 89 30.94 1.62 -11.14
N ALA B 90 31.06 2.92 -10.91
CA ALA B 90 32.28 3.66 -11.22
C ALA B 90 33.34 3.50 -10.13
N ALA B 91 32.97 2.84 -9.04
CA ALA B 91 33.88 2.61 -7.91
C ALA B 91 34.79 1.42 -8.18
N GLY B 92 34.67 0.86 -9.37
CA GLY B 92 35.48 -0.29 -9.73
C GLY B 92 36.71 0.10 -10.52
N VAL B 93 37.38 -0.91 -11.06
CA VAL B 93 38.59 -0.72 -11.84
C VAL B 93 38.30 -0.25 -13.26
N GLY B 94 37.26 -0.82 -13.86
CA GLY B 94 36.92 -0.45 -15.22
C GLY B 94 35.53 -0.85 -15.68
N THR B 95 35.32 -0.78 -16.99
CA THR B 95 34.02 -1.13 -17.56
C THR B 95 34.16 -1.83 -18.91
N ILE B 96 33.27 -2.78 -19.15
CA ILE B 96 33.31 -3.52 -20.39
C ILE B 96 32.00 -3.33 -21.13
N LEU B 97 32.08 -2.83 -22.35
CA LEU B 97 30.86 -2.67 -23.12
C LEU B 97 30.86 -3.78 -24.18
N LEU B 98 29.79 -4.58 -24.19
CA LEU B 98 29.65 -5.69 -25.15
C LEU B 98 28.67 -5.32 -26.24
N PHE B 99 29.09 -5.53 -27.48
CA PHE B 99 28.29 -5.23 -28.67
C PHE B 99 28.17 -6.45 -29.58
N GLU B 100 27.16 -6.45 -30.43
CA GLU B 100 26.98 -7.53 -31.39
C GLU B 100 26.98 -6.89 -32.77
N ASP B 101 27.87 -7.35 -33.65
CA ASP B 101 27.97 -6.80 -34.98
C ASP B 101 26.74 -7.12 -35.84
N GLN B 102 25.90 -6.10 -36.06
CA GLN B 102 24.68 -6.27 -36.84
C GLN B 102 24.94 -6.52 -38.33
N ALA B 103 26.03 -5.96 -38.85
CA ALA B 103 26.36 -6.13 -40.26
C ALA B 103 26.58 -7.61 -40.59
N VAL B 104 27.18 -8.34 -39.65
CA VAL B 104 27.43 -9.77 -39.84
C VAL B 104 26.12 -10.55 -39.81
N VAL B 105 25.26 -10.19 -38.88
CA VAL B 105 23.96 -10.84 -38.71
C VAL B 105 23.05 -10.61 -39.92
N ARG B 106 23.08 -9.40 -40.46
CA ARG B 106 22.25 -9.08 -41.61
C ARG B 106 22.72 -9.85 -42.84
N ASN B 107 24.03 -9.89 -43.06
CA ASN B 107 24.55 -10.62 -44.20
C ASN B 107 24.06 -12.06 -44.17
N LEU B 108 23.93 -12.64 -42.98
CA LEU B 108 23.45 -14.01 -42.86
C LEU B 108 21.96 -14.13 -43.14
N GLU B 109 21.15 -13.24 -42.57
CA GLU B 109 19.70 -13.29 -42.78
C GLU B 109 19.35 -13.08 -44.26
N GLU B 110 20.16 -12.30 -44.95
CA GLU B 110 19.92 -12.01 -46.36
C GLU B 110 20.35 -13.17 -47.29
N ASN B 111 21.46 -13.82 -46.99
CA ASN B 111 21.92 -14.93 -47.83
C ASN B 111 21.33 -16.28 -47.43
N PHE B 112 20.74 -16.35 -46.24
CA PHE B 112 20.15 -17.59 -45.74
C PHE B 112 18.70 -17.37 -45.38
N PRO B 113 17.85 -17.03 -46.35
CA PRO B 113 16.42 -16.81 -46.08
C PRO B 113 15.69 -18.01 -45.48
N LEU B 114 16.35 -19.17 -45.45
CA LEU B 114 15.76 -20.38 -44.88
C LEU B 114 16.00 -20.48 -43.38
N TYR B 115 17.10 -19.90 -42.92
CA TYR B 115 17.47 -19.93 -41.50
C TYR B 115 17.43 -18.52 -40.92
N ALA B 116 17.00 -17.55 -41.72
CA ALA B 116 16.99 -16.13 -41.31
C ALA B 116 16.54 -15.83 -39.88
N GLU B 117 15.53 -16.56 -39.42
CA GLU B 117 15.01 -16.34 -38.10
C GLU B 117 15.91 -16.78 -36.96
N ASN B 118 16.90 -17.63 -37.25
CA ASN B 118 17.80 -18.12 -36.21
C ASN B 118 18.96 -17.16 -35.86
N PHE B 119 19.39 -16.36 -36.81
CA PHE B 119 20.55 -15.49 -36.60
C PHE B 119 20.43 -14.49 -35.46
N GLN B 120 19.28 -13.84 -35.36
CA GLN B 120 19.10 -12.88 -34.29
C GLN B 120 19.20 -13.62 -32.92
N PRO B 121 18.40 -14.68 -32.70
CA PRO B 121 18.50 -15.38 -31.42
C PRO B 121 19.92 -15.95 -31.20
N TRP B 122 20.57 -16.45 -32.25
CA TRP B 122 21.94 -16.99 -32.14
C TRP B 122 22.94 -15.90 -31.76
N SER B 123 22.67 -14.67 -32.20
CA SER B 123 23.53 -13.54 -31.87
C SER B 123 23.35 -13.21 -30.38
N GLU B 124 22.10 -13.09 -29.93
CA GLU B 124 21.84 -12.82 -28.51
C GLU B 124 22.50 -13.95 -27.68
N GLN B 125 22.32 -15.19 -28.11
CA GLN B 125 22.92 -16.31 -27.37
C GLN B 125 24.46 -16.19 -27.35
N ALA B 126 25.04 -15.76 -28.47
CA ALA B 126 26.51 -15.60 -28.54
C ALA B 126 26.94 -14.50 -27.56
N HIS B 127 26.13 -13.46 -27.43
CA HIS B 127 26.43 -12.37 -26.51
C HIS B 127 26.43 -12.86 -25.07
N GLY B 128 25.44 -13.70 -24.74
CA GLY B 128 25.35 -14.26 -23.40
C GLY B 128 26.57 -15.09 -23.08
N ILE B 129 27.01 -15.85 -24.08
CA ILE B 129 28.18 -16.71 -23.96
C ILE B 129 29.46 -15.92 -23.70
N ALA B 130 29.59 -14.78 -24.37
CA ALA B 130 30.77 -13.94 -24.21
C ALA B 130 30.70 -13.34 -22.80
N LEU B 131 29.49 -12.96 -22.39
CA LEU B 131 29.29 -12.40 -21.06
C LEU B 131 29.69 -13.39 -19.97
N TYR B 132 29.12 -14.61 -20.04
CA TYR B 132 29.44 -15.64 -19.06
C TYR B 132 30.93 -15.99 -19.09
N ALA B 133 31.52 -16.03 -20.29
CA ALA B 133 32.95 -16.34 -20.44
C ALA B 133 33.79 -15.33 -19.64
N ILE B 134 33.45 -14.05 -19.76
CA ILE B 134 34.16 -12.99 -19.03
C ILE B 134 33.91 -13.10 -17.53
N TRP B 135 32.64 -13.26 -17.17
CA TRP B 135 32.23 -13.38 -15.76
C TRP B 135 32.98 -14.52 -15.06
N LEU B 136 33.21 -15.61 -15.78
CA LEU B 136 33.92 -16.75 -15.21
C LEU B 136 35.42 -16.50 -15.10
N ALA B 137 35.99 -15.95 -16.17
CA ALA B 137 37.42 -15.66 -16.23
C ALA B 137 37.82 -14.70 -15.13
N LEU B 138 36.95 -13.73 -14.88
CA LEU B 138 37.20 -12.74 -13.84
C LEU B 138 36.96 -13.27 -12.43
N ALA B 139 35.93 -14.10 -12.26
CA ALA B 139 35.62 -14.67 -10.95
C ALA B 139 36.80 -15.50 -10.46
N GLU B 140 37.39 -16.26 -11.37
CA GLU B 140 38.55 -17.08 -11.03
C GLU B 140 39.72 -16.22 -10.55
N GLN B 141 39.73 -14.95 -10.98
CA GLN B 141 40.80 -14.03 -10.58
C GLN B 141 40.35 -13.17 -9.39
N ASN B 142 39.30 -13.65 -8.71
CA ASN B 142 38.75 -12.94 -7.57
C ASN B 142 38.45 -11.49 -7.94
N ILE B 143 37.97 -11.31 -9.16
CA ILE B 143 37.60 -9.99 -9.66
C ILE B 143 36.08 -9.99 -9.83
N GLY B 144 35.41 -9.04 -9.18
CA GLY B 144 33.96 -8.97 -9.27
C GLY B 144 33.44 -8.09 -10.38
N MSE B 145 32.17 -8.24 -10.71
CA MSE B 145 31.57 -7.45 -11.78
C MSE B 145 30.08 -7.67 -11.76
O MSE B 145 29.57 -8.54 -11.06
CB MSE B 145 32.11 -7.89 -13.14
CG MSE B 145 31.71 -9.31 -13.49
SE MSE B 145 32.35 -9.66 -15.34
CE MSE B 145 30.73 -10.01 -16.25
N SER B 146 29.39 -6.89 -12.58
CA SER B 146 27.96 -7.00 -12.69
C SER B 146 27.59 -6.70 -14.13
N VAL B 147 26.38 -7.03 -14.56
CA VAL B 147 25.96 -6.74 -15.93
C VAL B 147 24.84 -5.71 -15.83
N GLN B 148 25.00 -4.60 -16.54
CA GLN B 148 23.99 -3.54 -16.52
C GLN B 148 23.42 -3.33 -17.92
N HIS B 149 22.23 -2.74 -18.01
CA HIS B 149 21.62 -2.51 -19.31
C HIS B 149 21.00 -1.15 -19.42
N TYR B 150 21.81 -0.17 -19.79
CA TYR B 150 21.35 1.20 -19.96
C TYR B 150 21.23 1.46 -21.45
N ASN B 151 21.30 0.39 -22.23
CA ASN B 151 21.16 0.47 -23.67
C ASN B 151 19.65 0.41 -23.85
N PRO B 152 19.12 1.00 -24.94
CA PRO B 152 19.90 1.69 -25.97
C PRO B 152 20.00 3.20 -25.68
N LEU B 153 19.66 3.56 -24.45
CA LEU B 153 19.67 4.93 -24.01
C LEU B 153 21.03 5.62 -24.20
N VAL B 154 22.12 4.91 -23.93
CA VAL B 154 23.44 5.50 -24.05
C VAL B 154 24.13 5.12 -25.36
N ASP B 155 23.39 4.48 -26.26
CA ASP B 155 23.95 4.05 -27.54
C ASP B 155 24.62 5.17 -28.34
N ALA B 156 23.86 6.21 -28.65
CA ALA B 156 24.39 7.33 -29.42
C ALA B 156 25.66 7.97 -28.84
N GLN B 157 25.67 8.26 -27.54
CA GLN B 157 26.85 8.89 -26.95
C GLN B 157 28.09 8.02 -26.93
N VAL B 158 27.92 6.74 -26.60
CA VAL B 158 29.06 5.84 -26.55
C VAL B 158 29.64 5.69 -27.96
N ALA B 159 28.77 5.49 -28.96
CA ALA B 159 29.22 5.32 -30.33
C ALA B 159 29.93 6.56 -30.86
N GLU B 160 29.45 7.74 -30.45
CA GLU B 160 30.04 8.98 -30.90
C GLU B 160 31.39 9.25 -30.22
N LYS B 161 31.41 9.13 -28.90
CA LYS B 161 32.64 9.38 -28.15
C LYS B 161 33.82 8.56 -28.62
N TYR B 162 33.60 7.30 -28.97
CA TYR B 162 34.70 6.45 -29.43
C TYR B 162 34.69 6.17 -30.92
N ASP B 163 33.70 6.72 -31.62
CA ASP B 163 33.61 6.53 -33.05
C ASP B 163 33.70 5.05 -33.44
N LEU B 164 32.81 4.25 -32.85
CA LEU B 164 32.78 2.82 -33.12
C LEU B 164 32.04 2.55 -34.42
N PRO B 165 32.23 1.36 -35.00
CA PRO B 165 31.52 1.06 -36.25
C PRO B 165 30.04 1.11 -35.93
N THR B 166 29.27 1.73 -36.83
CA THR B 166 27.84 1.87 -36.60
C THR B 166 27.09 0.56 -36.49
N ASN B 167 27.75 -0.54 -36.86
CA ASN B 167 27.11 -1.84 -36.78
C ASN B 167 27.17 -2.46 -35.40
N TRP B 168 28.04 -1.93 -34.53
CA TRP B 168 28.18 -2.42 -33.16
C TRP B 168 26.98 -2.05 -32.32
N LYS B 169 26.04 -2.98 -32.18
CA LYS B 169 24.85 -2.72 -31.40
C LYS B 169 25.08 -3.13 -29.95
N MSE B 170 25.10 -2.15 -29.07
CA MSE B 170 25.32 -2.38 -27.66
C MSE B 170 24.33 -3.31 -26.98
O MSE B 170 23.13 -3.19 -27.15
CB MSE B 170 25.32 -1.08 -26.92
CG MSE B 170 25.76 -1.26 -25.51
SE MSE B 170 25.45 0.36 -24.65
CE MSE B 170 26.71 1.46 -25.63
N ARG B 171 24.85 -4.22 -26.16
CA ARG B 171 23.99 -5.19 -25.49
C ARG B 171 24.15 -5.18 -23.98
N ALA B 172 25.29 -4.70 -23.50
CA ALA B 172 25.53 -4.68 -22.06
C ALA B 172 26.75 -3.87 -21.64
N GLN B 173 26.69 -3.36 -20.43
CA GLN B 173 27.80 -2.60 -19.88
C GLN B 173 28.19 -3.32 -18.60
N ILE B 174 29.46 -3.69 -18.48
CA ILE B 174 29.94 -4.43 -17.31
C ILE B 174 31.00 -3.69 -16.48
N PRO B 175 30.66 -3.34 -15.24
CA PRO B 175 31.63 -2.65 -14.38
C PRO B 175 32.36 -3.71 -13.57
N PHE B 176 33.69 -3.67 -13.58
CA PHE B 176 34.43 -4.67 -12.82
C PHE B 176 35.43 -4.03 -11.90
N GLY B 177 35.79 -4.74 -10.85
CA GLY B 177 36.75 -4.24 -9.90
C GLY B 177 37.00 -5.27 -8.83
N SER B 178 37.46 -4.83 -7.67
CA SER B 178 37.74 -5.75 -6.59
C SER B 178 36.46 -6.06 -5.81
N ILE B 179 36.39 -7.30 -5.33
CA ILE B 179 35.24 -7.76 -4.56
C ILE B 179 35.37 -7.28 -3.12
N GLU B 180 34.52 -6.33 -2.75
CA GLU B 180 34.53 -5.77 -1.40
C GLU B 180 33.53 -6.45 -0.46
N ALA B 181 32.67 -7.29 -1.01
CA ALA B 181 31.68 -8.00 -0.21
C ALA B 181 30.99 -9.10 -1.00
N PRO B 182 30.82 -10.28 -0.39
CA PRO B 182 30.18 -11.43 -1.03
C PRO B 182 28.75 -11.09 -1.45
N ALA B 183 28.18 -11.94 -2.30
CA ALA B 183 26.81 -11.76 -2.79
C ALA B 183 25.85 -12.26 -1.72
N GLY B 184 24.59 -11.90 -1.86
CA GLY B 184 23.59 -12.33 -0.90
C GLY B 184 23.31 -13.82 -0.99
N GLU B 185 22.07 -14.20 -0.69
CA GLU B 185 21.68 -15.60 -0.75
C GLU B 185 21.15 -15.91 -2.15
N LYS B 186 21.18 -17.18 -2.53
CA LYS B 186 20.70 -17.58 -3.85
C LYS B 186 19.35 -18.29 -3.78
N GLU B 187 18.53 -18.11 -4.81
CA GLU B 187 17.23 -18.76 -4.87
C GLU B 187 17.18 -19.67 -6.09
N PHE B 188 16.69 -20.89 -5.91
CA PHE B 188 16.56 -21.84 -7.01
C PHE B 188 15.14 -22.37 -7.07
N MSE B 189 14.61 -22.53 -8.27
CA MSE B 189 13.26 -23.06 -8.44
C MSE B 189 13.27 -24.57 -8.20
O MSE B 189 14.33 -25.17 -8.04
CB MSE B 189 12.76 -22.79 -9.86
CG MSE B 189 13.48 -23.60 -10.95
SE MSE B 189 12.84 -23.23 -12.75
CE MSE B 189 11.28 -24.38 -12.76
N ALA B 190 12.09 -25.17 -8.17
CA ALA B 190 11.98 -26.61 -7.96
C ALA B 190 12.52 -27.37 -9.18
N ASP B 191 13.58 -28.15 -8.97
CA ASP B 191 14.17 -28.95 -10.05
C ASP B 191 13.20 -29.89 -10.76
N GLN B 192 12.23 -30.43 -10.03
CA GLN B 192 11.28 -31.34 -10.65
C GLN B 192 10.37 -30.58 -11.62
N GLU B 193 10.45 -29.26 -11.56
CA GLU B 193 9.65 -28.45 -12.47
C GLU B 193 10.52 -28.00 -13.64
N ARG B 194 11.84 -28.04 -13.44
CA ARG B 194 12.81 -27.59 -14.44
C ARG B 194 13.42 -28.64 -15.36
N PHE B 195 13.56 -29.87 -14.90
CA PHE B 195 14.19 -30.92 -15.68
C PHE B 195 13.35 -32.19 -15.82
N LYS B 196 13.74 -33.03 -16.79
CA LYS B 196 13.12 -34.35 -17.02
C LYS B 196 14.21 -35.28 -17.59
N VAL B 197 14.24 -36.53 -17.12
CA VAL B 197 15.23 -37.50 -17.58
C VAL B 197 14.56 -38.81 -18.05
N PHE B 198 14.94 -39.28 -19.23
CA PHE B 198 14.36 -40.50 -19.80
C PHE B 198 15.46 -41.40 -20.38
N GLY B 199 15.39 -42.69 -20.09
CA GLY B 199 16.37 -43.62 -20.61
C GLY B 199 17.46 -43.98 -19.62
N ASP B 200 18.27 -44.97 -19.95
CA ASP B 200 19.36 -45.43 -19.10
C ASP B 200 20.59 -45.72 -19.98
N LEU B 201 21.76 -45.77 -19.36
CA LEU B 201 22.99 -46.07 -20.08
C LEU B 201 22.99 -47.54 -20.49
N GLU B 202 23.69 -47.85 -21.58
CA GLU B 202 23.77 -49.21 -22.09
C GLU B 202 24.64 -50.08 -21.17
N SER C 2 -16.24 46.22 16.56
CA SER C 2 -16.86 45.08 17.30
C SER C 2 -16.13 43.77 16.99
N ASN C 3 -15.69 43.07 18.02
CA ASN C 3 -14.97 41.80 17.87
C ASN C 3 -15.73 40.63 18.50
N PHE C 4 -15.09 39.47 18.55
CA PHE C 4 -15.71 38.27 19.13
C PHE C 4 -16.25 38.49 20.54
N LEU C 5 -15.43 39.07 21.39
CA LEU C 5 -15.83 39.34 22.77
C LEU C 5 -17.19 40.03 22.81
N ASP C 6 -17.40 41.02 21.95
CA ASP C 6 -18.69 41.73 21.92
C ASP C 6 -19.81 40.75 21.60
N LEU C 7 -19.59 39.89 20.61
CA LEU C 7 -20.59 38.89 20.24
C LEU C 7 -20.80 37.94 21.40
N GLN C 8 -19.74 37.64 22.14
CA GLN C 8 -19.90 36.72 23.26
C GLN C 8 -20.80 37.26 24.34
N LYS C 9 -20.60 38.54 24.69
CA LYS C 9 -21.39 39.17 25.74
C LYS C 9 -22.85 39.33 25.33
N GLN C 10 -23.08 39.45 24.03
CA GLN C 10 -24.43 39.60 23.52
C GLN C 10 -25.19 38.28 23.68
N ARG C 11 -24.52 37.15 23.44
CA ARG C 11 -25.15 35.85 23.57
C ARG C 11 -25.54 35.51 25.00
N ARG C 12 -26.82 35.25 25.21
CA ARG C 12 -27.32 34.91 26.52
C ARG C 12 -28.50 33.99 26.36
N SER C 13 -28.90 33.36 27.47
CA SER C 13 -30.06 32.48 27.46
C SER C 13 -31.29 33.38 27.50
N ILE C 14 -32.14 33.25 26.50
CA ILE C 14 -33.36 34.04 26.41
C ILE C 14 -34.56 33.14 26.62
N TYR C 15 -35.33 33.45 27.65
CA TYR C 15 -36.51 32.69 28.00
C TYR C 15 -37.81 33.38 27.57
N ALA C 16 -37.69 34.54 26.94
CA ALA C 16 -38.86 35.27 26.44
C ALA C 16 -38.70 35.35 24.93
N LEU C 17 -39.18 34.33 24.24
CA LEU C 17 -39.06 34.24 22.79
C LEU C 17 -40.32 34.69 22.07
N GLY C 18 -40.14 35.19 20.85
CA GLY C 18 -41.28 35.64 20.06
C GLY C 18 -41.31 34.93 18.72
N LYS C 19 -42.19 35.38 17.83
CA LYS C 19 -42.31 34.75 16.52
C LYS C 19 -41.77 35.68 15.44
N THR C 20 -41.44 36.91 15.82
CA THR C 20 -40.96 37.90 14.86
C THR C 20 -39.50 37.85 14.46
N VAL C 21 -39.20 36.98 13.52
CA VAL C 21 -37.84 36.84 13.01
C VAL C 21 -37.92 37.11 11.52
N ASP C 22 -37.15 38.11 11.05
CA ASP C 22 -37.14 38.48 9.64
C ASP C 22 -36.22 37.64 8.77
N LEU C 23 -36.21 36.34 9.02
CA LEU C 23 -35.37 35.43 8.24
C LEU C 23 -36.24 34.28 7.77
N SER C 24 -36.01 33.85 6.54
CA SER C 24 -36.78 32.76 5.96
C SER C 24 -36.29 31.39 6.42
N LYS C 25 -37.13 30.38 6.24
CA LYS C 25 -36.76 29.03 6.62
C LYS C 25 -35.43 28.70 5.97
N ALA C 26 -35.31 29.00 4.67
CA ALA C 26 -34.08 28.69 3.97
C ALA C 26 -32.87 29.36 4.61
N GLU C 27 -33.05 30.59 5.07
CA GLU C 27 -31.98 31.34 5.71
C GLU C 27 -31.63 30.78 7.09
N LEU C 28 -32.65 30.39 7.85
CA LEU C 28 -32.43 29.84 9.18
C LEU C 28 -31.74 28.49 9.11
N VAL C 29 -32.20 27.64 8.19
CA VAL C 29 -31.61 26.32 8.02
C VAL C 29 -30.14 26.42 7.68
N ALA C 30 -29.82 27.26 6.70
CA ALA C 30 -28.44 27.46 6.29
C ALA C 30 -27.62 28.03 7.44
N LEU C 31 -28.21 28.96 8.19
CA LEU C 31 -27.51 29.59 9.31
C LEU C 31 -27.14 28.53 10.34
N ILE C 32 -28.12 27.71 10.71
CA ILE C 32 -27.93 26.66 11.69
C ILE C 32 -26.96 25.58 11.21
N GLN C 33 -27.22 24.99 10.05
CA GLN C 33 -26.37 23.92 9.49
C GLN C 33 -24.92 24.34 9.26
N ASN C 34 -24.71 25.47 8.61
CA ASN C 34 -23.36 25.95 8.36
C ASN C 34 -22.57 26.18 9.64
N ALA C 35 -23.23 26.67 10.69
CA ALA C 35 -22.58 26.90 11.97
C ALA C 35 -22.15 25.57 12.58
N ILE C 36 -22.95 24.53 12.32
CA ILE C 36 -22.66 23.20 12.84
C ILE C 36 -21.50 22.56 12.08
N LYS C 37 -21.51 22.69 10.75
CA LYS C 37 -20.46 22.12 9.90
C LYS C 37 -19.08 22.74 10.20
N GLN C 38 -19.08 24.03 10.50
CA GLN C 38 -17.87 24.77 10.79
C GLN C 38 -17.37 24.50 12.21
N ALA C 39 -18.25 23.94 13.05
CA ALA C 39 -17.87 23.63 14.41
C ALA C 39 -16.94 22.40 14.37
N PRO C 40 -15.70 22.54 14.89
CA PRO C 40 -14.69 21.46 14.91
C PRO C 40 -15.03 20.24 15.78
N SER C 41 -14.55 19.07 15.38
CA SER C 41 -14.77 17.83 16.13
C SER C 41 -13.51 16.97 16.13
N ALA C 42 -13.37 16.13 17.14
CA ALA C 42 -12.21 15.27 17.24
C ALA C 42 -11.98 14.47 15.96
N PHE C 43 -10.80 14.63 15.39
CA PHE C 43 -10.43 13.93 14.17
C PHE C 43 -11.42 14.18 13.03
N ASN C 44 -12.15 15.30 13.12
CA ASN C 44 -13.13 15.65 12.11
C ASN C 44 -14.12 14.50 11.99
N SER C 45 -14.40 13.86 13.12
CA SER C 45 -15.33 12.73 13.17
C SER C 45 -16.74 13.21 12.84
N GLN C 46 -16.96 14.52 13.01
CA GLN C 46 -18.25 15.15 12.72
C GLN C 46 -19.42 14.35 13.23
N THR C 47 -19.38 14.01 14.51
CA THR C 47 -20.43 13.19 15.13
C THR C 47 -21.74 13.91 15.46
N SER C 48 -21.80 15.21 15.21
CA SER C 48 -23.01 15.96 15.48
C SER C 48 -24.12 15.74 14.45
N ARG C 49 -25.37 15.60 14.90
CA ARG C 49 -26.53 15.44 14.03
C ARG C 49 -27.59 16.42 14.56
N ALA C 50 -28.41 16.98 13.67
CA ALA C 50 -29.43 17.94 14.09
C ALA C 50 -30.74 17.81 13.37
N LEU C 51 -31.82 18.02 14.10
CA LEU C 51 -33.18 17.99 13.57
C LEU C 51 -33.75 19.38 13.77
N VAL C 52 -33.98 20.13 12.71
CA VAL C 52 -34.55 21.47 12.85
C VAL C 52 -36.06 21.43 12.65
N LEU C 53 -36.82 21.95 13.62
CA LEU C 53 -38.28 21.98 13.55
C LEU C 53 -38.85 23.40 13.40
N PHE C 54 -39.89 23.54 12.56
CA PHE C 54 -40.54 24.84 12.33
C PHE C 54 -42.06 24.71 12.40
N GLY C 55 -42.75 25.84 12.59
CA GLY C 55 -44.19 25.80 12.64
C GLY C 55 -44.78 24.90 13.70
N GLN C 56 -45.74 24.05 13.31
CA GLN C 56 -46.38 23.16 14.27
C GLN C 56 -45.45 22.09 14.81
N ASP C 57 -44.54 21.61 13.97
CA ASP C 57 -43.61 20.58 14.39
C ASP C 57 -42.84 21.02 15.61
N SER C 58 -42.46 22.30 15.64
CA SER C 58 -41.72 22.90 16.73
C SER C 58 -42.58 23.01 17.97
N GLN C 59 -43.73 23.65 17.84
CA GLN C 59 -44.61 23.82 18.99
C GLN C 59 -45.15 22.50 19.53
N ASP C 60 -45.35 21.50 18.68
CA ASP C 60 -45.85 20.20 19.13
C ASP C 60 -44.77 19.43 19.89
N PHE C 61 -43.51 19.67 19.57
CA PHE C 61 -42.46 18.98 20.30
C PHE C 61 -42.58 19.30 21.77
N TRP C 62 -42.88 20.57 22.08
CA TRP C 62 -43.00 20.95 23.48
C TRP C 62 -44.39 20.69 24.08
N ASN C 63 -45.44 21.07 23.36
CA ASN C 63 -46.80 20.89 23.86
C ASN C 63 -47.38 19.49 23.71
N LYS C 64 -46.75 18.65 22.91
CA LYS C 64 -47.23 17.29 22.69
C LYS C 64 -46.29 16.23 23.28
N ILE C 65 -45.16 16.02 22.61
CA ILE C 65 -44.16 15.04 23.03
C ILE C 65 -43.62 15.31 24.44
N ALA C 66 -42.87 16.39 24.58
CA ALA C 66 -42.32 16.73 25.89
C ALA C 66 -43.43 16.85 26.93
N TYR C 67 -44.56 17.42 26.51
CA TYR C 67 -45.69 17.61 27.40
C TYR C 67 -46.22 16.31 27.99
N SER C 68 -46.48 15.33 27.12
CA SER C 68 -47.00 14.04 27.58
C SER C 68 -46.02 13.26 28.43
N GLU C 69 -44.75 13.29 28.05
CA GLU C 69 -43.71 12.57 28.79
C GLU C 69 -43.52 13.15 30.18
N LEU C 70 -43.60 14.47 30.30
CA LEU C 70 -43.43 15.12 31.59
C LEU C 70 -44.63 14.98 32.53
N GLU C 71 -45.84 15.01 31.97
CA GLU C 71 -47.04 14.89 32.80
C GLU C 71 -47.10 13.55 33.52
N LYS C 72 -46.17 12.67 33.19
CA LYS C 72 -46.12 11.35 33.82
C LYS C 72 -45.18 11.31 35.01
N VAL C 73 -44.20 12.22 35.03
CA VAL C 73 -43.25 12.27 36.13
C VAL C 73 -43.33 13.61 36.86
N THR C 74 -44.51 14.21 36.88
CA THR C 74 -44.70 15.48 37.53
C THR C 74 -46.02 15.53 38.31
N PRO C 75 -45.97 15.97 39.58
CA PRO C 75 -47.18 16.04 40.41
C PRO C 75 -48.24 16.93 39.77
N ALA C 76 -49.51 16.53 39.89
CA ALA C 76 -50.61 17.30 39.31
C ALA C 76 -50.54 18.79 39.65
N GLU C 77 -50.16 19.10 40.88
CA GLU C 77 -50.07 20.49 41.32
C GLU C 77 -49.00 21.28 40.59
N ALA C 78 -47.95 20.60 40.14
CA ALA C 78 -46.86 21.26 39.43
C ALA C 78 -47.07 21.15 37.93
N PHE C 79 -47.98 20.27 37.53
CA PHE C 79 -48.29 20.04 36.12
C PHE C 79 -48.60 21.36 35.40
N ALA C 80 -49.42 22.19 36.04
CA ALA C 80 -49.82 23.49 35.49
C ALA C 80 -48.63 24.36 35.15
N GLY C 81 -47.70 24.47 36.09
CA GLY C 81 -46.52 25.28 35.88
C GLY C 81 -45.67 24.77 34.72
N THR C 82 -45.71 23.46 34.50
CA THR C 82 -44.95 22.85 33.43
C THR C 82 -45.55 23.20 32.07
N LYS C 83 -46.87 23.16 32.00
CA LYS C 83 -47.58 23.48 30.76
C LYS C 83 -47.21 24.86 30.24
N ALA C 84 -47.16 25.85 31.13
CA ALA C 84 -46.81 27.22 30.75
C ALA C 84 -45.37 27.30 30.28
N LYS C 85 -44.48 26.58 30.96
CA LYS C 85 -43.07 26.55 30.64
C LYS C 85 -42.90 26.01 29.23
N LEU C 86 -43.59 24.92 28.93
CA LEU C 86 -43.49 24.29 27.61
C LEU C 86 -44.11 25.21 26.55
N GLU C 87 -44.94 26.13 27.01
CA GLU C 87 -45.58 27.04 26.10
C GLU C 87 -44.59 28.12 25.67
N SER C 88 -43.90 28.71 26.65
CA SER C 88 -42.91 29.75 26.39
C SER C 88 -41.81 29.26 25.45
N PHE C 89 -41.57 27.95 25.40
CA PHE C 89 -40.55 27.42 24.50
C PHE C 89 -41.14 27.33 23.09
N ALA C 90 -42.39 26.89 23.00
CA ALA C 90 -43.07 26.74 21.72
C ALA C 90 -43.48 28.11 21.15
N ALA C 91 -43.33 29.16 21.95
CA ALA C 91 -43.69 30.50 21.50
C ALA C 91 -42.64 31.05 20.53
N GLY C 92 -41.60 30.27 20.26
CA GLY C 92 -40.55 30.73 19.36
C GLY C 92 -40.84 30.38 17.91
N VAL C 93 -39.85 30.58 17.05
CA VAL C 93 -40.04 30.29 15.63
C VAL C 93 -39.72 28.83 15.26
N GLY C 94 -38.86 28.20 16.07
CA GLY C 94 -38.50 26.83 15.81
C GLY C 94 -37.74 26.13 16.93
N THR C 95 -37.38 24.89 16.69
CA THR C 95 -36.66 24.13 17.70
C THR C 95 -35.57 23.32 17.04
N ILE C 96 -34.41 23.25 17.69
CA ILE C 96 -33.27 22.51 17.16
C ILE C 96 -32.99 21.32 18.07
N LEU C 97 -32.88 20.14 17.50
CA LEU C 97 -32.60 18.93 18.27
C LEU C 97 -31.19 18.45 17.89
N LEU C 98 -30.29 18.49 18.86
CA LEU C 98 -28.90 18.10 18.65
C LEU C 98 -28.64 16.68 19.14
N PHE C 99 -28.02 15.86 18.29
CA PHE C 99 -27.74 14.46 18.60
C PHE C 99 -26.24 14.15 18.41
N GLU C 100 -25.79 13.02 18.97
CA GLU C 100 -24.41 12.58 18.75
C GLU C 100 -24.48 11.17 18.19
N ASP C 101 -23.96 11.02 16.99
CA ASP C 101 -23.95 9.76 16.29
C ASP C 101 -23.07 8.75 17.05
N GLN C 102 -23.73 7.86 17.79
CA GLN C 102 -23.07 6.81 18.58
C GLN C 102 -22.34 5.76 17.73
N ALA C 103 -22.81 5.52 16.50
CA ALA C 103 -22.15 4.54 15.64
C ALA C 103 -20.71 4.99 15.32
N VAL C 104 -20.53 6.28 15.09
CA VAL C 104 -19.21 6.82 14.77
C VAL C 104 -18.27 6.74 16.00
N VAL C 105 -18.81 7.05 17.18
CA VAL C 105 -18.03 7.01 18.41
C VAL C 105 -17.51 5.61 18.74
N ARG C 106 -18.38 4.61 18.64
CA ARG C 106 -18.00 3.22 18.91
C ARG C 106 -16.96 2.74 17.91
N ASN C 107 -17.17 3.06 16.65
CA ASN C 107 -16.24 2.65 15.63
C ASN C 107 -14.85 3.24 15.92
N LEU C 108 -14.78 4.47 16.42
CA LEU C 108 -13.49 5.06 16.73
C LEU C 108 -12.90 4.39 17.97
N GLU C 109 -13.78 3.91 18.86
CA GLU C 109 -13.33 3.21 20.07
C GLU C 109 -12.70 1.87 19.66
N GLU C 110 -13.30 1.19 18.69
CA GLU C 110 -12.77 -0.11 18.22
C GLU C 110 -11.45 0.05 17.46
N ASN C 111 -11.42 0.99 16.52
CA ASN C 111 -10.21 1.19 15.73
C ASN C 111 -9.03 1.81 16.47
N PHE C 112 -9.28 2.40 17.62
CA PHE C 112 -8.22 3.03 18.40
C PHE C 112 -8.42 2.67 19.86
N PRO C 113 -8.22 1.39 20.22
CA PRO C 113 -8.39 0.90 21.59
C PRO C 113 -7.44 1.53 22.61
N LEU C 114 -6.38 2.18 22.11
CA LEU C 114 -5.43 2.84 22.97
C LEU C 114 -6.02 4.11 23.60
N TYR C 115 -6.98 4.73 22.90
CA TYR C 115 -7.62 5.96 23.38
C TYR C 115 -9.14 5.80 23.50
N ALA C 116 -9.60 4.55 23.50
CA ALA C 116 -11.01 4.25 23.60
C ALA C 116 -11.84 5.16 24.50
N GLU C 117 -11.39 5.40 25.72
CA GLU C 117 -12.13 6.23 26.67
C GLU C 117 -12.17 7.73 26.37
N ASN C 118 -11.42 8.18 25.37
CA ASN C 118 -11.41 9.60 25.03
C ASN C 118 -12.57 10.02 24.13
N PHE C 119 -13.03 9.09 23.28
CA PHE C 119 -14.09 9.40 22.34
C PHE C 119 -15.41 9.89 22.91
N GLN C 120 -15.98 9.19 23.89
CA GLN C 120 -17.24 9.66 24.47
C GLN C 120 -17.11 11.10 24.99
N PRO C 121 -16.03 11.40 25.73
CA PRO C 121 -15.80 12.75 26.25
C PRO C 121 -15.65 13.76 25.12
N TRP C 122 -14.94 13.36 24.07
CA TRP C 122 -14.72 14.22 22.92
C TRP C 122 -16.01 14.46 22.17
N SER C 123 -16.92 13.50 22.23
CA SER C 123 -18.20 13.58 21.56
C SER C 123 -19.06 14.63 22.30
N GLU C 124 -19.02 14.57 23.63
CA GLU C 124 -19.75 15.53 24.44
C GLU C 124 -19.15 16.92 24.16
N GLN C 125 -17.83 17.02 24.13
CA GLN C 125 -17.18 18.30 23.87
C GLN C 125 -17.55 18.82 22.47
N ALA C 126 -17.65 17.90 21.51
CA ALA C 126 -18.03 18.26 20.15
C ALA C 126 -19.46 18.83 20.14
N HIS C 127 -20.34 18.30 20.98
CA HIS C 127 -21.73 18.77 21.07
C HIS C 127 -21.80 20.18 21.65
N GLY C 128 -21.06 20.41 22.74
CA GLY C 128 -21.05 21.73 23.36
C GLY C 128 -20.61 22.76 22.34
N ILE C 129 -19.61 22.39 21.56
CA ILE C 129 -19.05 23.25 20.53
C ILE C 129 -20.06 23.56 19.42
N ALA C 130 -20.87 22.56 19.07
CA ALA C 130 -21.88 22.75 18.04
C ALA C 130 -22.94 23.67 18.64
N LEU C 131 -23.34 23.39 19.88
CA LEU C 131 -24.32 24.21 20.59
C LEU C 131 -23.88 25.67 20.64
N TYR C 132 -22.66 25.90 21.13
CA TYR C 132 -22.13 27.25 21.24
C TYR C 132 -22.00 27.94 19.87
N ALA C 133 -21.67 27.17 18.83
CA ALA C 133 -21.54 27.73 17.48
C ALA C 133 -22.89 28.30 17.00
N ILE C 134 -23.95 27.52 17.22
CA ILE C 134 -25.30 27.92 16.83
C ILE C 134 -25.76 29.12 17.67
N TRP C 135 -25.54 29.01 18.97
CA TRP C 135 -25.92 30.04 19.92
C TRP C 135 -25.32 31.40 19.50
N LEU C 136 -24.07 31.35 19.05
CA LEU C 136 -23.35 32.54 18.61
C LEU C 136 -23.89 33.07 17.28
N ALA C 137 -24.06 32.19 16.30
CA ALA C 137 -24.57 32.59 14.98
C ALA C 137 -25.94 33.26 15.12
N LEU C 138 -26.84 32.63 15.87
CA LEU C 138 -28.17 33.20 16.04
C LEU C 138 -28.14 34.50 16.83
N ALA C 139 -27.30 34.56 17.87
CA ALA C 139 -27.20 35.76 18.69
C ALA C 139 -26.78 36.99 17.88
N GLU C 140 -25.95 36.76 16.85
CA GLU C 140 -25.49 37.85 16.02
C GLU C 140 -26.63 38.40 15.14
N GLN C 141 -27.68 37.59 14.98
CA GLN C 141 -28.83 38.01 14.18
C GLN C 141 -29.97 38.37 15.10
N ASN C 142 -29.64 38.64 16.36
CA ASN C 142 -30.64 39.01 17.37
C ASN C 142 -31.75 37.98 17.54
N ILE C 143 -31.41 36.71 17.41
CA ILE C 143 -32.37 35.64 17.57
C ILE C 143 -32.05 34.98 18.92
N GLY C 144 -33.05 34.93 19.79
CA GLY C 144 -32.83 34.33 21.10
C GLY C 144 -33.06 32.83 21.12
N MSE C 145 -32.52 32.18 22.13
CA MSE C 145 -32.68 30.74 22.30
C MSE C 145 -32.15 30.30 23.66
O MSE C 145 -31.31 30.97 24.25
CB MSE C 145 -31.84 30.00 21.25
CG MSE C 145 -30.34 30.07 21.49
SE MSE C 145 -29.39 29.04 20.17
CE MSE C 145 -28.61 27.70 21.33
N SER C 146 -32.66 29.17 24.15
CA SER C 146 -32.19 28.61 25.40
C SER C 146 -31.86 27.15 25.08
N VAL C 147 -31.19 26.47 26.01
CA VAL C 147 -30.86 25.05 25.84
C VAL C 147 -31.63 24.24 26.88
N GLN C 148 -32.37 23.24 26.43
CA GLN C 148 -33.14 22.43 27.36
C GLN C 148 -32.68 20.98 27.33
N HIS C 149 -33.11 20.22 28.32
CA HIS C 149 -32.75 18.82 28.39
C HIS C 149 -33.89 17.97 28.91
N TYR C 150 -34.77 17.57 28.00
CA TYR C 150 -35.89 16.72 28.34
C TYR C 150 -35.58 15.29 27.89
N ASN C 151 -34.32 15.09 27.50
CA ASN C 151 -33.82 13.77 27.11
C ASN C 151 -33.40 13.15 28.44
N PRO C 152 -33.48 11.80 28.55
CA PRO C 152 -33.91 10.90 27.48
C PRO C 152 -35.42 10.66 27.40
N LEU C 153 -36.19 11.34 28.23
CA LEU C 153 -37.65 11.17 28.24
C LEU C 153 -38.35 11.30 26.89
N VAL C 154 -37.88 12.20 26.03
CA VAL C 154 -38.48 12.41 24.71
C VAL C 154 -37.78 11.64 23.60
N ASP C 155 -36.70 10.97 23.95
CA ASP C 155 -35.93 10.19 22.98
C ASP C 155 -36.76 9.32 22.05
N ALA C 156 -37.55 8.42 22.63
CA ALA C 156 -38.35 7.50 21.84
C ALA C 156 -39.34 8.20 20.91
N GLN C 157 -40.15 9.10 21.44
CA GLN C 157 -41.12 9.80 20.59
C GLN C 157 -40.50 10.58 19.45
N VAL C 158 -39.35 11.20 19.69
CA VAL C 158 -38.68 11.98 18.68
C VAL C 158 -38.15 11.11 17.55
N ALA C 159 -37.50 10.02 17.92
CA ALA C 159 -36.94 9.13 16.92
C ALA C 159 -38.06 8.46 16.12
N GLU C 160 -39.13 8.09 16.82
CA GLU C 160 -40.26 7.44 16.16
C GLU C 160 -40.98 8.36 15.19
N LYS C 161 -41.21 9.59 15.62
CA LYS C 161 -41.91 10.58 14.81
C LYS C 161 -41.16 11.03 13.56
N TYR C 162 -39.84 11.05 13.63
CA TYR C 162 -39.07 11.53 12.49
C TYR C 162 -38.15 10.50 11.84
N ASP C 163 -38.37 9.23 12.16
CA ASP C 163 -37.55 8.15 11.62
C ASP C 163 -36.07 8.39 11.84
N LEU C 164 -35.71 8.68 13.08
CA LEU C 164 -34.31 8.93 13.40
C LEU C 164 -33.60 7.63 13.77
N PRO C 165 -32.39 7.43 13.24
CA PRO C 165 -31.63 6.21 13.54
C PRO C 165 -31.45 6.04 15.05
N THR C 166 -31.32 4.79 15.49
CA THR C 166 -31.13 4.50 16.91
C THR C 166 -29.77 4.99 17.43
N ASN C 167 -28.80 5.18 16.54
CA ASN C 167 -27.48 5.63 16.97
C ASN C 167 -27.40 7.15 17.23
N TRP C 168 -28.51 7.84 17.00
CA TRP C 168 -28.61 9.28 17.22
C TRP C 168 -29.04 9.52 18.67
N LYS C 169 -28.08 9.76 19.55
CA LYS C 169 -28.44 9.98 20.93
C LYS C 169 -28.71 11.46 21.21
N MSE C 170 -29.94 11.72 21.62
CA MSE C 170 -30.41 13.06 21.96
C MSE C 170 -29.53 13.67 23.05
O MSE C 170 -29.30 13.05 24.08
CB MSE C 170 -31.86 12.96 22.44
CG MSE C 170 -32.43 14.27 22.90
SE MSE C 170 -32.55 15.43 21.39
CE MSE C 170 -34.48 15.58 21.32
N ARG C 171 -29.05 14.89 22.81
CA ARG C 171 -28.21 15.62 23.78
C ARG C 171 -28.83 16.96 24.20
N ALA C 172 -29.63 17.57 23.32
CA ALA C 172 -30.27 18.84 23.68
C ALA C 172 -31.40 19.26 22.77
N GLN C 173 -32.30 20.10 23.29
CA GLN C 173 -33.42 20.62 22.51
C GLN C 173 -33.41 22.14 22.68
N ILE C 174 -33.22 22.86 21.59
CA ILE C 174 -33.10 24.32 21.62
C ILE C 174 -34.25 25.08 20.96
N PRO C 175 -35.02 25.83 21.75
CA PRO C 175 -36.13 26.61 21.19
C PRO C 175 -35.55 27.99 20.88
N PHE C 176 -35.80 28.51 19.67
CA PHE C 176 -35.29 29.84 19.33
C PHE C 176 -36.38 30.72 18.73
N GLY C 177 -36.11 32.02 18.73
CA GLY C 177 -37.07 32.98 18.21
C GLY C 177 -36.59 34.41 18.43
N SER C 178 -37.52 35.37 18.39
CA SER C 178 -37.16 36.77 18.58
C SER C 178 -37.01 37.04 20.06
N ILE C 179 -36.14 37.99 20.41
CA ILE C 179 -35.91 38.35 21.80
C ILE C 179 -37.03 39.29 22.29
N GLU C 180 -37.94 38.76 23.09
CA GLU C 180 -39.04 39.55 23.63
C GLU C 180 -38.70 40.24 24.93
N ALA C 181 -37.51 39.94 25.46
CA ALA C 181 -37.04 40.52 26.71
C ALA C 181 -35.61 40.09 27.00
N PRO C 182 -34.69 41.05 27.20
CA PRO C 182 -33.27 40.78 27.50
C PRO C 182 -33.12 39.99 28.79
N ALA C 183 -32.01 39.26 28.90
CA ALA C 183 -31.76 38.46 30.10
C ALA C 183 -31.35 39.34 31.27
N GLY C 184 -31.38 38.77 32.48
CA GLY C 184 -31.00 39.54 33.65
C GLY C 184 -29.49 39.54 33.87
N GLU C 185 -29.07 39.79 35.10
CA GLU C 185 -27.64 39.80 35.41
C GLU C 185 -27.11 38.37 35.60
N LYS C 186 -25.83 38.20 35.28
CA LYS C 186 -25.18 36.91 35.39
C LYS C 186 -24.02 37.03 36.38
N GLU C 187 -23.91 36.07 37.28
CA GLU C 187 -22.84 36.09 38.27
C GLU C 187 -21.56 35.44 37.76
N PHE C 188 -20.41 36.01 38.12
CA PHE C 188 -19.13 35.46 37.71
C PHE C 188 -18.28 35.08 38.91
N MSE C 189 -17.55 33.98 38.80
CA MSE C 189 -16.72 33.53 39.91
C MSE C 189 -15.39 34.29 39.94
O MSE C 189 -14.97 34.86 38.93
CB MSE C 189 -16.48 32.01 39.86
CG MSE C 189 -15.53 31.54 38.75
SE MSE C 189 -14.95 29.66 38.91
CE MSE C 189 -13.63 29.83 40.32
N ALA C 190 -14.75 34.30 41.10
CA ALA C 190 -13.47 34.99 41.27
C ALA C 190 -12.42 34.44 40.30
N ASP C 191 -11.82 35.34 39.51
CA ASP C 191 -10.80 34.95 38.54
C ASP C 191 -9.54 34.36 39.20
N GLN C 192 -9.26 34.77 40.42
CA GLN C 192 -8.09 34.30 41.14
C GLN C 192 -8.17 32.80 41.40
N GLU C 193 -9.38 32.31 41.68
CA GLU C 193 -9.56 30.88 41.93
C GLU C 193 -9.88 30.11 40.64
N ARG C 194 -9.82 30.80 39.50
CA ARG C 194 -10.12 30.17 38.22
C ARG C 194 -8.97 30.10 37.24
N PHE C 195 -8.18 31.17 37.17
CA PHE C 195 -7.07 31.21 36.23
C PHE C 195 -5.72 31.31 36.93
N LYS C 196 -4.67 30.91 36.21
CA LYS C 196 -3.30 30.98 36.71
C LYS C 196 -2.37 31.24 35.53
N VAL C 197 -1.38 32.12 35.72
CA VAL C 197 -0.43 32.44 34.66
C VAL C 197 1.01 32.26 35.13
N PHE C 198 1.83 31.65 34.28
CA PHE C 198 3.23 31.40 34.59
C PHE C 198 4.08 31.55 33.35
N GLY C 199 5.29 32.08 33.53
CA GLY C 199 6.19 32.26 32.40
C GLY C 199 6.18 33.68 31.89
N ASP C 200 7.13 34.01 31.02
CA ASP C 200 7.23 35.35 30.47
C ASP C 200 7.12 35.34 28.95
N LEU C 201 6.51 36.38 28.39
CA LEU C 201 6.35 36.49 26.94
C LEU C 201 7.67 36.84 26.25
N GLU C 202 8.23 37.99 26.65
CA GLU C 202 9.49 38.49 26.11
C GLU C 202 9.67 38.29 24.60
N SER D 2 -18.67 40.42 7.21
CA SER D 2 -17.73 39.83 8.21
C SER D 2 -18.47 39.34 9.47
N ASN D 3 -19.41 38.42 9.27
CA ASN D 3 -20.18 37.87 10.38
C ASN D 3 -19.51 36.66 11.04
N PHE D 4 -20.23 36.04 11.98
CA PHE D 4 -19.72 34.89 12.71
C PHE D 4 -19.24 33.78 11.78
N LEU D 5 -20.02 33.52 10.74
CA LEU D 5 -19.67 32.51 9.76
C LEU D 5 -18.27 32.72 9.21
N ASP D 6 -17.91 33.97 8.91
CA ASP D 6 -16.58 34.25 8.36
C ASP D 6 -15.51 33.89 9.37
N LEU D 7 -15.74 34.26 10.63
CA LEU D 7 -14.79 33.95 11.68
C LEU D 7 -14.65 32.44 11.84
N GLN D 8 -15.77 31.71 11.75
CA GLN D 8 -15.73 30.24 11.89
C GLN D 8 -14.85 29.64 10.81
N LYS D 9 -14.90 30.21 9.61
CA LYS D 9 -14.11 29.71 8.49
C LYS D 9 -12.62 30.02 8.63
N GLN D 10 -12.32 31.13 9.29
CA GLN D 10 -10.95 31.53 9.49
C GLN D 10 -10.30 30.63 10.54
N ARG D 11 -11.07 30.23 11.54
CA ARG D 11 -10.57 29.37 12.60
C ARG D 11 -10.21 27.99 12.08
N ARG D 12 -8.95 27.59 12.25
CA ARG D 12 -8.49 26.30 11.79
C ARG D 12 -7.34 25.77 12.67
N SER D 13 -7.21 24.45 12.73
CA SER D 13 -6.14 23.83 13.50
C SER D 13 -4.81 24.19 12.82
N ILE D 14 -3.95 24.92 13.53
CA ILE D 14 -2.66 25.31 12.98
C ILE D 14 -1.54 24.52 13.66
N TYR D 15 -0.83 23.72 12.87
CA TYR D 15 0.25 22.91 13.40
C TYR D 15 1.61 23.55 13.20
N ALA D 16 1.69 24.51 12.27
CA ALA D 16 2.94 25.20 12.02
C ALA D 16 2.88 26.52 12.76
N LEU D 17 3.34 26.52 14.00
CA LEU D 17 3.31 27.71 14.84
C LEU D 17 4.62 28.49 14.80
N GLY D 18 4.50 29.79 15.06
CA GLY D 18 5.65 30.68 15.08
C GLY D 18 5.62 31.51 16.35
N LYS D 19 6.63 32.35 16.56
CA LYS D 19 6.70 33.14 17.78
C LYS D 19 6.46 34.63 17.55
N THR D 20 6.00 34.97 16.35
CA THR D 20 5.72 36.35 15.98
C THR D 20 4.27 36.71 16.22
N VAL D 21 3.98 37.22 17.41
CA VAL D 21 2.62 37.62 17.76
C VAL D 21 2.57 39.10 18.08
N ASP D 22 1.50 39.76 17.67
CA ASP D 22 1.33 41.18 17.90
C ASP D 22 0.39 41.50 19.06
N LEU D 23 0.72 40.98 20.24
CA LEU D 23 -0.08 41.21 21.44
C LEU D 23 0.80 41.03 22.67
N SER D 24 0.53 41.80 23.71
CA SER D 24 1.32 41.69 24.93
C SER D 24 0.78 40.61 25.86
N LYS D 25 1.57 40.31 26.89
CA LYS D 25 1.22 39.31 27.88
C LYS D 25 -0.14 39.63 28.50
N ALA D 26 -0.27 40.83 29.06
CA ALA D 26 -1.52 41.26 29.69
C ALA D 26 -2.69 41.23 28.73
N GLU D 27 -2.40 41.30 27.44
CA GLU D 27 -3.45 41.28 26.42
C GLU D 27 -3.90 39.86 26.08
N LEU D 28 -2.93 38.97 25.89
CA LEU D 28 -3.22 37.57 25.59
C LEU D 28 -3.94 36.91 26.76
N VAL D 29 -3.57 37.30 27.99
CA VAL D 29 -4.19 36.75 29.20
C VAL D 29 -5.65 37.22 29.32
N ALA D 30 -5.88 38.51 29.09
CA ALA D 30 -7.23 39.05 29.17
C ALA D 30 -8.10 38.49 28.04
N LEU D 31 -7.47 38.27 26.89
CA LEU D 31 -8.19 37.75 25.73
C LEU D 31 -8.63 36.30 25.96
N ILE D 32 -7.71 35.49 26.46
CA ILE D 32 -7.97 34.08 26.77
C ILE D 32 -8.98 33.94 27.90
N GLN D 33 -8.70 34.58 29.04
CA GLN D 33 -9.59 34.51 30.18
C GLN D 33 -10.98 35.07 29.94
N ASN D 34 -11.08 36.17 29.19
CA ASN D 34 -12.39 36.76 28.92
C ASN D 34 -13.22 35.86 28.03
N ALA D 35 -12.56 35.20 27.08
CA ALA D 35 -13.28 34.30 26.18
C ALA D 35 -13.80 33.12 26.97
N ILE D 36 -13.03 32.68 27.97
CA ILE D 36 -13.40 31.56 28.83
C ILE D 36 -14.53 31.91 29.79
N LYS D 37 -14.41 33.01 30.51
CA LYS D 37 -15.44 33.32 31.47
C LYS D 37 -16.76 33.73 30.81
N GLN D 38 -16.73 34.00 29.51
CA GLN D 38 -17.94 34.40 28.81
C GLN D 38 -18.62 33.16 28.21
N ALA D 39 -17.91 32.02 28.20
CA ALA D 39 -18.47 30.78 27.66
C ALA D 39 -19.46 30.19 28.67
N PRO D 40 -20.70 29.93 28.22
CA PRO D 40 -21.75 29.38 29.08
C PRO D 40 -21.49 28.00 29.65
N SER D 41 -22.05 27.78 30.84
CA SER D 41 -21.89 26.50 31.51
C SER D 41 -23.22 26.13 32.15
N ALA D 42 -23.49 24.83 32.27
CA ALA D 42 -24.74 24.34 32.86
C ALA D 42 -24.97 25.00 34.22
N PHE D 43 -26.19 25.47 34.44
CA PHE D 43 -26.55 26.14 35.68
C PHE D 43 -25.50 27.18 36.10
N ASN D 44 -24.77 27.68 35.11
CA ASN D 44 -23.73 28.67 35.37
C ASN D 44 -22.81 28.14 36.48
N SER D 45 -22.52 26.84 36.41
CA SER D 45 -21.66 26.17 37.39
C SER D 45 -20.19 26.62 37.25
N GLN D 46 -19.82 27.11 36.06
CA GLN D 46 -18.46 27.60 35.83
C GLN D 46 -17.40 26.62 36.33
N THR D 47 -17.43 25.41 35.80
CA THR D 47 -16.48 24.39 36.22
C THR D 47 -15.15 24.50 35.49
N SER D 48 -15.12 25.37 34.48
CA SER D 48 -13.93 25.60 33.70
C SER D 48 -12.79 26.27 34.48
N ARG D 49 -11.55 25.78 34.31
CA ARG D 49 -10.37 26.39 34.96
C ARG D 49 -9.27 26.34 33.90
N ALA D 50 -8.38 27.32 33.90
CA ALA D 50 -7.33 27.36 32.91
C ALA D 50 -5.97 27.81 33.42
N LEU D 51 -4.92 27.33 32.78
CA LEU D 51 -3.56 27.70 33.14
C LEU D 51 -2.84 28.17 31.89
N VAL D 52 -2.44 29.43 31.87
CA VAL D 52 -1.74 29.98 30.72
C VAL D 52 -0.24 30.00 31.01
N LEU D 53 0.54 29.30 30.18
CA LEU D 53 1.98 29.24 30.34
C LEU D 53 2.69 29.97 29.20
N PHE D 54 3.70 30.75 29.55
CA PHE D 54 4.47 31.51 28.57
C PHE D 54 5.95 31.14 28.62
N GLY D 55 6.70 31.60 27.62
CA GLY D 55 8.13 31.35 27.56
C GLY D 55 8.63 29.97 27.97
N GLN D 56 9.58 29.95 28.90
CA GLN D 56 10.19 28.72 29.38
C GLN D 56 9.19 27.69 29.89
N ASP D 57 8.14 28.15 30.54
CA ASP D 57 7.12 27.25 31.08
C ASP D 57 6.44 26.48 29.94
N SER D 58 6.05 27.19 28.88
CA SER D 58 5.41 26.58 27.73
C SER D 58 6.34 25.59 27.04
N GLN D 59 7.59 26.00 26.89
CA GLN D 59 8.62 25.19 26.25
C GLN D 59 8.86 23.92 27.06
N ASP D 60 8.98 24.06 28.37
CA ASP D 60 9.23 22.93 29.26
C ASP D 60 8.04 21.97 29.34
N PHE D 61 6.84 22.48 29.17
CA PHE D 61 5.67 21.62 29.25
C PHE D 61 5.74 20.53 28.20
N TRP D 62 6.20 20.88 27.01
CA TRP D 62 6.28 19.92 25.94
C TRP D 62 7.60 19.16 25.91
N ASN D 63 8.71 19.88 26.03
CA ASN D 63 10.02 19.25 25.96
C ASN D 63 10.49 18.56 27.24
N LYS D 64 9.82 18.85 28.35
CA LYS D 64 10.20 18.25 29.63
C LYS D 64 9.11 17.33 30.15
N ILE D 65 7.97 17.90 30.53
CA ILE D 65 6.85 17.11 31.06
C ILE D 65 6.27 16.11 30.05
N ALA D 66 5.75 16.63 28.93
CA ALA D 66 5.17 15.75 27.92
C ALA D 66 6.21 14.78 27.41
N TYR D 67 7.38 15.32 27.12
CA TYR D 67 8.49 14.54 26.61
C TYR D 67 8.84 13.38 27.54
N SER D 68 9.13 13.69 28.80
CA SER D 68 9.49 12.65 29.75
C SER D 68 8.44 11.57 29.84
N GLU D 69 7.19 11.98 30.05
CA GLU D 69 6.08 11.04 30.15
C GLU D 69 5.94 10.14 28.93
N LEU D 70 5.93 10.75 27.74
CA LEU D 70 5.80 9.98 26.50
C LEU D 70 6.99 9.08 26.22
N GLU D 71 8.14 9.44 26.78
CA GLU D 71 9.36 8.66 26.57
C GLU D 71 9.22 7.23 27.09
N LYS D 72 8.39 7.04 28.09
CA LYS D 72 8.20 5.71 28.66
C LYS D 72 6.89 5.02 28.25
N VAL D 73 6.41 5.36 27.06
CA VAL D 73 5.18 4.78 26.55
C VAL D 73 5.24 4.63 25.03
N THR D 74 6.06 5.48 24.40
CA THR D 74 6.21 5.47 22.95
C THR D 74 7.38 4.56 22.56
N PRO D 75 7.20 3.75 21.49
CA PRO D 75 8.25 2.84 21.02
C PRO D 75 9.57 3.56 20.78
N ALA D 76 10.66 2.80 20.78
CA ALA D 76 11.98 3.38 20.57
C ALA D 76 12.16 3.84 19.12
N GLU D 77 11.54 3.13 18.18
CA GLU D 77 11.63 3.45 16.76
C GLU D 77 10.52 4.40 16.33
N ALA D 78 9.69 4.81 17.30
CA ALA D 78 8.57 5.70 17.02
C ALA D 78 8.72 7.03 17.75
N PHE D 79 9.45 7.00 18.87
CA PHE D 79 9.66 8.20 19.67
C PHE D 79 10.40 9.28 18.89
N ALA D 80 11.06 8.88 17.79
CA ALA D 80 11.80 9.81 16.96
C ALA D 80 10.95 11.03 16.59
N GLY D 81 9.78 10.77 16.03
CA GLY D 81 8.89 11.84 15.62
C GLY D 81 8.19 12.50 16.79
N THR D 82 8.12 11.82 17.92
CA THR D 82 7.47 12.37 19.10
C THR D 82 8.17 13.65 19.55
N LYS D 83 9.49 13.59 19.67
CA LYS D 83 10.27 14.75 20.10
C LYS D 83 10.10 15.92 19.14
N ALA D 84 10.04 15.61 17.85
CA ALA D 84 9.89 16.65 16.83
C ALA D 84 8.47 17.23 16.91
N LYS D 85 7.49 16.37 17.17
CA LYS D 85 6.10 16.80 17.29
C LYS D 85 6.00 17.79 18.44
N LEU D 86 6.65 17.48 19.56
CA LEU D 86 6.62 18.33 20.76
C LEU D 86 7.34 19.64 20.46
N GLU D 87 8.32 19.55 19.58
CA GLU D 87 9.11 20.70 19.18
C GLU D 87 8.23 21.73 18.50
N SER D 88 7.47 21.28 17.52
CA SER D 88 6.58 22.18 16.78
C SER D 88 5.63 22.92 17.72
N PHE D 89 5.06 22.20 18.68
CA PHE D 89 4.15 22.83 19.62
C PHE D 89 4.84 23.92 20.44
N ALA D 90 6.03 23.61 20.94
CA ALA D 90 6.79 24.56 21.73
C ALA D 90 7.20 25.77 20.90
N ALA D 91 7.22 25.59 19.58
CA ALA D 91 7.59 26.66 18.67
C ALA D 91 6.63 27.85 18.74
N GLY D 92 5.54 27.67 19.49
CA GLY D 92 4.57 28.74 19.63
C GLY D 92 5.00 29.78 20.64
N VAL D 93 4.09 30.66 21.02
CA VAL D 93 4.40 31.72 21.97
C VAL D 93 3.93 31.36 23.38
N GLY D 94 3.16 30.27 23.48
CA GLY D 94 2.65 29.83 24.77
C GLY D 94 1.80 28.58 24.71
N THR D 95 1.24 28.19 25.85
CA THR D 95 0.40 27.00 25.93
C THR D 95 -0.72 27.19 26.93
N ILE D 96 -1.92 26.72 26.58
CA ILE D 96 -3.06 26.81 27.48
C ILE D 96 -3.44 25.44 27.99
N LEU D 97 -3.57 25.33 29.30
CA LEU D 97 -3.96 24.08 29.93
C LEU D 97 -5.39 24.27 30.43
N LEU D 98 -6.31 23.45 29.90
CA LEU D 98 -7.73 23.49 30.26
C LEU D 98 -8.10 22.33 31.17
N PHE D 99 -8.71 22.67 32.30
CA PHE D 99 -9.16 21.71 33.31
C PHE D 99 -10.65 21.88 33.63
N GLU D 100 -11.20 20.90 34.35
CA GLU D 100 -12.58 20.96 34.79
C GLU D 100 -12.52 20.62 36.29
N ASP D 101 -12.95 21.56 37.13
CA ASP D 101 -12.94 21.40 38.58
C ASP D 101 -13.93 20.31 39.01
N GLN D 102 -13.38 19.17 39.44
CA GLN D 102 -14.17 18.01 39.88
C GLN D 102 -14.86 18.20 41.22
N ALA D 103 -14.38 19.16 42.01
CA ALA D 103 -14.99 19.39 43.31
C ALA D 103 -16.38 20.00 43.08
N VAL D 104 -16.54 20.79 42.03
CA VAL D 104 -17.83 21.39 41.74
C VAL D 104 -18.77 20.37 41.13
N VAL D 105 -18.30 19.58 40.18
CA VAL D 105 -19.16 18.61 39.54
C VAL D 105 -19.69 17.58 40.54
N ARG D 106 -18.85 17.18 41.50
CA ARG D 106 -19.27 16.23 42.52
C ARG D 106 -20.31 16.88 43.42
N ASN D 107 -20.09 18.13 43.80
CA ASN D 107 -21.07 18.84 44.64
C ASN D 107 -22.43 18.95 43.93
N LEU D 108 -22.42 19.16 42.63
CA LEU D 108 -23.67 19.25 41.90
C LEU D 108 -24.40 17.89 41.93
N GLU D 109 -23.70 16.82 41.56
CA GLU D 109 -24.26 15.47 41.55
C GLU D 109 -24.88 15.08 42.89
N GLU D 110 -24.21 15.45 43.97
CA GLU D 110 -24.70 15.12 45.29
C GLU D 110 -25.89 15.96 45.72
N ASN D 111 -25.80 17.28 45.53
CA ASN D 111 -26.89 18.17 45.93
C ASN D 111 -28.07 18.22 44.97
N PHE D 112 -27.90 17.72 43.75
CA PHE D 112 -29.00 17.72 42.80
C PHE D 112 -29.07 16.35 42.11
N PRO D 113 -29.38 15.29 42.89
CA PRO D 113 -29.47 13.90 42.41
C PRO D 113 -30.36 13.67 41.20
N LEU D 114 -31.29 14.58 40.96
CA LEU D 114 -32.18 14.43 39.84
C LEU D 114 -31.40 14.54 38.53
N TYR D 115 -30.23 15.18 38.59
CA TYR D 115 -29.39 15.34 37.40
C TYR D 115 -28.05 14.62 37.60
N ALA D 116 -27.97 13.85 38.68
CA ALA D 116 -26.76 13.11 39.04
C ALA D 116 -25.81 12.70 37.91
N GLU D 117 -26.28 11.87 36.99
CA GLU D 117 -25.43 11.40 35.89
C GLU D 117 -25.34 12.33 34.68
N ASN D 118 -25.85 13.55 34.79
CA ASN D 118 -25.78 14.47 33.66
C ASN D 118 -24.66 15.50 33.79
N PHE D 119 -24.31 15.85 35.03
CA PHE D 119 -23.28 16.84 35.30
C PHE D 119 -21.92 16.53 34.64
N GLN D 120 -21.49 15.28 34.68
CA GLN D 120 -20.22 14.95 34.06
C GLN D 120 -20.24 15.23 32.53
N PRO D 121 -21.28 14.76 31.83
CA PRO D 121 -21.37 15.02 30.38
C PRO D 121 -21.50 16.54 30.10
N TRP D 122 -22.25 17.24 30.95
CA TRP D 122 -22.41 18.68 30.80
C TRP D 122 -21.08 19.39 31.09
N SER D 123 -20.27 18.77 31.93
CA SER D 123 -18.96 19.32 32.25
C SER D 123 -18.12 19.31 30.98
N GLU D 124 -18.00 18.15 30.33
CA GLU D 124 -17.26 17.99 29.09
C GLU D 124 -17.82 18.95 28.02
N GLN D 125 -19.14 19.12 27.97
CA GLN D 125 -19.71 20.02 26.97
C GLN D 125 -19.22 21.45 27.26
N ALA D 126 -19.22 21.84 28.54
CA ALA D 126 -18.77 23.18 28.93
C ALA D 126 -17.29 23.36 28.60
N HIS D 127 -16.51 22.28 28.75
CA HIS D 127 -15.10 22.33 28.41
C HIS D 127 -14.92 22.58 26.93
N GLY D 128 -15.77 21.93 26.12
CA GLY D 128 -15.70 22.12 24.69
C GLY D 128 -16.07 23.53 24.31
N ILE D 129 -17.05 24.08 25.02
CA ILE D 129 -17.51 25.45 24.79
C ILE D 129 -16.37 26.46 24.99
N ALA D 130 -15.63 26.30 26.08
CA ALA D 130 -14.52 27.20 26.39
C ALA D 130 -13.39 27.01 25.39
N LEU D 131 -13.16 25.77 25.01
CA LEU D 131 -12.12 25.47 24.05
C LEU D 131 -12.35 26.21 22.76
N TYR D 132 -13.59 26.17 22.27
CA TYR D 132 -13.97 26.81 21.03
C TYR D 132 -13.97 28.32 21.12
N ALA D 133 -14.37 28.85 22.28
CA ALA D 133 -14.41 30.30 22.50
C ALA D 133 -12.97 30.84 22.35
N ILE D 134 -12.03 30.21 23.03
CA ILE D 134 -10.63 30.62 22.93
C ILE D 134 -10.12 30.49 21.49
N TRP D 135 -10.52 29.39 20.85
CA TRP D 135 -10.13 29.12 19.47
C TRP D 135 -10.63 30.23 18.54
N LEU D 136 -11.84 30.70 18.81
CA LEU D 136 -12.44 31.76 18.00
C LEU D 136 -11.82 33.13 18.30
N ALA D 137 -11.63 33.42 19.58
CA ALA D 137 -11.03 34.67 20.04
C ALA D 137 -9.64 34.84 19.45
N LEU D 138 -8.79 33.82 19.61
CA LEU D 138 -7.44 33.88 19.08
C LEU D 138 -7.45 33.91 17.56
N ALA D 139 -8.38 33.18 16.95
CA ALA D 139 -8.44 33.14 15.50
C ALA D 139 -8.66 34.55 14.90
N GLU D 140 -9.54 35.34 15.51
CA GLU D 140 -9.83 36.68 15.03
C GLU D 140 -8.62 37.61 15.16
N GLN D 141 -7.71 37.28 16.06
CA GLN D 141 -6.51 38.08 16.28
C GLN D 141 -5.35 37.54 15.45
N ASN D 142 -5.65 36.70 14.48
CA ASN D 142 -4.63 36.10 13.63
C ASN D 142 -3.61 35.29 14.45
N ILE D 143 -4.12 34.54 15.42
CA ILE D 143 -3.29 33.70 16.26
C ILE D 143 -3.78 32.27 16.12
N GLY D 144 -2.90 31.40 15.63
CA GLY D 144 -3.28 30.01 15.45
C GLY D 144 -3.03 29.15 16.66
N MSE D 145 -3.58 27.95 16.65
CA MSE D 145 -3.44 27.02 17.74
C MSE D 145 -4.00 25.64 17.36
O MSE D 145 -4.72 25.51 16.37
CB MSE D 145 -4.20 27.52 18.98
CG MSE D 145 -5.72 27.54 18.80
SE MSE D 145 -6.70 28.01 20.41
CE MSE D 145 -7.62 26.35 20.78
N SER D 146 -3.63 24.64 18.15
CA SER D 146 -4.11 23.29 17.97
C SER D 146 -4.53 22.81 19.34
N VAL D 147 -5.22 21.69 19.41
CA VAL D 147 -5.65 21.16 20.69
C VAL D 147 -5.00 19.79 20.84
N GLN D 148 -4.34 19.56 21.96
CA GLN D 148 -3.68 18.27 22.21
C GLN D 148 -4.20 17.57 23.46
N HIS D 149 -4.06 16.26 23.50
CA HIS D 149 -4.52 15.48 24.64
C HIS D 149 -3.47 14.47 25.15
N TYR D 150 -2.56 14.95 25.98
CA TYR D 150 -1.51 14.11 26.57
C TYR D 150 -1.93 13.78 28.00
N ASN D 151 -3.23 13.95 28.26
CA ASN D 151 -3.81 13.64 29.56
C ASN D 151 -4.39 12.22 29.43
N PRO D 152 -4.41 11.47 30.53
CA PRO D 152 -3.94 11.88 31.86
C PRO D 152 -2.47 11.60 32.16
N LEU D 153 -1.66 11.40 31.12
CA LEU D 153 -0.25 11.11 31.30
C LEU D 153 0.53 12.21 32.02
N VAL D 154 0.35 13.45 31.58
CA VAL D 154 1.06 14.57 32.19
C VAL D 154 0.35 15.14 33.41
N ASP D 155 -0.79 14.57 33.77
CA ASP D 155 -1.57 15.05 34.92
C ASP D 155 -0.73 15.30 36.18
N ALA D 156 -0.11 14.23 36.69
CA ALA D 156 0.70 14.29 37.90
C ALA D 156 1.73 15.40 37.88
N GLN D 157 2.61 15.36 36.88
CA GLN D 157 3.64 16.39 36.78
C GLN D 157 3.11 17.81 36.72
N VAL D 158 2.12 18.04 35.87
CA VAL D 158 1.54 19.38 35.73
C VAL D 158 1.01 19.93 37.03
N ALA D 159 0.29 19.10 37.78
CA ALA D 159 -0.30 19.53 39.04
C ALA D 159 0.76 19.86 40.09
N GLU D 160 1.73 18.97 40.27
CA GLU D 160 2.76 19.19 41.27
C GLU D 160 3.73 20.32 40.93
N LYS D 161 3.86 20.61 39.64
CA LYS D 161 4.76 21.67 39.19
C LYS D 161 4.17 23.04 39.55
N TYR D 162 2.85 23.16 39.44
CA TYR D 162 2.18 24.43 39.72
C TYR D 162 1.22 24.37 40.89
N ASP D 163 1.46 23.41 41.79
CA ASP D 163 0.63 23.21 42.96
C ASP D 163 -0.83 23.61 42.71
N LEU D 164 -1.42 22.91 41.75
CA LEU D 164 -2.80 23.13 41.36
C LEU D 164 -3.73 22.29 42.25
N PRO D 165 -4.97 22.75 42.43
CA PRO D 165 -5.91 21.98 43.25
C PRO D 165 -6.10 20.60 42.63
N THR D 166 -5.90 19.56 43.42
CA THR D 166 -6.03 18.21 42.87
C THR D 166 -7.37 17.96 42.16
N ASN D 167 -8.37 18.78 42.44
CA ASN D 167 -9.66 18.64 41.79
C ASN D 167 -9.67 19.12 40.34
N TRP D 168 -8.62 19.84 39.94
CA TRP D 168 -8.54 20.32 38.56
C TRP D 168 -8.16 19.18 37.64
N LYS D 169 -9.15 18.61 36.94
CA LYS D 169 -8.88 17.51 36.04
C LYS D 169 -8.61 18.06 34.65
N MSE D 170 -7.45 17.71 34.12
CA MSE D 170 -7.03 18.17 32.81
C MSE D 170 -7.81 17.58 31.66
O MSE D 170 -8.07 16.39 31.62
CB MSE D 170 -5.58 17.85 32.62
CG MSE D 170 -4.96 18.50 31.42
SE MSE D 170 -3.11 18.07 31.58
CE MSE D 170 -2.43 19.82 32.08
N ARG D 171 -8.17 18.43 30.72
CA ARG D 171 -8.96 18.01 29.57
C ARG D 171 -8.21 18.21 28.26
N ALA D 172 -7.37 19.24 28.20
CA ALA D 172 -6.62 19.51 26.98
C ALA D 172 -5.49 20.54 27.14
N GLN D 173 -4.48 20.44 26.28
CA GLN D 173 -3.34 21.35 26.26
C GLN D 173 -3.33 22.05 24.91
N ILE D 174 -3.24 23.38 24.94
CA ILE D 174 -3.30 24.15 23.70
C ILE D 174 -2.09 25.05 23.37
N PRO D 175 -1.27 24.64 22.39
CA PRO D 175 -0.10 25.44 21.99
C PRO D 175 -0.54 26.52 21.01
N PHE D 176 -0.35 27.79 21.35
CA PHE D 176 -0.74 28.85 20.46
C PHE D 176 0.44 29.71 20.06
N GLY D 177 0.28 30.42 18.94
CA GLY D 177 1.35 31.28 18.45
C GLY D 177 0.98 31.86 17.10
N SER D 178 1.98 32.34 16.37
CA SER D 178 1.72 32.92 15.06
C SER D 178 1.53 31.83 14.02
N ILE D 179 0.73 32.12 13.00
CA ILE D 179 0.47 31.16 11.93
C ILE D 179 1.59 31.22 10.89
N GLU D 180 2.32 30.11 10.74
CA GLU D 180 3.42 30.07 9.79
C GLU D 180 3.05 29.33 8.51
N ALA D 181 1.81 28.85 8.45
CA ALA D 181 1.32 28.14 7.27
C ALA D 181 -0.16 27.84 7.43
N PRO D 182 -0.97 28.26 6.45
CA PRO D 182 -2.43 28.03 6.49
C PRO D 182 -2.76 26.54 6.62
N ALA D 183 -3.94 26.25 7.14
CA ALA D 183 -4.38 24.86 7.31
C ALA D 183 -4.60 24.21 5.95
N GLY D 184 -4.56 22.89 5.91
CA GLY D 184 -4.76 22.18 4.66
C GLY D 184 -6.21 22.12 4.26
N GLU D 185 -6.58 21.08 3.52
CA GLU D 185 -7.95 20.88 3.05
C GLU D 185 -8.76 20.17 4.12
N LYS D 186 -10.07 20.40 4.11
CA LYS D 186 -10.94 19.76 5.08
C LYS D 186 -12.25 19.35 4.41
N GLU D 187 -12.62 18.08 4.55
CA GLU D 187 -13.85 17.59 3.94
C GLU D 187 -15.04 17.62 4.90
N PHE D 188 -16.24 17.73 4.33
CA PHE D 188 -17.45 17.75 5.14
C PHE D 188 -18.34 16.61 4.68
N MSE D 189 -18.97 15.92 5.63
CA MSE D 189 -19.85 14.82 5.27
C MSE D 189 -21.11 15.39 4.60
O MSE D 189 -21.34 16.60 4.65
CB MSE D 189 -20.25 14.03 6.52
CG MSE D 189 -21.22 14.74 7.44
SE MSE D 189 -21.74 13.69 8.99
CE MSE D 189 -23.06 12.50 8.19
N ALA D 190 -21.90 14.51 3.99
CA ALA D 190 -23.12 14.92 3.31
C ALA D 190 -24.15 15.48 4.30
N ASP D 191 -24.76 16.60 3.94
CA ASP D 191 -25.76 17.22 4.80
C ASP D 191 -27.03 16.40 4.92
N GLN D 192 -27.34 15.67 3.84
CA GLN D 192 -28.53 14.83 3.79
C GLN D 192 -28.56 13.74 4.84
N GLU D 193 -27.39 13.38 5.37
CA GLU D 193 -27.34 12.33 6.37
C GLU D 193 -26.91 12.89 7.71
N ARG D 194 -26.80 14.22 7.78
CA ARG D 194 -26.38 14.87 9.01
C ARG D 194 -27.50 15.73 9.60
N PHE D 195 -28.30 16.30 8.72
CA PHE D 195 -29.39 17.19 9.12
C PHE D 195 -30.76 16.79 8.58
N LYS D 196 -31.81 17.17 9.32
CA LYS D 196 -33.18 16.89 8.91
C LYS D 196 -34.06 18.08 9.28
N VAL D 197 -34.93 18.49 8.36
CA VAL D 197 -35.78 19.63 8.61
C VAL D 197 -37.25 19.27 8.42
N PHE D 198 -38.09 19.74 9.34
CA PHE D 198 -39.51 19.47 9.31
C PHE D 198 -40.30 20.70 9.74
N GLY D 199 -41.31 21.07 8.94
CA GLY D 199 -42.14 22.21 9.25
C GLY D 199 -41.86 23.44 8.41
N ASP D 200 -42.73 24.43 8.53
CA ASP D 200 -42.61 25.69 7.79
C ASP D 200 -42.86 26.90 8.69
N LEU D 201 -42.34 28.04 8.26
CA LEU D 201 -42.49 29.29 9.00
C LEU D 201 -43.94 29.78 9.00
N SER E 2 -28.64 -15.53 -5.14
CA SER E 2 -27.50 -15.35 -4.20
C SER E 2 -26.19 -15.13 -4.94
N ASN E 3 -25.69 -13.90 -4.87
CA ASN E 3 -24.44 -13.54 -5.54
C ASN E 3 -23.44 -12.96 -4.55
N PHE E 4 -22.33 -12.44 -5.10
CA PHE E 4 -21.27 -11.85 -4.29
C PHE E 4 -21.74 -10.65 -3.49
N LEU E 5 -22.44 -9.73 -4.15
CA LEU E 5 -22.93 -8.52 -3.49
C LEU E 5 -23.68 -8.91 -2.21
N ASP E 6 -24.42 -10.01 -2.27
CA ASP E 6 -25.17 -10.49 -1.12
C ASP E 6 -24.21 -10.91 0.02
N LEU E 7 -23.18 -11.67 -0.33
CA LEU E 7 -22.20 -12.11 0.67
C LEU E 7 -21.48 -10.90 1.26
N GLN E 8 -21.21 -9.91 0.42
CA GLN E 8 -20.53 -8.69 0.85
C GLN E 8 -21.34 -8.02 1.97
N LYS E 9 -22.64 -7.87 1.73
CA LYS E 9 -23.53 -7.25 2.72
C LYS E 9 -23.50 -8.01 4.03
N GLN E 10 -23.48 -9.33 3.94
CA GLN E 10 -23.46 -10.18 5.12
C GLN E 10 -22.17 -10.04 5.94
N ARG E 11 -21.05 -9.79 5.27
CA ARG E 11 -19.79 -9.63 5.98
C ARG E 11 -19.75 -8.32 6.76
N ARG E 12 -19.54 -8.42 8.06
CA ARG E 12 -19.49 -7.26 8.95
C ARG E 12 -18.51 -7.54 10.08
N SER E 13 -18.14 -6.49 10.81
CA SER E 13 -17.24 -6.62 11.94
C SER E 13 -18.04 -7.08 13.16
N ILE E 14 -17.87 -8.34 13.56
CA ILE E 14 -18.58 -8.88 14.70
C ILE E 14 -17.69 -8.83 15.94
N TYR E 15 -18.21 -8.24 17.01
CA TYR E 15 -17.45 -8.11 18.25
C TYR E 15 -17.97 -9.04 19.34
N ALA E 16 -19.18 -9.55 19.14
CA ALA E 16 -19.78 -10.48 20.11
C ALA E 16 -19.52 -11.88 19.58
N LEU E 17 -18.34 -12.42 19.87
CA LEU E 17 -17.97 -13.74 19.40
C LEU E 17 -18.15 -14.85 20.44
N GLY E 18 -18.41 -16.06 19.96
CA GLY E 18 -18.59 -17.19 20.87
C GLY E 18 -17.90 -18.44 20.37
N LYS E 19 -17.87 -19.49 21.18
CA LYS E 19 -17.23 -20.74 20.78
C LYS E 19 -18.31 -21.75 20.36
N THR E 20 -19.06 -21.42 19.32
CA THR E 20 -20.12 -22.31 18.85
C THR E 20 -20.07 -22.50 17.33
N VAL E 21 -18.99 -23.09 16.86
CA VAL E 21 -18.83 -23.35 15.43
C VAL E 21 -18.89 -24.84 15.11
N ASP E 22 -19.82 -25.23 14.25
CA ASP E 22 -19.97 -26.62 13.86
C ASP E 22 -18.98 -27.02 12.78
N LEU E 23 -17.70 -26.75 13.02
CA LEU E 23 -16.62 -27.09 12.10
C LEU E 23 -15.40 -27.46 12.92
N SER E 24 -14.71 -28.52 12.51
CA SER E 24 -13.52 -28.99 13.23
C SER E 24 -12.32 -28.10 12.95
N LYS E 25 -11.28 -28.27 13.77
CA LYS E 25 -10.06 -27.51 13.62
C LYS E 25 -9.52 -27.62 12.20
N ALA E 26 -9.29 -28.85 11.74
CA ALA E 26 -8.77 -29.10 10.40
C ALA E 26 -9.55 -28.34 9.33
N GLU E 27 -10.88 -28.38 9.43
CA GLU E 27 -11.72 -27.69 8.47
C GLU E 27 -11.56 -26.19 8.57
N LEU E 28 -11.18 -25.72 9.76
CA LEU E 28 -10.98 -24.29 10.01
C LEU E 28 -9.65 -23.86 9.43
N VAL E 29 -8.60 -24.64 9.69
CA VAL E 29 -7.27 -24.35 9.18
C VAL E 29 -7.28 -24.28 7.65
N ALA E 30 -8.00 -25.20 7.02
CA ALA E 30 -8.09 -25.24 5.57
C ALA E 30 -8.87 -24.05 5.02
N LEU E 31 -9.96 -23.71 5.70
CA LEU E 31 -10.80 -22.59 5.27
C LEU E 31 -9.99 -21.31 5.22
N ILE E 32 -9.17 -21.09 6.25
CA ILE E 32 -8.34 -19.91 6.34
C ILE E 32 -7.20 -19.94 5.34
N GLN E 33 -6.40 -21.00 5.39
CA GLN E 33 -5.26 -21.14 4.48
C GLN E 33 -5.64 -21.07 3.02
N ASN E 34 -6.68 -21.79 2.62
CA ASN E 34 -7.08 -21.75 1.21
C ASN E 34 -7.54 -20.35 0.78
N ALA E 35 -8.15 -19.63 1.71
CA ALA E 35 -8.64 -18.29 1.42
C ALA E 35 -7.46 -17.35 1.17
N ILE E 36 -6.40 -17.50 1.96
CA ILE E 36 -5.22 -16.66 1.81
C ILE E 36 -4.46 -17.01 0.53
N LYS E 37 -4.45 -18.29 0.17
CA LYS E 37 -3.75 -18.74 -1.02
C LYS E 37 -4.39 -18.20 -2.29
N GLN E 38 -5.72 -18.13 -2.31
CA GLN E 38 -6.44 -17.62 -3.47
C GLN E 38 -6.42 -16.10 -3.58
N ALA E 39 -5.96 -15.44 -2.53
CA ALA E 39 -5.84 -13.97 -2.49
C ALA E 39 -4.58 -13.59 -3.29
N PRO E 40 -4.78 -12.93 -4.44
CA PRO E 40 -3.69 -12.50 -5.32
C PRO E 40 -2.69 -11.52 -4.73
N SER E 41 -1.50 -11.48 -5.31
CA SER E 41 -0.45 -10.60 -4.87
C SER E 41 0.35 -10.14 -6.09
N ALA E 42 0.93 -8.95 -6.03
CA ALA E 42 1.71 -8.44 -7.15
C ALA E 42 2.74 -9.45 -7.63
N PHE E 43 2.79 -9.67 -8.94
CA PHE E 43 3.76 -10.60 -9.53
C PHE E 43 3.74 -11.95 -8.79
N ASN E 44 2.56 -12.30 -8.26
CA ASN E 44 2.38 -13.55 -7.54
C ASN E 44 3.51 -13.73 -6.51
N SER E 45 3.87 -12.63 -5.86
CA SER E 45 4.93 -12.63 -4.86
C SER E 45 4.56 -13.38 -3.58
N GLN E 46 3.25 -13.53 -3.34
CA GLN E 46 2.76 -14.27 -2.17
C GLN E 46 3.52 -13.91 -0.90
N THR E 47 3.47 -12.64 -0.50
CA THR E 47 4.18 -12.20 0.68
C THR E 47 3.39 -12.38 1.97
N SER E 48 2.22 -13.00 1.87
CA SER E 48 1.37 -13.23 3.03
C SER E 48 1.70 -14.51 3.79
N ARG E 49 1.89 -14.39 5.09
CA ARG E 49 2.20 -15.50 6.00
C ARG E 49 1.17 -15.43 7.12
N ALA E 50 0.62 -16.57 7.51
CA ALA E 50 -0.37 -16.59 8.56
C ALA E 50 -0.04 -17.54 9.70
N LEU E 51 -0.65 -17.28 10.85
CA LEU E 51 -0.46 -18.08 12.04
C LEU E 51 -1.81 -18.22 12.73
N VAL E 52 -2.36 -19.42 12.73
CA VAL E 52 -3.65 -19.67 13.38
C VAL E 52 -3.45 -20.19 14.80
N LEU E 53 -4.23 -19.68 15.73
CA LEU E 53 -4.12 -20.08 17.13
C LEU E 53 -5.45 -20.63 17.66
N PHE E 54 -5.38 -21.68 18.47
CA PHE E 54 -6.57 -22.28 19.05
C PHE E 54 -6.43 -22.50 20.56
N GLY E 55 -7.54 -22.78 21.23
CA GLY E 55 -7.52 -23.01 22.66
C GLY E 55 -6.69 -22.02 23.47
N GLN E 56 -5.91 -22.55 24.41
CA GLN E 56 -5.07 -21.71 25.26
C GLN E 56 -4.20 -20.74 24.47
N ASP E 57 -3.61 -21.20 23.37
CA ASP E 57 -2.75 -20.33 22.57
C ASP E 57 -3.46 -19.06 22.12
N SER E 58 -4.70 -19.22 21.65
CA SER E 58 -5.48 -18.09 21.19
C SER E 58 -5.82 -17.19 22.38
N GLN E 59 -6.31 -17.80 23.46
CA GLN E 59 -6.66 -17.05 24.65
C GLN E 59 -5.45 -16.41 25.31
N ASP E 60 -4.29 -17.04 25.20
CA ASP E 60 -3.08 -16.49 25.81
C ASP E 60 -2.57 -15.26 25.07
N PHE E 61 -2.77 -15.24 23.76
CA PHE E 61 -2.32 -14.10 22.97
C PHE E 61 -2.96 -12.80 23.47
N TRP E 62 -4.22 -12.89 23.85
CA TRP E 62 -4.95 -11.73 24.34
C TRP E 62 -4.77 -11.47 25.82
N ASN E 63 -5.19 -12.43 26.65
CA ASN E 63 -5.10 -12.29 28.11
C ASN E 63 -3.70 -12.34 28.68
N LYS E 64 -2.71 -12.60 27.83
CA LYS E 64 -1.34 -12.65 28.30
C LYS E 64 -0.42 -11.74 27.49
N ILE E 65 -0.13 -12.14 26.26
CA ILE E 65 0.77 -11.38 25.40
C ILE E 65 0.32 -9.93 25.22
N ALA E 66 -0.90 -9.75 24.73
CA ALA E 66 -1.44 -8.42 24.52
C ALA E 66 -1.71 -7.72 25.85
N TYR E 67 -2.04 -8.51 26.86
CA TYR E 67 -2.33 -7.98 28.19
C TYR E 67 -1.10 -7.34 28.81
N SER E 68 -0.01 -8.10 28.90
CA SER E 68 1.23 -7.61 29.50
C SER E 68 1.83 -6.42 28.77
N GLU E 69 1.62 -6.36 27.45
CA GLU E 69 2.16 -5.26 26.65
C GLU E 69 1.32 -3.99 26.74
N LEU E 70 0.01 -4.13 26.93
CA LEU E 70 -0.87 -2.98 27.03
C LEU E 70 -0.79 -2.27 28.39
N GLU E 71 -0.13 -2.89 29.36
CA GLU E 71 0.01 -2.29 30.68
C GLU E 71 1.01 -1.13 30.66
N LYS E 72 2.06 -1.29 29.88
CA LYS E 72 3.10 -0.27 29.78
C LYS E 72 2.65 0.99 29.03
N VAL E 73 1.36 1.06 28.69
CA VAL E 73 0.83 2.22 27.97
C VAL E 73 -0.63 2.54 28.30
N THR E 74 -1.19 1.84 29.28
CA THR E 74 -2.58 2.06 29.65
C THR E 74 -2.74 2.37 31.14
N PRO E 75 -3.09 3.63 31.46
CA PRO E 75 -3.26 4.05 32.86
C PRO E 75 -4.20 3.10 33.61
N ALA E 76 -3.88 2.85 34.88
CA ALA E 76 -4.70 1.96 35.70
C ALA E 76 -6.18 2.27 35.55
N GLU E 77 -6.49 3.53 35.34
CA GLU E 77 -7.87 3.99 35.17
C GLU E 77 -8.54 3.32 33.98
N ALA E 78 -7.88 3.38 32.82
CA ALA E 78 -8.40 2.80 31.59
C ALA E 78 -8.19 1.30 31.47
N PHE E 79 -7.09 0.81 32.05
CA PHE E 79 -6.76 -0.61 31.98
C PHE E 79 -7.89 -1.49 32.50
N ALA E 80 -8.72 -0.93 33.37
CA ALA E 80 -9.84 -1.68 33.93
C ALA E 80 -10.79 -2.10 32.82
N GLY E 81 -10.77 -1.36 31.71
CA GLY E 81 -11.64 -1.68 30.58
C GLY E 81 -10.93 -2.48 29.50
N THR E 82 -9.61 -2.37 29.46
CA THR E 82 -8.83 -3.10 28.48
C THR E 82 -8.93 -4.60 28.72
N LYS E 83 -8.87 -5.00 29.99
CA LYS E 83 -8.95 -6.41 30.36
C LYS E 83 -10.23 -7.03 29.77
N ALA E 84 -11.37 -6.44 30.10
CA ALA E 84 -12.66 -6.92 29.61
C ALA E 84 -12.69 -6.96 28.08
N LYS E 85 -12.00 -6.00 27.47
CA LYS E 85 -11.92 -5.90 26.01
C LYS E 85 -11.13 -7.08 25.45
N LEU E 86 -9.99 -7.38 26.05
CA LEU E 86 -9.17 -8.50 25.59
C LEU E 86 -9.92 -9.82 25.76
N GLU E 87 -10.61 -9.97 26.89
CA GLU E 87 -11.38 -11.19 27.11
C GLU E 87 -12.45 -11.33 26.03
N SER E 88 -12.91 -10.20 25.50
CA SER E 88 -13.93 -10.19 24.45
C SER E 88 -13.44 -10.88 23.19
N PHE E 89 -12.13 -10.88 22.97
CA PHE E 89 -11.56 -11.52 21.80
C PHE E 89 -11.25 -12.98 22.08
N ALA E 90 -10.65 -13.25 23.24
CA ALA E 90 -10.31 -14.61 23.65
C ALA E 90 -11.54 -15.47 23.83
N ALA E 91 -12.71 -14.87 23.62
CA ALA E 91 -13.96 -15.59 23.77
C ALA E 91 -14.33 -16.33 22.50
N GLY E 92 -13.61 -16.03 21.43
CA GLY E 92 -13.88 -16.68 20.15
C GLY E 92 -13.24 -18.04 20.06
N VAL E 93 -13.43 -18.71 18.92
CA VAL E 93 -12.86 -20.04 18.69
C VAL E 93 -11.34 -19.99 18.57
N GLY E 94 -10.82 -19.01 17.84
CA GLY E 94 -9.38 -18.90 17.68
C GLY E 94 -8.95 -17.53 17.24
N THR E 95 -7.65 -17.38 17.01
CA THR E 95 -7.07 -16.11 16.60
C THR E 95 -6.09 -16.28 15.43
N ILE E 96 -6.27 -15.47 14.39
CA ILE E 96 -5.40 -15.49 13.22
C ILE E 96 -4.42 -14.33 13.27
N LEU E 97 -3.18 -14.58 12.85
CA LEU E 97 -2.16 -13.54 12.86
C LEU E 97 -1.58 -13.41 11.45
N LEU E 98 -1.94 -12.32 10.77
CA LEU E 98 -1.47 -12.06 9.40
C LEU E 98 -0.14 -11.31 9.39
N PHE E 99 0.80 -11.87 8.64
CA PHE E 99 2.14 -11.30 8.50
C PHE E 99 2.45 -11.00 7.04
N GLU E 100 3.51 -10.21 6.83
CA GLU E 100 3.96 -9.87 5.49
C GLU E 100 5.46 -10.14 5.45
N ASP E 101 5.85 -11.02 4.55
CA ASP E 101 7.24 -11.39 4.42
C ASP E 101 8.07 -10.26 3.81
N GLN E 102 8.88 -9.61 4.64
CA GLN E 102 9.70 -8.50 4.20
C GLN E 102 10.86 -8.96 3.32
N ALA E 103 11.34 -10.17 3.54
CA ALA E 103 12.44 -10.69 2.73
C ALA E 103 12.04 -10.73 1.27
N VAL E 104 10.83 -11.20 1.00
CA VAL E 104 10.35 -11.28 -0.38
C VAL E 104 10.21 -9.89 -1.01
N VAL E 105 9.53 -8.99 -0.32
CA VAL E 105 9.34 -7.64 -0.85
C VAL E 105 10.66 -6.93 -1.04
N ARG E 106 11.61 -7.19 -0.14
CA ARG E 106 12.93 -6.57 -0.21
C ARG E 106 13.67 -7.02 -1.48
N ASN E 107 13.55 -8.31 -1.81
CA ASN E 107 14.20 -8.84 -3.00
C ASN E 107 13.61 -8.20 -4.25
N LEU E 108 12.29 -8.02 -4.25
CA LEU E 108 11.61 -7.40 -5.38
C LEU E 108 12.16 -6.02 -5.70
N GLU E 109 12.43 -5.24 -4.66
CA GLU E 109 12.95 -3.89 -4.87
C GLU E 109 14.32 -3.93 -5.52
N GLU E 110 15.14 -4.88 -5.10
CA GLU E 110 16.50 -5.04 -5.61
C GLU E 110 16.49 -5.61 -7.03
N ASN E 111 15.47 -6.39 -7.34
CA ASN E 111 15.36 -6.98 -8.67
C ASN E 111 14.86 -6.03 -9.73
N PHE E 112 13.90 -5.18 -9.35
CA PHE E 112 13.31 -4.25 -10.29
C PHE E 112 13.33 -2.81 -9.73
N PRO E 113 14.52 -2.19 -9.68
CA PRO E 113 14.68 -0.84 -9.16
C PRO E 113 13.76 0.17 -9.84
N LEU E 114 13.30 -0.18 -11.03
CA LEU E 114 12.43 0.70 -11.79
C LEU E 114 11.01 0.65 -11.22
N TYR E 115 10.80 -0.27 -10.28
CA TYR E 115 9.50 -0.45 -9.64
C TYR E 115 9.68 -0.48 -8.12
N ALA E 116 10.94 -0.48 -7.69
CA ALA E 116 11.29 -0.55 -6.28
C ALA E 116 10.27 -0.03 -5.27
N GLU E 117 10.08 1.28 -5.24
CA GLU E 117 9.18 1.87 -4.27
C GLU E 117 7.71 1.48 -4.34
N ASN E 118 7.34 0.74 -5.38
CA ASN E 118 5.96 0.29 -5.56
C ASN E 118 5.64 -1.02 -4.80
N PHE E 119 6.67 -1.80 -4.49
CA PHE E 119 6.45 -3.08 -3.82
C PHE E 119 5.91 -3.01 -2.40
N GLN E 120 6.35 -2.02 -1.65
CA GLN E 120 5.90 -1.87 -0.28
C GLN E 120 4.39 -1.56 -0.24
N PRO E 121 3.94 -0.63 -1.10
CA PRO E 121 2.51 -0.30 -1.12
C PRO E 121 1.73 -1.54 -1.59
N TRP E 122 2.20 -2.19 -2.64
CA TRP E 122 1.52 -3.38 -3.14
C TRP E 122 1.47 -4.46 -2.09
N SER E 123 2.48 -4.50 -1.23
CA SER E 123 2.52 -5.48 -0.16
C SER E 123 1.36 -5.20 0.80
N GLU E 124 1.20 -3.94 1.21
CA GLU E 124 0.10 -3.58 2.11
C GLU E 124 -1.24 -3.91 1.48
N GLN E 125 -1.39 -3.62 0.19
CA GLN E 125 -2.64 -3.89 -0.52
C GLN E 125 -2.89 -5.39 -0.51
N ALA E 126 -1.83 -6.17 -0.69
CA ALA E 126 -1.93 -7.63 -0.68
C ALA E 126 -2.52 -8.10 0.63
N HIS E 127 -1.94 -7.62 1.74
CA HIS E 127 -2.42 -7.98 3.08
C HIS E 127 -3.89 -7.64 3.23
N GLY E 128 -4.29 -6.56 2.58
CA GLY E 128 -5.68 -6.15 2.66
C GLY E 128 -6.54 -7.15 1.91
N ILE E 129 -6.03 -7.65 0.79
CA ILE E 129 -6.76 -8.63 -0.01
C ILE E 129 -6.84 -9.93 0.81
N ALA E 130 -5.73 -10.32 1.40
CA ALA E 130 -5.67 -11.52 2.22
C ALA E 130 -6.69 -11.41 3.36
N LEU E 131 -6.78 -10.22 3.96
CA LEU E 131 -7.71 -9.99 5.05
C LEU E 131 -9.18 -10.08 4.62
N TYR E 132 -9.49 -9.47 3.49
CA TYR E 132 -10.85 -9.46 2.98
C TYR E 132 -11.32 -10.86 2.54
N ALA E 133 -10.40 -11.63 1.96
CA ALA E 133 -10.71 -12.99 1.51
C ALA E 133 -11.14 -13.85 2.70
N ILE E 134 -10.34 -13.83 3.76
CA ILE E 134 -10.63 -14.56 4.98
C ILE E 134 -11.96 -14.10 5.57
N TRP E 135 -12.21 -12.79 5.54
CA TRP E 135 -13.42 -12.21 6.11
C TRP E 135 -14.65 -12.80 5.42
N LEU E 136 -14.64 -12.76 4.09
CA LEU E 136 -15.73 -13.29 3.28
C LEU E 136 -15.88 -14.82 3.46
N ALA E 137 -14.76 -15.56 3.41
CA ALA E 137 -14.81 -17.02 3.55
C ALA E 137 -15.49 -17.41 4.86
N LEU E 138 -15.08 -16.76 5.94
CA LEU E 138 -15.66 -17.04 7.24
C LEU E 138 -17.10 -16.51 7.33
N ALA E 139 -17.37 -15.39 6.67
CA ALA E 139 -18.71 -14.82 6.72
C ALA E 139 -19.73 -15.77 6.09
N GLU E 140 -19.32 -16.45 5.02
CA GLU E 140 -20.21 -17.38 4.32
C GLU E 140 -20.64 -18.53 5.23
N GLN E 141 -19.69 -19.08 5.99
CA GLN E 141 -19.98 -20.16 6.91
C GLN E 141 -20.55 -19.62 8.22
N ASN E 142 -21.09 -18.39 8.15
CA ASN E 142 -21.67 -17.75 9.32
C ASN E 142 -20.69 -17.70 10.49
N ILE E 143 -19.48 -17.25 10.20
CA ILE E 143 -18.44 -17.13 11.23
C ILE E 143 -18.06 -15.66 11.37
N GLY E 144 -18.25 -15.13 12.57
CA GLY E 144 -17.92 -13.74 12.81
C GLY E 144 -16.48 -13.53 13.20
N MSE E 145 -15.99 -12.31 12.96
CA MSE E 145 -14.62 -11.94 13.28
C MSE E 145 -14.45 -10.41 13.25
O MSE E 145 -15.36 -9.68 12.85
CB MSE E 145 -13.65 -12.57 12.27
CG MSE E 145 -13.81 -12.09 10.83
SE MSE E 145 -12.45 -12.72 9.59
CE MSE E 145 -11.44 -11.09 9.31
N SER E 146 -13.28 -9.96 13.67
CA SER E 146 -12.96 -8.53 13.64
C SER E 146 -11.46 -8.42 13.43
N VAL E 147 -11.02 -7.27 12.93
CA VAL E 147 -9.60 -7.06 12.71
C VAL E 147 -9.06 -6.14 13.80
N GLN E 148 -7.90 -6.51 14.34
CA GLN E 148 -7.28 -5.74 15.40
C GLN E 148 -5.82 -5.43 15.02
N HIS E 149 -5.28 -4.36 15.59
CA HIS E 149 -3.91 -3.96 15.30
C HIS E 149 -3.15 -3.62 16.58
N TYR E 150 -2.69 -4.64 17.29
CA TYR E 150 -1.94 -4.41 18.52
C TYR E 150 -0.45 -4.49 18.25
N ASN E 151 -0.10 -4.27 16.99
CA ASN E 151 1.27 -4.28 16.51
C ASN E 151 1.75 -2.84 16.40
N PRO E 152 3.06 -2.60 16.48
CA PRO E 152 4.13 -3.58 16.68
C PRO E 152 4.45 -3.82 18.15
N LEU E 153 3.42 -3.86 18.96
CA LEU E 153 3.54 -4.05 20.40
C LEU E 153 3.76 -5.52 20.77
N VAL E 154 2.89 -6.39 20.29
CA VAL E 154 2.99 -7.82 20.56
C VAL E 154 3.97 -8.53 19.63
N ASP E 155 4.45 -7.83 18.61
CA ASP E 155 5.37 -8.42 17.65
C ASP E 155 6.48 -9.30 18.24
N ALA E 156 7.39 -8.69 18.99
CA ALA E 156 8.51 -9.42 19.59
C ALA E 156 8.08 -10.64 20.41
N GLN E 157 7.21 -10.42 21.38
CA GLN E 157 6.75 -11.50 22.24
C GLN E 157 5.99 -12.60 21.47
N VAL E 158 5.61 -12.34 20.24
CA VAL E 158 4.89 -13.33 19.44
C VAL E 158 5.87 -14.15 18.59
N ALA E 159 6.90 -13.47 18.09
CA ALA E 159 7.90 -14.14 17.27
C ALA E 159 8.79 -15.05 18.11
N GLU E 160 8.87 -14.75 19.41
CA GLU E 160 9.70 -15.54 20.32
C GLU E 160 8.99 -16.82 20.76
N LYS E 161 7.71 -16.68 21.10
CA LYS E 161 6.92 -17.82 21.56
C LYS E 161 6.59 -18.81 20.45
N TYR E 162 6.75 -18.39 19.21
CA TYR E 162 6.45 -19.26 18.08
C TYR E 162 7.61 -19.38 17.09
N ASP E 163 8.77 -18.87 17.51
CA ASP E 163 9.96 -18.91 16.66
C ASP E 163 9.65 -18.45 15.25
N LEU E 164 9.17 -17.21 15.13
CA LEU E 164 8.85 -16.67 13.80
C LEU E 164 10.03 -15.89 13.25
N PRO E 165 10.30 -16.02 11.94
CA PRO E 165 11.41 -15.31 11.29
C PRO E 165 11.31 -13.81 11.52
N THR E 166 12.44 -13.13 11.41
CA THR E 166 12.48 -11.68 11.58
C THR E 166 11.86 -10.94 10.41
N ASN E 167 11.78 -11.61 9.26
CA ASN E 167 11.21 -11.00 8.06
C ASN E 167 9.68 -11.02 8.03
N TRP E 168 9.07 -11.71 8.99
CA TRP E 168 7.62 -11.79 9.09
C TRP E 168 7.14 -10.57 9.87
N LYS E 169 6.61 -9.60 9.14
CA LYS E 169 6.14 -8.36 9.74
C LYS E 169 4.66 -8.41 10.14
N MSE E 170 4.42 -8.37 11.44
CA MSE E 170 3.07 -8.39 12.01
C MSE E 170 2.24 -7.27 11.37
O MSE E 170 2.70 -6.13 11.27
CB MSE E 170 3.17 -8.17 13.51
CG MSE E 170 1.85 -8.20 14.22
SE MSE E 170 1.16 -9.99 14.15
CE MSE E 170 -0.27 -9.77 12.88
N ARG E 171 1.01 -7.59 10.95
CA ARG E 171 0.15 -6.58 10.33
C ARG E 171 -1.28 -6.52 10.87
N ALA E 172 -1.80 -7.65 11.35
CA ALA E 172 -3.15 -7.67 11.90
C ALA E 172 -3.49 -8.99 12.59
N GLN E 173 -4.26 -8.88 13.68
CA GLN E 173 -4.67 -10.06 14.43
C GLN E 173 -6.18 -10.17 14.33
N ILE E 174 -6.64 -11.30 13.81
CA ILE E 174 -8.07 -11.54 13.62
C ILE E 174 -8.69 -12.60 14.52
N PRO E 175 -9.45 -12.18 15.53
CA PRO E 175 -10.10 -13.12 16.44
C PRO E 175 -11.44 -13.51 15.79
N PHE E 176 -11.72 -14.80 15.68
CA PHE E 176 -12.96 -15.26 15.05
C PHE E 176 -13.70 -16.25 15.94
N GLY E 177 -15.00 -16.37 15.71
CA GLY E 177 -15.80 -17.28 16.50
C GLY E 177 -17.24 -17.23 16.04
N SER E 178 -18.16 -17.61 16.93
CA SER E 178 -19.59 -17.60 16.63
C SER E 178 -20.20 -16.22 16.82
N ILE E 179 -21.15 -15.88 15.95
CA ILE E 179 -21.82 -14.58 16.02
C ILE E 179 -22.91 -14.57 17.09
N GLU E 180 -22.66 -13.86 18.19
CA GLU E 180 -23.61 -13.78 19.30
C GLU E 180 -24.45 -12.50 19.25
N ALA E 181 -24.19 -11.65 18.25
CA ALA E 181 -24.91 -10.39 18.11
C ALA E 181 -24.66 -9.76 16.74
N PRO E 182 -25.74 -9.42 16.00
CA PRO E 182 -25.64 -8.81 14.68
C PRO E 182 -24.94 -7.45 14.70
N ALA E 183 -24.31 -7.09 13.59
CA ALA E 183 -23.61 -5.81 13.50
C ALA E 183 -24.59 -4.66 13.59
N GLY E 184 -24.08 -3.48 13.94
CA GLY E 184 -24.93 -2.31 14.07
C GLY E 184 -25.26 -1.67 12.73
N GLU E 185 -25.67 -0.41 12.79
CA GLU E 185 -26.03 0.33 11.60
C GLU E 185 -24.78 0.74 10.85
N LYS E 186 -24.84 0.71 9.53
CA LYS E 186 -23.69 1.07 8.71
C LYS E 186 -24.04 2.30 7.87
N GLU E 187 -23.11 3.24 7.77
CA GLU E 187 -23.34 4.47 7.02
C GLU E 187 -22.45 4.57 5.78
N PHE E 188 -23.02 5.09 4.69
CA PHE E 188 -22.28 5.27 3.45
C PHE E 188 -22.26 6.74 3.06
N MSE E 189 -21.13 7.20 2.55
CA MSE E 189 -20.98 8.60 2.14
C MSE E 189 -21.73 8.85 0.85
O MSE E 189 -22.07 7.92 0.12
CB MSE E 189 -19.50 8.95 1.97
CG MSE E 189 -18.79 8.24 0.83
SE MSE E 189 -16.99 8.90 0.54
CE MSE E 189 -17.36 10.36 -0.69
N ALA E 190 -21.97 10.13 0.55
CA ALA E 190 -22.67 10.53 -0.66
C ALA E 190 -21.92 10.06 -1.90
N ASP E 191 -22.58 9.23 -2.71
CA ASP E 191 -21.97 8.69 -3.93
C ASP E 191 -21.59 9.77 -4.94
N GLN E 192 -22.28 10.90 -4.92
CA GLN E 192 -21.98 11.97 -5.87
C GLN E 192 -20.61 12.60 -5.59
N GLU E 193 -20.04 12.28 -4.43
CA GLU E 193 -18.74 12.81 -4.04
C GLU E 193 -17.70 11.68 -4.03
N ARG E 194 -18.16 10.45 -4.28
CA ARG E 194 -17.28 9.29 -4.26
C ARG E 194 -16.99 8.70 -5.63
N PHE E 195 -17.94 8.86 -6.55
CA PHE E 195 -17.79 8.32 -7.89
C PHE E 195 -18.05 9.35 -8.98
N LYS E 196 -17.55 9.07 -10.17
CA LYS E 196 -17.71 9.94 -11.33
C LYS E 196 -17.60 9.10 -12.60
N VAL E 197 -18.67 9.08 -13.38
CA VAL E 197 -18.70 8.31 -14.62
C VAL E 197 -18.58 9.20 -15.85
N PHE E 198 -17.90 8.70 -16.87
CA PHE E 198 -17.70 9.43 -18.11
C PHE E 198 -17.73 8.48 -19.32
N GLY E 199 -18.50 8.85 -20.33
CA GLY E 199 -18.62 8.03 -21.53
C GLY E 199 -19.78 7.06 -21.45
N ASP E 200 -19.95 6.25 -22.50
CA ASP E 200 -21.03 5.26 -22.55
C ASP E 200 -20.77 4.24 -23.65
N LEU E 201 -21.35 3.05 -23.49
CA LEU E 201 -21.16 1.99 -24.48
C LEU E 201 -21.75 2.37 -25.83
N GLU E 202 -21.16 1.87 -26.90
CA GLU E 202 -21.66 2.15 -28.23
C GLU E 202 -20.88 1.36 -29.28
N SER F 2 -19.93 -22.66 -6.17
CA SER F 2 -21.08 -22.18 -5.35
C SER F 2 -20.60 -21.35 -4.16
N ASN F 3 -19.68 -21.93 -3.40
CA ASN F 3 -19.12 -21.27 -2.22
C ASN F 3 -18.19 -20.11 -2.59
N PHE F 4 -17.60 -19.49 -1.59
CA PHE F 4 -16.70 -18.37 -1.83
C PHE F 4 -15.38 -18.81 -2.47
N LEU F 5 -14.89 -19.98 -2.08
CA LEU F 5 -13.64 -20.51 -2.61
C LEU F 5 -13.71 -20.68 -4.13
N ASP F 6 -14.79 -21.27 -4.62
CA ASP F 6 -14.93 -21.48 -6.06
C ASP F 6 -14.87 -20.16 -6.83
N LEU F 7 -15.42 -19.09 -6.24
CA LEU F 7 -15.40 -17.78 -6.88
C LEU F 7 -13.97 -17.24 -6.89
N GLN F 8 -13.25 -17.46 -5.79
CA GLN F 8 -11.85 -17.02 -5.68
C GLN F 8 -11.01 -17.62 -6.81
N LYS F 9 -11.12 -18.95 -6.98
CA LYS F 9 -10.37 -19.64 -8.01
C LYS F 9 -10.77 -19.12 -9.38
N GLN F 10 -12.05 -18.84 -9.54
CA GLN F 10 -12.59 -18.34 -10.79
C GLN F 10 -12.01 -16.95 -11.13
N ARG F 11 -11.54 -16.23 -10.13
CA ARG F 11 -10.96 -14.90 -10.35
C ARG F 11 -9.48 -15.00 -10.74
N ARG F 12 -9.13 -14.43 -11.88
CA ARG F 12 -7.75 -14.44 -12.38
C ARG F 12 -7.47 -13.13 -13.13
N SER F 13 -6.22 -12.93 -13.55
CA SER F 13 -5.86 -11.74 -14.31
C SER F 13 -6.02 -12.07 -15.79
N ILE F 14 -6.87 -11.31 -16.46
CA ILE F 14 -7.14 -11.52 -17.88
C ILE F 14 -6.60 -10.35 -18.68
N TYR F 15 -5.70 -10.66 -19.61
CA TYR F 15 -5.07 -9.64 -20.43
C TYR F 15 -5.71 -9.55 -21.81
N ALA F 16 -6.42 -10.62 -22.18
CA ALA F 16 -7.09 -10.65 -23.47
C ALA F 16 -8.56 -10.29 -23.23
N LEU F 17 -8.87 -9.01 -23.41
CA LEU F 17 -10.22 -8.51 -23.20
C LEU F 17 -10.91 -8.12 -24.50
N GLY F 18 -12.22 -8.30 -24.54
CA GLY F 18 -13.00 -7.97 -25.72
C GLY F 18 -13.99 -6.86 -25.45
N LYS F 19 -14.93 -6.68 -26.38
CA LYS F 19 -15.95 -5.64 -26.25
C LYS F 19 -17.32 -6.22 -25.89
N THR F 20 -17.44 -7.54 -25.98
CA THR F 20 -18.68 -8.25 -25.66
C THR F 20 -19.01 -8.19 -24.17
N VAL F 21 -20.28 -8.12 -23.86
CA VAL F 21 -20.75 -8.05 -22.47
C VAL F 21 -22.27 -8.18 -22.41
N ASP F 22 -22.74 -8.95 -21.43
CA ASP F 22 -24.17 -9.15 -21.26
C ASP F 22 -24.73 -8.42 -20.03
N LEU F 23 -24.46 -7.12 -19.95
CA LEU F 23 -24.92 -6.26 -18.86
C LEU F 23 -25.06 -4.81 -19.33
N SER F 24 -26.04 -4.11 -18.76
CA SER F 24 -26.27 -2.72 -19.14
C SER F 24 -25.20 -1.82 -18.52
N LYS F 25 -25.05 -0.62 -19.08
CA LYS F 25 -24.07 0.33 -18.57
C LYS F 25 -24.44 0.70 -17.13
N ALA F 26 -25.71 1.00 -16.92
CA ALA F 26 -26.20 1.36 -15.59
C ALA F 26 -26.02 0.16 -14.66
N GLU F 27 -25.97 -1.03 -15.25
CA GLU F 27 -25.82 -2.25 -14.47
C GLU F 27 -24.35 -2.45 -14.09
N LEU F 28 -23.45 -2.12 -15.01
CA LEU F 28 -22.02 -2.26 -14.75
C LEU F 28 -21.59 -1.23 -13.71
N VAL F 29 -22.00 0.02 -13.92
CA VAL F 29 -21.66 1.09 -12.97
C VAL F 29 -22.15 0.73 -11.58
N ALA F 30 -23.32 0.11 -11.52
CA ALA F 30 -23.92 -0.29 -10.24
C ALA F 30 -23.18 -1.48 -9.64
N LEU F 31 -22.76 -2.38 -10.51
CA LEU F 31 -22.05 -3.57 -10.06
C LEU F 31 -20.70 -3.18 -9.44
N ILE F 32 -20.08 -2.16 -10.02
CA ILE F 32 -18.78 -1.67 -9.57
C ILE F 32 -18.87 -0.84 -8.29
N GLN F 33 -19.71 0.18 -8.32
CA GLN F 33 -19.89 1.07 -7.18
C GLN F 33 -20.34 0.35 -5.92
N ASN F 34 -21.33 -0.52 -6.07
CA ASN F 34 -21.86 -1.25 -4.94
C ASN F 34 -20.79 -2.17 -4.35
N ALA F 35 -20.01 -2.80 -5.22
CA ALA F 35 -18.98 -3.72 -4.73
C ALA F 35 -17.96 -2.93 -3.92
N ILE F 36 -17.72 -1.70 -4.33
CA ILE F 36 -16.76 -0.83 -3.66
C ILE F 36 -17.32 -0.34 -2.34
N LYS F 37 -18.61 -0.03 -2.31
CA LYS F 37 -19.24 0.48 -1.10
C LYS F 37 -19.22 -0.53 0.01
N GLN F 38 -19.39 -1.80 -0.35
CA GLN F 38 -19.43 -2.88 0.62
C GLN F 38 -18.05 -3.30 1.10
N ALA F 39 -17.01 -2.79 0.45
CA ALA F 39 -15.64 -3.10 0.83
C ALA F 39 -15.33 -2.29 2.09
N PRO F 40 -14.96 -2.98 3.17
CA PRO F 40 -14.63 -2.34 4.46
C PRO F 40 -13.41 -1.41 4.43
N SER F 41 -13.41 -0.44 5.33
CA SER F 41 -12.33 0.53 5.46
C SER F 41 -12.16 0.85 6.93
N ALA F 42 -10.92 1.14 7.35
CA ALA F 42 -10.63 1.45 8.74
C ALA F 42 -11.65 2.44 9.31
N PHE F 43 -12.20 2.09 10.46
CA PHE F 43 -13.21 2.90 11.14
C PHE F 43 -14.18 3.56 10.17
N ASN F 44 -14.52 2.81 9.11
CA ASN F 44 -15.47 3.24 8.09
C ASN F 44 -15.13 4.60 7.51
N SER F 45 -13.85 4.81 7.23
CA SER F 45 -13.36 6.06 6.66
C SER F 45 -13.74 6.22 5.19
N GLN F 46 -14.05 5.11 4.51
CA GLN F 46 -14.46 5.14 3.10
C GLN F 46 -13.59 6.11 2.29
N THR F 47 -12.29 5.85 2.27
CA THR F 47 -11.35 6.69 1.56
C THR F 47 -11.16 6.35 0.09
N SER F 48 -11.97 5.42 -0.43
CA SER F 48 -11.85 5.03 -1.82
C SER F 48 -12.76 5.86 -2.73
N ARG F 49 -12.20 6.30 -3.87
CA ARG F 49 -12.91 7.09 -4.87
C ARG F 49 -12.58 6.41 -6.21
N ALA F 50 -13.57 6.29 -7.09
CA ALA F 50 -13.37 5.64 -8.38
C ALA F 50 -13.89 6.45 -9.55
N LEU F 51 -13.22 6.30 -10.68
CA LEU F 51 -13.59 7.01 -11.90
C LEU F 51 -13.81 5.95 -12.98
N VAL F 52 -15.05 5.80 -13.45
CA VAL F 52 -15.36 4.83 -14.47
C VAL F 52 -15.45 5.48 -15.84
N LEU F 53 -14.82 4.86 -16.84
CA LEU F 53 -14.81 5.39 -18.18
C LEU F 53 -15.38 4.38 -19.17
N PHE F 54 -16.05 4.90 -20.21
CA PHE F 54 -16.64 4.05 -21.24
C PHE F 54 -16.39 4.64 -22.62
N GLY F 55 -16.33 3.77 -23.63
CA GLY F 55 -16.10 4.24 -24.99
C GLY F 55 -14.88 5.13 -25.13
N GLN F 56 -15.07 6.27 -25.79
CA GLN F 56 -14.00 7.24 -26.04
C GLN F 56 -13.14 7.50 -24.80
N ASP F 57 -13.78 7.90 -23.70
CA ASP F 57 -13.08 8.19 -22.46
C ASP F 57 -12.16 7.07 -22.01
N SER F 58 -12.66 5.85 -22.02
CA SER F 58 -11.88 4.70 -21.61
C SER F 58 -10.70 4.46 -22.56
N GLN F 59 -10.99 4.40 -23.85
CA GLN F 59 -9.97 4.16 -24.86
C GLN F 59 -8.89 5.24 -24.85
N ASP F 60 -9.33 6.49 -24.91
CA ASP F 60 -8.41 7.62 -24.91
C ASP F 60 -7.44 7.61 -23.74
N PHE F 61 -7.88 7.10 -22.60
CA PHE F 61 -7.02 7.05 -21.42
C PHE F 61 -5.72 6.30 -21.69
N TRP F 62 -5.83 5.16 -22.38
CA TRP F 62 -4.66 4.35 -22.67
C TRP F 62 -3.91 4.81 -23.91
N ASN F 63 -4.63 5.05 -24.99
CA ASN F 63 -4.00 5.47 -26.24
C ASN F 63 -3.55 6.91 -26.29
N LYS F 64 -4.08 7.75 -25.39
CA LYS F 64 -3.71 9.15 -25.36
C LYS F 64 -2.93 9.53 -24.11
N ILE F 65 -3.62 9.58 -22.98
CA ILE F 65 -2.99 9.95 -21.73
C ILE F 65 -1.78 9.08 -21.39
N ALA F 66 -2.00 7.78 -21.27
CA ALA F 66 -0.92 6.84 -20.94
C ALA F 66 0.17 6.87 -22.00
N TYR F 67 -0.23 6.69 -23.25
CA TYR F 67 0.71 6.68 -24.36
C TYR F 67 1.60 7.91 -24.35
N SER F 68 0.98 9.09 -24.30
CA SER F 68 1.71 10.35 -24.30
C SER F 68 2.70 10.46 -23.14
N GLU F 69 2.28 9.99 -21.96
CA GLU F 69 3.14 10.05 -20.79
C GLU F 69 4.32 9.07 -20.86
N LEU F 70 4.11 7.93 -21.51
CA LEU F 70 5.17 6.94 -21.64
C LEU F 70 6.23 7.31 -22.68
N GLU F 71 5.83 8.06 -23.70
CA GLU F 71 6.75 8.47 -24.75
C GLU F 71 7.87 9.41 -24.26
N LYS F 72 7.80 9.79 -23.00
CA LYS F 72 8.82 10.67 -22.42
C LYS F 72 9.83 9.93 -21.55
N VAL F 73 9.42 8.80 -20.99
CA VAL F 73 10.31 8.02 -20.13
C VAL F 73 10.68 6.66 -20.70
N THR F 74 10.54 6.50 -22.01
CA THR F 74 10.86 5.22 -22.68
C THR F 74 11.53 5.44 -24.03
N PRO F 75 12.56 4.63 -24.35
CA PRO F 75 13.28 4.74 -25.63
C PRO F 75 12.34 4.66 -26.83
N ALA F 76 12.71 5.35 -27.90
CA ALA F 76 11.87 5.35 -29.10
C ALA F 76 11.71 3.96 -29.71
N GLU F 77 12.54 3.02 -29.29
CA GLU F 77 12.49 1.66 -29.81
C GLU F 77 11.23 0.92 -29.35
N ALA F 78 10.78 1.23 -28.13
CA ALA F 78 9.58 0.61 -27.57
C ALA F 78 8.34 1.37 -28.02
N PHE F 79 8.51 2.21 -29.04
CA PHE F 79 7.41 3.01 -29.58
C PHE F 79 6.19 2.13 -29.89
N ALA F 80 6.26 1.41 -31.00
CA ALA F 80 5.16 0.54 -31.44
C ALA F 80 4.76 -0.46 -30.37
N GLY F 81 5.75 -1.02 -29.68
CA GLY F 81 5.46 -1.98 -28.63
C GLY F 81 4.52 -1.45 -27.58
N THR F 82 4.84 -0.29 -27.02
CA THR F 82 4.00 0.33 -25.98
C THR F 82 2.61 0.63 -26.52
N LYS F 83 2.54 1.24 -27.70
CA LYS F 83 1.27 1.58 -28.33
C LYS F 83 0.38 0.35 -28.47
N ALA F 84 0.97 -0.78 -28.88
CA ALA F 84 0.20 -2.01 -29.05
C ALA F 84 -0.35 -2.49 -27.70
N LYS F 85 0.49 -2.49 -26.68
CA LYS F 85 0.06 -2.93 -25.36
C LYS F 85 -1.13 -2.11 -24.86
N LEU F 86 -0.98 -0.79 -24.83
CA LEU F 86 -2.05 0.07 -24.37
C LEU F 86 -3.33 -0.14 -25.17
N GLU F 87 -3.18 -0.60 -26.40
CA GLU F 87 -4.32 -0.83 -27.26
C GLU F 87 -5.05 -2.13 -26.88
N SER F 88 -4.33 -3.05 -26.23
CA SER F 88 -4.94 -4.32 -25.82
C SER F 88 -5.79 -4.08 -24.58
N PHE F 89 -5.55 -2.94 -23.92
CA PHE F 89 -6.30 -2.56 -22.73
C PHE F 89 -7.52 -1.75 -23.13
N ALA F 90 -7.33 -0.86 -24.11
CA ALA F 90 -8.40 -0.01 -24.60
C ALA F 90 -9.40 -0.80 -25.42
N ALA F 91 -9.05 -2.05 -25.71
CA ALA F 91 -9.91 -2.92 -26.50
C ALA F 91 -10.97 -3.58 -25.64
N GLY F 92 -11.11 -3.10 -24.40
CA GLY F 92 -12.09 -3.67 -23.49
C GLY F 92 -13.37 -2.85 -23.44
N VAL F 93 -14.27 -3.23 -22.55
CA VAL F 93 -15.55 -2.54 -22.38
C VAL F 93 -15.36 -1.18 -21.70
N GLY F 94 -14.54 -1.15 -20.66
CA GLY F 94 -14.31 0.09 -19.95
C GLY F 94 -13.07 0.08 -19.08
N THR F 95 -12.80 1.23 -18.46
CA THR F 95 -11.65 1.41 -17.59
C THR F 95 -12.06 1.94 -16.22
N ILE F 96 -11.37 1.49 -15.18
CA ILE F 96 -11.67 1.92 -13.81
C ILE F 96 -10.43 2.53 -13.15
N LEU F 97 -10.50 3.82 -12.86
CA LEU F 97 -9.40 4.52 -12.20
C LEU F 97 -9.73 4.59 -10.72
N LEU F 98 -9.01 3.81 -9.92
CA LEU F 98 -9.24 3.75 -8.48
C LEU F 98 -8.31 4.73 -7.77
N PHE F 99 -8.89 5.52 -6.87
CA PHE F 99 -8.17 6.52 -6.12
C PHE F 99 -8.32 6.32 -4.63
N GLU F 100 -7.45 6.98 -3.87
CA GLU F 100 -7.49 6.95 -2.42
C GLU F 100 -7.44 8.41 -1.97
N ASP F 101 -8.47 8.84 -1.25
CA ASP F 101 -8.56 10.21 -0.76
C ASP F 101 -7.49 10.44 0.30
N GLN F 102 -6.51 11.30 0.01
CA GLN F 102 -5.43 11.59 0.96
C GLN F 102 -5.78 12.61 2.02
N ALA F 103 -6.76 13.45 1.70
CA ALA F 103 -7.21 14.49 2.63
C ALA F 103 -7.60 13.89 3.98
N VAL F 104 -8.45 12.86 3.94
CA VAL F 104 -8.90 12.20 5.16
C VAL F 104 -7.78 11.55 5.96
N VAL F 105 -6.73 11.09 5.28
CA VAL F 105 -5.61 10.44 5.97
C VAL F 105 -4.51 11.43 6.35
N ARG F 106 -4.55 12.63 5.78
CA ARG F 106 -3.56 13.65 6.08
C ARG F 106 -3.93 14.55 7.26
N ASN F 107 -5.22 14.64 7.57
CA ASN F 107 -5.65 15.45 8.69
C ASN F 107 -5.56 14.64 9.98
N LEU F 108 -5.92 13.37 9.90
CA LEU F 108 -5.87 12.48 11.06
C LEU F 108 -4.41 12.10 11.29
N GLU F 109 -3.54 12.57 10.39
CA GLU F 109 -2.12 12.30 10.47
C GLU F 109 -1.54 12.63 11.86
N GLU F 110 -1.27 13.90 12.10
CA GLU F 110 -0.71 14.30 13.39
C GLU F 110 -1.75 14.38 14.50
N ASN F 111 -2.81 13.59 14.38
CA ASN F 111 -3.86 13.55 15.39
C ASN F 111 -3.56 12.45 16.41
N PHE F 112 -2.62 11.58 16.07
CA PHE F 112 -2.21 10.49 16.95
C PHE F 112 -0.71 10.24 16.88
N PRO F 113 0.01 10.56 17.98
CA PRO F 113 1.47 10.37 18.05
C PRO F 113 1.82 8.92 18.40
N LEU F 114 0.93 8.00 18.04
CA LEU F 114 1.12 6.59 18.33
C LEU F 114 0.39 5.67 17.33
N TYR F 115 -0.04 6.24 16.21
CA TYR F 115 -0.73 5.45 15.18
C TYR F 115 -0.33 5.81 13.76
N ALA F 116 0.90 6.31 13.59
CA ALA F 116 1.40 6.68 12.27
C ALA F 116 1.78 5.44 11.47
N GLU F 117 2.16 4.38 12.18
CA GLU F 117 2.56 3.11 11.58
C GLU F 117 1.36 2.39 10.94
N ASN F 118 0.15 2.85 11.25
CA ASN F 118 -1.03 2.21 10.72
C ASN F 118 -1.86 3.06 9.74
N PHE F 119 -1.94 4.37 9.96
CA PHE F 119 -2.71 5.27 9.11
C PHE F 119 -2.52 5.05 7.60
N GLN F 120 -1.39 5.50 7.07
CA GLN F 120 -1.11 5.34 5.65
C GLN F 120 -1.29 3.89 5.21
N PRO F 121 -0.67 2.94 5.94
CA PRO F 121 -0.81 1.53 5.57
C PRO F 121 -2.28 1.10 5.45
N TRP F 122 -3.11 1.57 6.38
CA TRP F 122 -4.54 1.26 6.39
C TRP F 122 -5.25 1.68 5.12
N SER F 123 -4.79 2.78 4.53
CA SER F 123 -5.38 3.30 3.31
C SER F 123 -5.01 2.38 2.17
N GLU F 124 -3.74 2.03 2.09
CA GLU F 124 -3.27 1.12 1.05
C GLU F 124 -4.05 -0.19 1.15
N GLN F 125 -4.16 -0.70 2.37
CA GLN F 125 -4.86 -1.95 2.59
C GLN F 125 -6.32 -1.84 2.16
N ALA F 126 -6.94 -0.69 2.42
CA ALA F 126 -8.33 -0.44 2.06
C ALA F 126 -8.51 -0.43 0.54
N HIS F 127 -7.51 0.07 -0.17
CA HIS F 127 -7.53 0.09 -1.63
C HIS F 127 -7.37 -1.32 -2.19
N GLY F 128 -6.64 -2.17 -1.48
CA GLY F 128 -6.44 -3.53 -1.96
C GLY F 128 -7.77 -4.25 -1.86
N ILE F 129 -8.43 -4.07 -0.73
CA ILE F 129 -9.73 -4.65 -0.45
C ILE F 129 -10.75 -4.22 -1.52
N ALA F 130 -10.78 -2.91 -1.80
CA ALA F 130 -11.70 -2.38 -2.79
C ALA F 130 -11.42 -3.03 -4.14
N LEU F 131 -10.15 -3.13 -4.47
CA LEU F 131 -9.70 -3.73 -5.72
C LEU F 131 -10.21 -5.15 -5.80
N TYR F 132 -9.88 -5.93 -4.77
CA TYR F 132 -10.32 -7.31 -4.75
C TYR F 132 -11.84 -7.43 -4.86
N ALA F 133 -12.57 -6.54 -4.18
CA ALA F 133 -14.03 -6.53 -4.22
C ALA F 133 -14.52 -6.44 -5.65
N ILE F 134 -13.92 -5.54 -6.42
CA ILE F 134 -14.29 -5.37 -7.80
C ILE F 134 -13.93 -6.62 -8.60
N TRP F 135 -12.72 -7.12 -8.37
CA TRP F 135 -12.24 -8.32 -9.06
C TRP F 135 -13.23 -9.48 -8.86
N LEU F 136 -13.65 -9.69 -7.62
CA LEU F 136 -14.59 -10.76 -7.30
C LEU F 136 -15.98 -10.51 -7.90
N ALA F 137 -16.47 -9.28 -7.79
CA ALA F 137 -17.77 -8.94 -8.33
C ALA F 137 -17.83 -9.19 -9.83
N LEU F 138 -16.78 -8.78 -10.54
CA LEU F 138 -16.72 -8.99 -11.98
C LEU F 138 -16.48 -10.46 -12.33
N ALA F 139 -15.62 -11.12 -11.57
CA ALA F 139 -15.32 -12.53 -11.82
C ALA F 139 -16.59 -13.35 -11.83
N GLU F 140 -17.49 -13.07 -10.88
CA GLU F 140 -18.75 -13.77 -10.79
C GLU F 140 -19.63 -13.49 -12.02
N GLN F 141 -19.47 -12.32 -12.62
CA GLN F 141 -20.26 -11.94 -13.80
C GLN F 141 -19.55 -12.34 -15.09
N ASN F 142 -18.44 -13.05 -14.95
CA ASN F 142 -17.66 -13.49 -16.09
C ASN F 142 -17.06 -12.32 -16.88
N ILE F 143 -16.68 -11.28 -16.15
CA ILE F 143 -16.09 -10.11 -16.76
C ILE F 143 -14.61 -10.03 -16.36
N GLY F 144 -13.73 -10.27 -17.31
CA GLY F 144 -12.32 -10.23 -17.03
C GLY F 144 -11.73 -8.84 -16.83
N MSE F 145 -10.57 -8.81 -16.19
CA MSE F 145 -9.86 -7.56 -15.94
C MSE F 145 -8.44 -7.83 -15.45
O MSE F 145 -8.11 -8.95 -15.09
CB MSE F 145 -10.60 -6.72 -14.87
CG MSE F 145 -10.61 -7.34 -13.49
SE MSE F 145 -11.39 -6.20 -12.14
CE MSE F 145 -9.86 -5.96 -10.98
N SER F 146 -7.62 -6.77 -15.43
CA SER F 146 -6.25 -6.84 -14.95
C SER F 146 -5.99 -5.53 -14.20
N VAL F 147 -4.99 -5.53 -13.34
CA VAL F 147 -4.69 -4.33 -12.57
C VAL F 147 -3.39 -3.70 -13.11
N GLN F 148 -3.48 -2.45 -13.56
CA GLN F 148 -2.31 -1.75 -14.10
C GLN F 148 -1.92 -0.57 -13.22
N HIS F 149 -0.63 -0.24 -13.24
CA HIS F 149 -0.12 0.84 -12.43
C HIS F 149 0.76 1.80 -13.20
N TYR F 150 0.14 2.69 -13.98
CA TYR F 150 0.87 3.67 -14.75
C TYR F 150 0.91 5.00 -14.00
N ASN F 151 0.74 4.92 -12.68
CA ASN F 151 0.77 6.06 -11.79
C ASN F 151 2.17 6.13 -11.17
N PRO F 152 2.60 7.33 -10.74
CA PRO F 152 1.84 8.59 -10.78
C PRO F 152 2.06 9.37 -12.07
N LEU F 153 2.66 8.72 -13.05
CA LEU F 153 2.94 9.35 -14.34
C LEU F 153 1.70 10.00 -14.97
N VAL F 154 0.62 9.23 -15.09
CA VAL F 154 -0.61 9.73 -15.69
C VAL F 154 -1.47 10.59 -14.76
N ASP F 155 -1.07 10.73 -13.51
CA ASP F 155 -1.84 11.52 -12.53
C ASP F 155 -2.25 12.90 -13.06
N ALA F 156 -1.25 13.72 -13.37
CA ALA F 156 -1.50 15.07 -13.88
C ALA F 156 -2.58 15.15 -14.95
N GLN F 157 -2.38 14.45 -16.05
CA GLN F 157 -3.35 14.49 -17.14
C GLN F 157 -4.71 13.93 -16.76
N VAL F 158 -4.76 13.03 -15.79
CA VAL F 158 -6.03 12.46 -15.40
C VAL F 158 -6.84 13.46 -14.57
N ALA F 159 -6.18 14.06 -13.59
CA ALA F 159 -6.83 15.04 -12.72
C ALA F 159 -7.38 16.23 -13.52
N GLU F 160 -6.59 16.71 -14.49
CA GLU F 160 -6.98 17.83 -15.34
C GLU F 160 -8.17 17.53 -16.23
N LYS F 161 -8.07 16.46 -17.01
CA LYS F 161 -9.15 16.07 -17.93
C LYS F 161 -10.48 15.83 -17.22
N TYR F 162 -10.45 15.68 -15.91
CA TYR F 162 -11.68 15.44 -15.16
C TYR F 162 -11.77 16.33 -13.93
N ASP F 163 -10.92 17.37 -13.88
CA ASP F 163 -10.88 18.29 -12.75
C ASP F 163 -11.12 17.57 -11.42
N LEU F 164 -10.27 16.60 -11.14
CA LEU F 164 -10.38 15.83 -9.92
C LEU F 164 -9.66 16.52 -8.77
N PRO F 165 -10.17 16.35 -7.55
CA PRO F 165 -9.53 16.97 -6.38
C PRO F 165 -8.08 16.48 -6.22
N THR F 166 -7.19 17.37 -5.80
CA THR F 166 -5.79 17.02 -5.61
C THR F 166 -5.63 15.91 -4.57
N ASN F 167 -6.59 15.81 -3.67
CA ASN F 167 -6.59 14.80 -2.62
C ASN F 167 -6.79 13.40 -3.17
N TRP F 168 -7.36 13.33 -4.37
CA TRP F 168 -7.61 12.05 -5.03
C TRP F 168 -6.32 11.45 -5.58
N LYS F 169 -5.71 10.56 -4.80
CA LYS F 169 -4.46 9.92 -5.19
C LYS F 169 -4.77 8.65 -6.00
N MSE F 170 -4.37 8.65 -7.26
CA MSE F 170 -4.61 7.51 -8.13
C MSE F 170 -3.77 6.32 -7.68
O MSE F 170 -2.57 6.45 -7.48
CB MSE F 170 -4.24 7.85 -9.57
CG MSE F 170 -4.71 6.83 -10.59
SE MSE F 170 -3.93 7.19 -12.32
CE MSE F 170 -4.33 9.09 -12.42
N ARG F 171 -4.41 5.17 -7.52
CA ARG F 171 -3.69 3.98 -7.05
C ARG F 171 -3.66 2.85 -8.07
N ALA F 172 -4.57 2.87 -9.04
CA ALA F 172 -4.61 1.83 -10.06
C ALA F 172 -5.58 2.15 -11.19
N GLN F 173 -5.35 1.52 -12.34
CA GLN F 173 -6.19 1.69 -13.52
C GLN F 173 -6.61 0.28 -13.91
N ILE F 174 -7.90 0.00 -13.81
CA ILE F 174 -8.42 -1.33 -14.10
C ILE F 174 -9.17 -1.46 -15.42
N PRO F 175 -8.54 -2.08 -16.41
CA PRO F 175 -9.21 -2.26 -17.71
C PRO F 175 -10.03 -3.54 -17.62
N PHE F 176 -11.34 -3.46 -17.86
CA PHE F 176 -12.17 -4.65 -17.80
C PHE F 176 -12.94 -4.89 -19.10
N GLY F 177 -13.50 -6.09 -19.22
CA GLY F 177 -14.24 -6.43 -20.41
C GLY F 177 -14.47 -7.93 -20.50
N SER F 178 -14.84 -8.40 -21.70
CA SER F 178 -15.08 -9.82 -21.89
C SER F 178 -13.79 -10.62 -21.91
N ILE F 179 -13.85 -11.86 -21.43
CA ILE F 179 -12.69 -12.73 -21.39
C ILE F 179 -12.47 -13.39 -22.75
N GLU F 180 -11.43 -12.96 -23.45
CA GLU F 180 -11.12 -13.50 -24.77
C GLU F 180 -10.11 -14.63 -24.71
N ALA F 181 -9.56 -14.90 -23.53
CA ALA F 181 -8.58 -15.96 -23.38
C ALA F 181 -8.31 -16.26 -21.90
N PRO F 182 -8.63 -17.47 -21.44
CA PRO F 182 -8.43 -17.89 -20.04
C PRO F 182 -6.99 -17.65 -19.56
N ALA F 183 -6.83 -17.54 -18.25
CA ALA F 183 -5.52 -17.32 -17.66
C ALA F 183 -4.71 -18.61 -17.65
N GLY F 184 -3.38 -18.47 -17.59
CA GLY F 184 -2.51 -19.62 -17.57
C GLY F 184 -2.43 -20.29 -16.21
N GLU F 185 -1.52 -21.26 -16.09
CA GLU F 185 -1.34 -21.99 -14.85
C GLU F 185 -0.69 -21.09 -13.81
N LYS F 186 -1.18 -21.14 -12.58
CA LYS F 186 -0.61 -20.34 -11.52
C LYS F 186 0.15 -21.20 -10.52
N GLU F 187 1.22 -20.64 -9.97
CA GLU F 187 2.07 -21.35 -9.00
C GLU F 187 1.74 -20.93 -7.57
N PHE F 188 2.00 -21.82 -6.61
CA PHE F 188 1.77 -21.53 -5.20
C PHE F 188 3.02 -21.96 -4.43
N MSE F 189 3.42 -21.18 -3.45
CA MSE F 189 4.59 -21.51 -2.65
C MSE F 189 4.27 -22.63 -1.65
O MSE F 189 3.11 -23.03 -1.50
CB MSE F 189 5.07 -20.28 -1.89
CG MSE F 189 4.11 -19.81 -0.80
SE MSE F 189 4.85 -18.36 0.23
CE MSE F 189 6.04 -19.35 1.39
N ALA F 190 5.30 -23.13 -0.97
CA ALA F 190 5.13 -24.20 0.00
C ALA F 190 4.38 -23.72 1.24
N ASP F 191 3.17 -24.24 1.43
CA ASP F 191 2.34 -23.85 2.57
C ASP F 191 3.04 -24.11 3.89
N GLN F 192 3.88 -25.13 3.93
CA GLN F 192 4.60 -25.48 5.14
C GLN F 192 5.57 -24.38 5.52
N GLU F 193 5.86 -23.50 4.58
CA GLU F 193 6.78 -22.39 4.83
C GLU F 193 6.01 -21.07 4.77
N ARG F 194 4.69 -21.17 4.81
CA ARG F 194 3.83 -19.99 4.73
C ARG F 194 2.81 -19.93 5.86
N PHE F 195 2.42 -21.08 6.37
CA PHE F 195 1.42 -21.15 7.44
C PHE F 195 1.91 -21.89 8.68
N LYS F 196 1.35 -21.53 9.83
CA LYS F 196 1.69 -22.15 11.10
C LYS F 196 0.46 -22.21 12.00
N VAL F 197 0.20 -23.39 12.57
CA VAL F 197 -0.96 -23.59 13.43
C VAL F 197 -0.49 -24.05 14.81
N PHE F 198 -1.20 -23.60 15.84
CA PHE F 198 -0.86 -23.96 17.21
C PHE F 198 -2.11 -24.03 18.07
N GLY F 199 -2.10 -24.96 19.04
CA GLY F 199 -3.24 -25.12 19.94
C GLY F 199 -4.41 -25.87 19.29
N ASP F 200 -5.34 -26.33 20.11
CA ASP F 200 -6.51 -27.05 19.58
C ASP F 200 -7.80 -26.63 20.29
N1 FMN G . 27.13 -26.17 -34.76
C2 FMN G . 26.46 -27.03 -35.62
O2 FMN G . 26.98 -28.02 -36.12
N3 FMN G . 25.09 -26.68 -35.90
C4 FMN G . 24.36 -25.57 -35.37
O4 FMN G . 23.20 -25.39 -35.69
C4A FMN G . 25.07 -24.74 -34.48
N5 FMN G . 24.55 -23.64 -33.82
C5A FMN G . 25.10 -22.75 -32.91
C6 FMN G . 24.30 -21.64 -32.32
C7 FMN G . 24.94 -20.76 -31.32
C7M FMN G . 24.08 -19.65 -30.73
C8 FMN G . 26.39 -21.00 -30.93
C8M FMN G . 27.21 -20.19 -29.87
C9 FMN G . 27.11 -22.11 -31.57
C9A FMN G . 26.49 -23.00 -32.56
N10 FMN G . 27.11 -24.16 -33.25
C10 FMN G . 26.49 -25.07 -34.19
C1' FMN G . 28.60 -24.43 -32.91
C2' FMN G . 29.59 -23.45 -33.63
O2' FMN G . 29.57 -23.56 -35.05
C3' FMN G . 31.01 -23.73 -33.15
O3' FMN G . 30.98 -23.56 -31.73
C4' FMN G . 32.07 -22.70 -33.70
O4' FMN G . 32.42 -22.92 -35.07
C5' FMN G . 33.38 -22.75 -32.97
O5' FMN G . 33.88 -24.00 -32.94
P FMN G . 34.13 -24.74 -31.60
O1P FMN G . 34.95 -23.88 -30.79
O2P FMN G . 32.80 -25.01 -31.03
O3P FMN G . 34.74 -25.92 -32.07
N1 FMN H . 21.84 -7.66 -12.95
C2 FMN H . 21.67 -6.30 -12.71
O2 FMN H . 21.95 -5.78 -11.66
N3 FMN H . 21.13 -5.55 -13.80
C4 FMN H . 20.78 -6.05 -15.11
O4 FMN H . 20.35 -5.30 -15.94
C4A FMN H . 20.99 -7.43 -15.31
N5 FMN H . 20.76 -8.11 -16.49
C5A FMN H . 20.95 -9.43 -16.85
C6 FMN H . 20.65 -9.93 -18.23
C7 FMN H . 20.93 -11.35 -18.55
C7M FMN H . 20.61 -11.78 -19.98
C8 FMN H . 21.50 -12.26 -17.46
C8M FMN H . 21.87 -13.76 -17.60
C9 FMN H . 21.76 -11.69 -16.14
C9A FMN H . 21.50 -10.29 -15.80
N10 FMN H . 21.74 -9.61 -14.51
C10 FMN H . 21.54 -8.22 -14.19
C1' FMN H . 22.30 -10.48 -13.38
C2' FMN H . 21.23 -11.45 -12.76
O2' FMN H . 20.11 -10.78 -12.18
C3' FMN H . 21.90 -12.32 -11.68
O3' FMN H . 22.88 -13.11 -12.36
C4' FMN H . 20.93 -13.31 -10.98
O4' FMN H . 20.02 -12.67 -10.06
C5' FMN H . 21.66 -14.36 -10.18
O5' FMN H . 22.58 -13.81 -9.36
P FMN H . 24.06 -14.27 -9.34
O1P FMN H . 24.09 -15.74 -9.24
O2P FMN H . 24.66 -13.76 -10.57
O3P FMN H . 24.53 -13.59 -8.19
N1 FMN I . -30.37 26.28 30.67
C2 FMN I . -31.68 25.87 30.95
O2 FMN I . -32.60 26.65 31.13
N3 FMN I . -31.86 24.43 31.00
C4 FMN I . -30.85 23.41 30.79
O4 FMN I . -31.13 22.23 30.85
C4A FMN I . -29.57 23.89 30.50
N5 FMN I . -28.45 23.11 30.25
C5A FMN I . -27.13 23.42 29.92
C6 FMN I . -26.09 22.37 29.67
C7 FMN I . -24.72 22.81 29.30
C7M FMN I . -23.67 21.71 29.04
C8 FMN I . -24.42 24.28 29.19
C8M FMN I . -23.05 24.92 28.81
C9 FMN I . -25.49 25.23 29.48
C9A FMN I . -26.86 24.84 29.85
N10 FMN I . -28.00 25.72 30.13
C10 FMN I . -29.36 25.35 30.45
C1' FMN I . -27.70 27.24 30.07
C2' FMN I . -26.96 27.79 31.33
O2' FMN I . -27.75 27.65 32.52
C3' FMN I . -26.62 29.26 31.10
O3' FMN I . -25.79 29.29 29.94
C4' FMN I . -25.77 29.93 32.22
O4' FMN I . -26.46 30.07 33.48
C5' FMN I . -25.30 31.33 31.81
O5' FMN I . -26.32 32.12 31.31
P FMN I . -26.32 32.76 29.88
O1P FMN I . -25.10 33.53 29.68
O2P FMN I . -26.43 31.64 28.92
O3P FMN I . -27.50 33.56 29.90
N1 FMN J . -6.50 17.67 16.95
C2 FMN J . -5.28 17.04 17.16
O2 FMN J . -4.33 17.19 16.43
N3 FMN J . -5.22 16.20 18.31
C4 FMN J . -6.27 15.95 19.26
O4 FMN J . -6.08 15.21 20.20
C4A FMN J . -7.47 16.61 19.01
N5 FMN J . -8.62 16.54 19.79
C5A FMN J . -9.85 17.15 19.67
C6 FMN J . -10.93 16.92 20.68
C7 FMN J . -12.24 17.64 20.49
C7M FMN J . -13.32 17.39 21.54
C8 FMN J . -12.40 18.57 19.30
C8M FMN J . -13.67 19.40 18.96
C9 FMN J . -11.29 18.72 18.37
C9A FMN J . -10.01 18.03 18.54
N10 FMN J . -8.82 18.12 17.67
C10 FMN J . -7.56 17.48 17.82
C1' FMN J . -8.97 19.03 16.45
C2' FMN J . -9.70 18.35 15.24
O2' FMN J . -9.00 17.21 14.74
C3' FMN J . -9.87 19.38 14.13
O3' FMN J . -10.63 20.46 14.68
C4' FMN J . -10.71 18.82 12.92
O4' FMN J . -10.00 17.83 12.16
C5' FMN J . -11.10 19.92 11.94
O5' FMN J . -10.03 20.68 11.55
P FMN J . -10.02 22.23 11.71
O1P FMN J . -11.21 22.82 11.11
O2P FMN J . -9.92 22.47 13.15
O3P FMN J . -8.81 22.53 11.03
N1 FMN K . -11.92 -2.59 13.29
C2 FMN K . -11.54 -2.57 14.64
O2 FMN K . -12.32 -2.80 15.54
N3 FMN K . -10.17 -2.28 14.88
C4 FMN K . -9.16 -2.01 13.91
O4 FMN K . -8.02 -1.78 14.27
C4A FMN K . -9.57 -2.04 12.58
N5 FMN K . -8.75 -1.82 11.47
C5A FMN K . -9.02 -1.84 10.11
C6 FMN K . -7.97 -1.59 9.09
C7 FMN K . -8.34 -1.65 7.65
C7M FMN K . -7.22 -1.39 6.63
C8 FMN K . -9.77 -1.97 7.27
C8M FMN K . -10.33 -2.07 5.82
C9 FMN K . -10.74 -2.19 8.32
C9A FMN K . -10.41 -2.14 9.74
N10 FMN K . -11.31 -2.37 10.89
C10 FMN K . -10.99 -2.34 12.30
C1' FMN K . -12.77 -2.67 10.54
C2' FMN K . -13.63 -1.43 10.17
O2' FMN K . -13.71 -0.50 11.26
C3' FMN K . -15.04 -1.89 9.78
O3' FMN K . -14.91 -2.76 8.66
C4' FMN K . -16.00 -0.72 9.35
O4' FMN K . -16.47 0.07 10.47
C5' FMN K . -17.24 -1.22 8.66
O5' FMN K . -17.90 -2.16 9.41
P FMN K . -18.23 -3.56 8.84
O1P FMN K . -18.79 -3.39 7.50
O2P FMN K . -16.96 -4.30 8.85
O3P FMN K . -19.14 -4.06 9.81
N1 FMN L . -0.64 -7.40 -12.73
C2 FMN L . -0.12 -6.75 -13.82
O2 FMN L . -0.14 -7.22 -14.94
N3 FMN L . 0.45 -5.45 -13.55
C4 FMN L . 0.51 -4.78 -12.27
O4 FMN L . 1.01 -3.68 -12.17
C4A FMN L . -0.06 -5.49 -11.20
N5 FMN L . -0.14 -5.05 -9.88
C5A FMN L . -0.68 -5.63 -8.74
C6 FMN L . -0.68 -4.95 -7.40
C7 FMN L . -1.31 -5.65 -6.24
C7M FMN L . -1.30 -4.92 -4.89
C8 FMN L . -1.92 -7.01 -6.45
C8M FMN L . -2.63 -7.89 -5.37
C9 FMN L . -1.87 -7.61 -7.78
C9A FMN L . -1.27 -6.94 -8.94
N10 FMN L . -1.18 -7.45 -10.32
C10 FMN L . -0.63 -6.82 -11.47
C1' FMN L . -1.79 -8.83 -10.56
C2' FMN L . -0.91 -10.02 -10.08
O2' FMN L . 0.38 -10.07 -10.74
C3' FMN L . -1.68 -11.31 -10.31
O3' FMN L . -2.82 -11.25 -9.44
C4' FMN L . -0.89 -12.59 -9.96
O4' FMN L . 0.10 -12.89 -10.95
C5' FMN L . -1.77 -13.80 -9.87
O5' FMN L . -2.55 -13.96 -10.98
P FMN L . -4.08 -14.12 -10.94
O1P FMN L . -4.45 -15.06 -9.88
O2P FMN L . -4.60 -12.76 -10.70
O3P FMN L . -4.35 -14.56 -12.25
#